data_2OOA
# 
_entry.id   2OOA 
# 
_audit_conform.dict_name       mmcif_pdbx.dic 
_audit_conform.dict_version    5.398 
_audit_conform.dict_location   http://mmcif.pdb.org/dictionaries/ascii/mmcif_pdbx.dic 
# 
loop_
_database_2.database_id 
_database_2.database_code 
_database_2.pdbx_database_accession 
_database_2.pdbx_DOI 
PDB   2OOA         pdb_00002ooa 10.2210/pdb2ooa/pdb 
RCSB  RCSB041382   ?            ?                   
WWPDB D_1000041382 ?            ?                   
# 
loop_
_pdbx_audit_revision_history.ordinal 
_pdbx_audit_revision_history.data_content_type 
_pdbx_audit_revision_history.major_revision 
_pdbx_audit_revision_history.minor_revision 
_pdbx_audit_revision_history.revision_date 
1 'Structure model' 1 0 2007-02-06 
2 'Structure model' 1 1 2008-05-01 
3 'Structure model' 1 2 2011-07-13 
4 'Structure model' 1 3 2023-12-27 
5 'Structure model' 1 4 2024-11-13 
# 
_pdbx_audit_revision_details.ordinal             1 
_pdbx_audit_revision_details.revision_ordinal    1 
_pdbx_audit_revision_details.data_content_type   'Structure model' 
_pdbx_audit_revision_details.provider            repository 
_pdbx_audit_revision_details.type                'Initial release' 
_pdbx_audit_revision_details.description         ? 
_pdbx_audit_revision_details.details             ? 
# 
loop_
_pdbx_audit_revision_group.ordinal 
_pdbx_audit_revision_group.revision_ordinal 
_pdbx_audit_revision_group.data_content_type 
_pdbx_audit_revision_group.group 
1 2 'Structure model' 'Version format compliance' 
2 3 'Structure model' Advisory                    
3 3 'Structure model' 'Version format compliance' 
4 4 'Structure model' 'Data collection'           
5 4 'Structure model' 'Database references'       
6 4 'Structure model' 'Derived calculations'      
7 5 'Structure model' 'Structure summary'         
# 
loop_
_pdbx_audit_revision_category.ordinal 
_pdbx_audit_revision_category.revision_ordinal 
_pdbx_audit_revision_category.data_content_type 
_pdbx_audit_revision_category.category 
1 4 'Structure model' chem_comp_atom            
2 4 'Structure model' chem_comp_bond            
3 4 'Structure model' database_2                
4 4 'Structure model' struct_conn               
5 4 'Structure model' struct_ref_seq_dif        
6 5 'Structure model' pdbx_entry_details        
7 5 'Structure model' pdbx_modification_feature 
# 
loop_
_pdbx_audit_revision_item.ordinal 
_pdbx_audit_revision_item.revision_ordinal 
_pdbx_audit_revision_item.data_content_type 
_pdbx_audit_revision_item.item 
1 4 'Structure model' '_database_2.pdbx_DOI'                
2 4 'Structure model' '_database_2.pdbx_database_accession' 
3 4 'Structure model' '_struct_conn.pdbx_leaving_atom_flag' 
4 4 'Structure model' '_struct_ref_seq_dif.details'         
# 
_pdbx_database_status.status_code                     REL 
_pdbx_database_status.entry_id                        2OOA 
_pdbx_database_status.recvd_initial_deposition_date   2007-01-25 
_pdbx_database_status.deposit_site                    RCSB 
_pdbx_database_status.process_site                    RCSB 
_pdbx_database_status.status_code_sf                  REL 
_pdbx_database_status.status_code_mr                  ? 
_pdbx_database_status.SG_entry                        ? 
_pdbx_database_status.pdb_format_compatible           Y 
_pdbx_database_status.status_code_cs                  ? 
_pdbx_database_status.status_code_nmr_data            ? 
_pdbx_database_status.methods_development_category    ? 
# 
loop_
_pdbx_database_related.db_name 
_pdbx_database_related.db_id 
_pdbx_database_related.details 
_pdbx_database_related.content_type 
PDB 2OO9 . unspecified 
PDB 2OOB . unspecified 
# 
loop_
_audit_author.name 
_audit_author.pdbx_ordinal 
'Kozlov, G.'  1 
'Gehring, K.' 2 
# 
_citation.id                        primary 
_citation.title                     
'Structural basis for ubiquitin-mediated dimerization and activation of the ubiquitin protein ligase Cbl-b.' 
_citation.journal_abbrev            Mol.Cell 
_citation.journal_volume            27 
_citation.page_first                474 
_citation.page_last                 485 
_citation.year                      2007 
_citation.journal_id_ASTM           MOCEFL 
_citation.country                   US 
_citation.journal_id_ISSN           1097-2765 
_citation.journal_id_CSD            2168 
_citation.book_publisher            ? 
_citation.pdbx_database_id_PubMed   17679095 
_citation.pdbx_database_id_DOI      10.1016/j.molcel.2007.06.023 
# 
loop_
_citation_author.citation_id 
_citation_author.name 
_citation_author.ordinal 
_citation_author.identifier_ORCID 
primary 'Peschard, P.'   1 ? 
primary 'Kozlov, G.'     2 ? 
primary 'Lin, T.'        3 ? 
primary 'Mirza, I.A.'    4 ? 
primary 'Berghuis, A.M.' 5 ? 
primary 'Lipkowitz, S.'  6 ? 
primary 'Park, M.'       7 ? 
primary 'Gehring, K.'    8 ? 
# 
loop_
_entity.id 
_entity.type 
_entity.src_method 
_entity.pdbx_description 
_entity.formula_weight 
_entity.pdbx_number_of_molecules 
_entity.pdbx_ec 
_entity.pdbx_mutation 
_entity.pdbx_fragment 
_entity.details 
1 polymer man 'E3 ubiquitin-protein ligase CBL-B' 5703.276 2   6.3.2.- ? 'UBA domain' ? 
2 water   nat water                               18.015   130 ?       ? ?            ? 
# 
_entity_name_com.entity_id   1 
_entity_name_com.name        
'Signal transduction protein CBL-B, SH3-binding protein CBL-B, Casitas B-lineage lymphoma proto-oncogene b, RING finger protein 56' 
# 
_entity_poly.entity_id                      1 
_entity_poly.type                           'polypeptide(L)' 
_entity_poly.nstd_linkage                   no 
_entity_poly.nstd_monomer                   yes 
_entity_poly.pdbx_seq_one_letter_code       'GSGPEAALENVDAKIAKL(MSE)GEGYAFEEVKRALEIAQNNVEVARSILREFAFP' 
_entity_poly.pdbx_seq_one_letter_code_can   GSGPEAALENVDAKIAKLMGEGYAFEEVKRALEIAQNNVEVARSILREFAFP 
_entity_poly.pdbx_strand_id                 A,B 
_entity_poly.pdbx_target_identifier         ? 
# 
_pdbx_entity_nonpoly.entity_id   2 
_pdbx_entity_nonpoly.name        water 
_pdbx_entity_nonpoly.comp_id     HOH 
# 
loop_
_entity_poly_seq.entity_id 
_entity_poly_seq.num 
_entity_poly_seq.mon_id 
_entity_poly_seq.hetero 
1 1  GLY n 
1 2  SER n 
1 3  GLY n 
1 4  PRO n 
1 5  GLU n 
1 6  ALA n 
1 7  ALA n 
1 8  LEU n 
1 9  GLU n 
1 10 ASN n 
1 11 VAL n 
1 12 ASP n 
1 13 ALA n 
1 14 LYS n 
1 15 ILE n 
1 16 ALA n 
1 17 LYS n 
1 18 LEU n 
1 19 MSE n 
1 20 GLY n 
1 21 GLU n 
1 22 GLY n 
1 23 TYR n 
1 24 ALA n 
1 25 PHE n 
1 26 GLU n 
1 27 GLU n 
1 28 VAL n 
1 29 LYS n 
1 30 ARG n 
1 31 ALA n 
1 32 LEU n 
1 33 GLU n 
1 34 ILE n 
1 35 ALA n 
1 36 GLN n 
1 37 ASN n 
1 38 ASN n 
1 39 VAL n 
1 40 GLU n 
1 41 VAL n 
1 42 ALA n 
1 43 ARG n 
1 44 SER n 
1 45 ILE n 
1 46 LEU n 
1 47 ARG n 
1 48 GLU n 
1 49 PHE n 
1 50 ALA n 
1 51 PHE n 
1 52 PRO n 
# 
_entity_src_gen.entity_id                          1 
_entity_src_gen.pdbx_src_id                        1 
_entity_src_gen.pdbx_alt_source_flag               sample 
_entity_src_gen.pdbx_seq_type                      ? 
_entity_src_gen.pdbx_beg_seq_num                   ? 
_entity_src_gen.pdbx_end_seq_num                   ? 
_entity_src_gen.gene_src_common_name               human 
_entity_src_gen.gene_src_genus                     Homo 
_entity_src_gen.pdbx_gene_src_gene                 'CBLB, RNF56' 
_entity_src_gen.gene_src_species                   ? 
_entity_src_gen.gene_src_strain                    ? 
_entity_src_gen.gene_src_tissue                    ? 
_entity_src_gen.gene_src_tissue_fraction           ? 
_entity_src_gen.gene_src_details                   ? 
_entity_src_gen.pdbx_gene_src_fragment             ? 
_entity_src_gen.pdbx_gene_src_scientific_name      'Homo sapiens' 
_entity_src_gen.pdbx_gene_src_ncbi_taxonomy_id     9606 
_entity_src_gen.pdbx_gene_src_variant              ? 
_entity_src_gen.pdbx_gene_src_cell_line            ? 
_entity_src_gen.pdbx_gene_src_atcc                 ? 
_entity_src_gen.pdbx_gene_src_organ                ? 
_entity_src_gen.pdbx_gene_src_organelle            ? 
_entity_src_gen.pdbx_gene_src_cell                 ? 
_entity_src_gen.pdbx_gene_src_cellular_location    ? 
_entity_src_gen.host_org_common_name               ? 
_entity_src_gen.pdbx_host_org_scientific_name      'Escherichia coli BL21' 
_entity_src_gen.pdbx_host_org_ncbi_taxonomy_id     511693 
_entity_src_gen.host_org_genus                     Escherichia 
_entity_src_gen.pdbx_host_org_gene                 ? 
_entity_src_gen.pdbx_host_org_organ                ? 
_entity_src_gen.host_org_species                   'Escherichia coli' 
_entity_src_gen.pdbx_host_org_tissue               ? 
_entity_src_gen.pdbx_host_org_tissue_fraction      ? 
_entity_src_gen.pdbx_host_org_strain               BL21 
_entity_src_gen.pdbx_host_org_variant              ? 
_entity_src_gen.pdbx_host_org_cell_line            ? 
_entity_src_gen.pdbx_host_org_atcc                 ? 
_entity_src_gen.pdbx_host_org_culture_collection   ? 
_entity_src_gen.pdbx_host_org_cell                 ? 
_entity_src_gen.pdbx_host_org_organelle            ? 
_entity_src_gen.pdbx_host_org_cellular_location    ? 
_entity_src_gen.pdbx_host_org_vector_type          plasmid 
_entity_src_gen.pdbx_host_org_vector               ? 
_entity_src_gen.host_org_details                   ? 
_entity_src_gen.expression_system_id               ? 
_entity_src_gen.plasmid_name                       pGEX-4T-1 
_entity_src_gen.plasmid_details                    ? 
_entity_src_gen.pdbx_description                   ? 
# 
loop_
_chem_comp.id 
_chem_comp.type 
_chem_comp.mon_nstd_flag 
_chem_comp.name 
_chem_comp.pdbx_synonyms 
_chem_comp.formula 
_chem_comp.formula_weight 
ALA 'L-peptide linking' y ALANINE          ? 'C3 H7 N O2'     89.093  
ARG 'L-peptide linking' y ARGININE         ? 'C6 H15 N4 O2 1' 175.209 
ASN 'L-peptide linking' y ASPARAGINE       ? 'C4 H8 N2 O3'    132.118 
ASP 'L-peptide linking' y 'ASPARTIC ACID'  ? 'C4 H7 N O4'     133.103 
GLN 'L-peptide linking' y GLUTAMINE        ? 'C5 H10 N2 O3'   146.144 
GLU 'L-peptide linking' y 'GLUTAMIC ACID'  ? 'C5 H9 N O4'     147.129 
GLY 'peptide linking'   y GLYCINE          ? 'C2 H5 N O2'     75.067  
HOH non-polymer         . WATER            ? 'H2 O'           18.015  
ILE 'L-peptide linking' y ISOLEUCINE       ? 'C6 H13 N O2'    131.173 
LEU 'L-peptide linking' y LEUCINE          ? 'C6 H13 N O2'    131.173 
LYS 'L-peptide linking' y LYSINE           ? 'C6 H15 N2 O2 1' 147.195 
MET 'L-peptide linking' y METHIONINE       ? 'C5 H11 N O2 S'  149.211 
MSE 'L-peptide linking' n SELENOMETHIONINE ? 'C5 H11 N O2 Se' 196.106 
PHE 'L-peptide linking' y PHENYLALANINE    ? 'C9 H11 N O2'    165.189 
PRO 'L-peptide linking' y PROLINE          ? 'C5 H9 N O2'     115.130 
SER 'L-peptide linking' y SERINE           ? 'C3 H7 N O3'     105.093 
TYR 'L-peptide linking' y TYROSINE         ? 'C9 H11 N O3'    181.189 
VAL 'L-peptide linking' y VALINE           ? 'C5 H11 N O2'    117.146 
# 
loop_
_pdbx_poly_seq_scheme.asym_id 
_pdbx_poly_seq_scheme.entity_id 
_pdbx_poly_seq_scheme.seq_id 
_pdbx_poly_seq_scheme.mon_id 
_pdbx_poly_seq_scheme.ndb_seq_num 
_pdbx_poly_seq_scheme.pdb_seq_num 
_pdbx_poly_seq_scheme.auth_seq_num 
_pdbx_poly_seq_scheme.pdb_mon_id 
_pdbx_poly_seq_scheme.auth_mon_id 
_pdbx_poly_seq_scheme.pdb_strand_id 
_pdbx_poly_seq_scheme.pdb_ins_code 
_pdbx_poly_seq_scheme.hetero 
A 1 1  GLY 1  922 ?   ?   ?   A . n 
A 1 2  SER 2  923 ?   ?   ?   A . n 
A 1 3  GLY 3  924 ?   ?   ?   A . n 
A 1 4  PRO 4  925 ?   ?   ?   A . n 
A 1 5  GLU 5  926 ?   ?   ?   A . n 
A 1 6  ALA 6  927 ?   ?   ?   A . n 
A 1 7  ALA 7  928 ?   ?   ?   A . n 
A 1 8  LEU 8  929 ?   ?   ?   A . n 
A 1 9  GLU 9  930 ?   ?   ?   A . n 
A 1 10 ASN 10 931 ?   ?   ?   A . n 
A 1 11 VAL 11 932 932 VAL VAL A . n 
A 1 12 ASP 12 933 933 ASP ASP A . n 
A 1 13 ALA 13 934 934 ALA ALA A . n 
A 1 14 LYS 14 935 935 LYS LYS A . n 
A 1 15 ILE 15 936 936 ILE ILE A . n 
A 1 16 ALA 16 937 937 ALA ALA A . n 
A 1 17 LYS 17 938 938 LYS LYS A . n 
A 1 18 LEU 18 939 939 LEU LEU A . n 
A 1 19 MSE 19 940 940 MSE MSE A . n 
A 1 20 GLY 20 941 941 GLY GLY A . n 
A 1 21 GLU 21 942 942 GLU GLU A . n 
A 1 22 GLY 22 943 943 GLY GLY A . n 
A 1 23 TYR 23 944 944 TYR TYR A . n 
A 1 24 ALA 24 945 945 ALA ALA A . n 
A 1 25 PHE 25 946 946 PHE PHE A . n 
A 1 26 GLU 26 947 947 GLU GLU A . n 
A 1 27 GLU 27 948 948 GLU GLU A . n 
A 1 28 VAL 28 949 949 VAL VAL A . n 
A 1 29 LYS 29 950 950 LYS LYS A . n 
A 1 30 ARG 30 951 951 ARG ARG A . n 
A 1 31 ALA 31 952 952 ALA ALA A . n 
A 1 32 LEU 32 953 953 LEU LEU A . n 
A 1 33 GLU 33 954 954 GLU GLU A . n 
A 1 34 ILE 34 955 955 ILE ILE A . n 
A 1 35 ALA 35 956 956 ALA ALA A . n 
A 1 36 GLN 36 957 957 GLN GLN A . n 
A 1 37 ASN 37 958 958 ASN ASN A . n 
A 1 38 ASN 38 959 959 ASN ASN A . n 
A 1 39 VAL 39 960 960 VAL VAL A . n 
A 1 40 GLU 40 961 961 GLU GLU A . n 
A 1 41 VAL 41 962 962 VAL VAL A . n 
A 1 42 ALA 42 963 963 ALA ALA A . n 
A 1 43 ARG 43 964 964 ARG ARG A . n 
A 1 44 SER 44 965 965 SER SER A . n 
A 1 45 ILE 45 966 966 ILE ILE A . n 
A 1 46 LEU 46 967 967 LEU LEU A . n 
A 1 47 ARG 47 968 968 ARG ARG A . n 
A 1 48 GLU 48 969 969 GLU GLU A . n 
A 1 49 PHE 49 970 970 PHE PHE A . n 
A 1 50 ALA 50 971 971 ALA ALA A . n 
A 1 51 PHE 51 972 972 PHE PHE A . n 
A 1 52 PRO 52 973 973 PRO PRO A . n 
B 1 1  GLY 1  922 ?   ?   ?   B . n 
B 1 2  SER 2  923 ?   ?   ?   B . n 
B 1 3  GLY 3  924 ?   ?   ?   B . n 
B 1 4  PRO 4  925 ?   ?   ?   B . n 
B 1 5  GLU 5  926 ?   ?   ?   B . n 
B 1 6  ALA 6  927 ?   ?   ?   B . n 
B 1 7  ALA 7  928 ?   ?   ?   B . n 
B 1 8  LEU 8  929 ?   ?   ?   B . n 
B 1 9  GLU 9  930 ?   ?   ?   B . n 
B 1 10 ASN 10 931 ?   ?   ?   B . n 
B 1 11 VAL 11 932 932 VAL VAL B . n 
B 1 12 ASP 12 933 933 ASP ASP B . n 
B 1 13 ALA 13 934 934 ALA ALA B . n 
B 1 14 LYS 14 935 935 LYS LYS B . n 
B 1 15 ILE 15 936 936 ILE ILE B . n 
B 1 16 ALA 16 937 937 ALA ALA B . n 
B 1 17 LYS 17 938 938 LYS LYS B . n 
B 1 18 LEU 18 939 939 LEU LEU B . n 
B 1 19 MSE 19 940 940 MSE MSE B . n 
B 1 20 GLY 20 941 941 GLY GLY B . n 
B 1 21 GLU 21 942 942 GLU GLU B . n 
B 1 22 GLY 22 943 943 GLY GLY B . n 
B 1 23 TYR 23 944 944 TYR TYR B . n 
B 1 24 ALA 24 945 945 ALA ALA B . n 
B 1 25 PHE 25 946 946 PHE PHE B . n 
B 1 26 GLU 26 947 947 GLU GLU B . n 
B 1 27 GLU 27 948 948 GLU GLU B . n 
B 1 28 VAL 28 949 949 VAL VAL B . n 
B 1 29 LYS 29 950 950 LYS LYS B . n 
B 1 30 ARG 30 951 951 ARG ARG B . n 
B 1 31 ALA 31 952 952 ALA ALA B . n 
B 1 32 LEU 32 953 953 LEU LEU B . n 
B 1 33 GLU 33 954 954 GLU GLU B . n 
B 1 34 ILE 34 955 955 ILE ILE B . n 
B 1 35 ALA 35 956 956 ALA ALA B . n 
B 1 36 GLN 36 957 957 GLN GLN B . n 
B 1 37 ASN 37 958 958 ASN ASN B . n 
B 1 38 ASN 38 959 959 ASN ASN B . n 
B 1 39 VAL 39 960 960 VAL VAL B . n 
B 1 40 GLU 40 961 961 GLU GLU B . n 
B 1 41 VAL 41 962 962 VAL VAL B . n 
B 1 42 ALA 42 963 963 ALA ALA B . n 
B 1 43 ARG 43 964 964 ARG ARG B . n 
B 1 44 SER 44 965 965 SER SER B . n 
B 1 45 ILE 45 966 966 ILE ILE B . n 
B 1 46 LEU 46 967 967 LEU LEU B . n 
B 1 47 ARG 47 968 968 ARG ARG B . n 
B 1 48 GLU 48 969 969 GLU GLU B . n 
B 1 49 PHE 49 970 970 PHE PHE B . n 
B 1 50 ALA 50 971 971 ALA ALA B . n 
B 1 51 PHE 51 972 972 PHE PHE B . n 
B 1 52 PRO 52 973 973 PRO PRO B . n 
# 
loop_
_pdbx_nonpoly_scheme.asym_id 
_pdbx_nonpoly_scheme.entity_id 
_pdbx_nonpoly_scheme.mon_id 
_pdbx_nonpoly_scheme.ndb_seq_num 
_pdbx_nonpoly_scheme.pdb_seq_num 
_pdbx_nonpoly_scheme.auth_seq_num 
_pdbx_nonpoly_scheme.pdb_mon_id 
_pdbx_nonpoly_scheme.auth_mon_id 
_pdbx_nonpoly_scheme.pdb_strand_id 
_pdbx_nonpoly_scheme.pdb_ins_code 
C 2 HOH 1  1   1   HOH HOH A . 
C 2 HOH 2  4   4   HOH HOH A . 
C 2 HOH 3  6   6   HOH HOH A . 
C 2 HOH 4  7   7   HOH HOH A . 
C 2 HOH 5  8   8   HOH HOH A . 
C 2 HOH 6  9   9   HOH HOH A . 
C 2 HOH 7  11  11  HOH HOH A . 
C 2 HOH 8  13  13  HOH HOH A . 
C 2 HOH 9  15  15  HOH HOH A . 
C 2 HOH 10 18  18  HOH HOH A . 
C 2 HOH 11 20  20  HOH HOH A . 
C 2 HOH 12 22  22  HOH HOH A . 
C 2 HOH 13 23  23  HOH HOH A . 
C 2 HOH 14 27  27  HOH HOH A . 
C 2 HOH 15 28  28  HOH HOH A . 
C 2 HOH 16 32  32  HOH HOH A . 
C 2 HOH 17 34  34  HOH HOH A . 
C 2 HOH 18 36  36  HOH HOH A . 
C 2 HOH 19 37  37  HOH HOH A . 
C 2 HOH 20 42  42  HOH HOH A . 
C 2 HOH 21 43  43  HOH HOH A . 
C 2 HOH 22 49  49  HOH HOH A . 
C 2 HOH 23 52  52  HOH HOH A . 
C 2 HOH 24 53  53  HOH HOH A . 
C 2 HOH 25 56  56  HOH HOH A . 
C 2 HOH 26 58  58  HOH HOH A . 
C 2 HOH 27 59  59  HOH HOH A . 
C 2 HOH 28 61  61  HOH HOH A . 
C 2 HOH 29 65  65  HOH HOH A . 
C 2 HOH 30 66  66  HOH HOH A . 
C 2 HOH 31 69  69  HOH HOH A . 
C 2 HOH 32 71  71  HOH HOH A . 
C 2 HOH 33 72  72  HOH HOH A . 
C 2 HOH 34 73  73  HOH HOH A . 
C 2 HOH 35 74  74  HOH HOH A . 
C 2 HOH 36 75  75  HOH HOH A . 
C 2 HOH 37 77  77  HOH HOH A . 
C 2 HOH 38 79  79  HOH HOH A . 
C 2 HOH 39 82  82  HOH HOH A . 
C 2 HOH 40 83  83  HOH HOH A . 
C 2 HOH 41 87  87  HOH HOH A . 
C 2 HOH 42 92  92  HOH HOH A . 
C 2 HOH 43 96  96  HOH HOH A . 
C 2 HOH 44 99  99  HOH HOH A . 
C 2 HOH 45 101 101 HOH HOH A . 
C 2 HOH 46 104 104 HOH HOH A . 
C 2 HOH 47 109 109 HOH HOH A . 
C 2 HOH 48 111 111 HOH HOH A . 
C 2 HOH 49 112 112 HOH HOH A . 
C 2 HOH 50 118 118 HOH HOH A . 
C 2 HOH 51 120 120 HOH HOH A . 
C 2 HOH 52 125 125 HOH HOH A . 
C 2 HOH 53 126 126 HOH HOH A . 
C 2 HOH 54 130 130 HOH HOH A . 
D 2 HOH 1  2   2   HOH HOH B . 
D 2 HOH 2  3   3   HOH HOH B . 
D 2 HOH 3  5   5   HOH HOH B . 
D 2 HOH 4  10  10  HOH HOH B . 
D 2 HOH 5  12  12  HOH HOH B . 
D 2 HOH 6  14  14  HOH HOH B . 
D 2 HOH 7  16  16  HOH HOH B . 
D 2 HOH 8  17  17  HOH HOH B . 
D 2 HOH 9  19  19  HOH HOH B . 
D 2 HOH 10 21  21  HOH HOH B . 
D 2 HOH 11 24  24  HOH HOH B . 
D 2 HOH 12 25  25  HOH HOH B . 
D 2 HOH 13 26  26  HOH HOH B . 
D 2 HOH 14 29  29  HOH HOH B . 
D 2 HOH 15 30  30  HOH HOH B . 
D 2 HOH 16 31  31  HOH HOH B . 
D 2 HOH 17 33  33  HOH HOH B . 
D 2 HOH 18 35  35  HOH HOH B . 
D 2 HOH 19 38  38  HOH HOH B . 
D 2 HOH 20 39  39  HOH HOH B . 
D 2 HOH 21 40  40  HOH HOH B . 
D 2 HOH 22 41  41  HOH HOH B . 
D 2 HOH 23 44  44  HOH HOH B . 
D 2 HOH 24 45  45  HOH HOH B . 
D 2 HOH 25 46  46  HOH HOH B . 
D 2 HOH 26 47  47  HOH HOH B . 
D 2 HOH 27 48  48  HOH HOH B . 
D 2 HOH 28 51  51  HOH HOH B . 
D 2 HOH 29 54  54  HOH HOH B . 
D 2 HOH 30 55  55  HOH HOH B . 
D 2 HOH 31 57  57  HOH HOH B . 
D 2 HOH 32 60  60  HOH HOH B . 
D 2 HOH 33 62  62  HOH HOH B . 
D 2 HOH 34 64  64  HOH HOH B . 
D 2 HOH 35 67  67  HOH HOH B . 
D 2 HOH 36 68  68  HOH HOH B . 
D 2 HOH 37 70  70  HOH HOH B . 
D 2 HOH 38 76  76  HOH HOH B . 
D 2 HOH 39 78  78  HOH HOH B . 
D 2 HOH 40 80  80  HOH HOH B . 
D 2 HOH 41 81  81  HOH HOH B . 
D 2 HOH 42 84  84  HOH HOH B . 
D 2 HOH 43 85  85  HOH HOH B . 
D 2 HOH 44 86  86  HOH HOH B . 
D 2 HOH 45 88  88  HOH HOH B . 
D 2 HOH 46 89  89  HOH HOH B . 
D 2 HOH 47 90  90  HOH HOH B . 
D 2 HOH 48 91  91  HOH HOH B . 
D 2 HOH 49 93  93  HOH HOH B . 
D 2 HOH 50 94  94  HOH HOH B . 
D 2 HOH 51 95  95  HOH HOH B . 
D 2 HOH 52 97  97  HOH HOH B . 
D 2 HOH 53 98  98  HOH HOH B . 
D 2 HOH 54 100 100 HOH HOH B . 
D 2 HOH 55 103 103 HOH HOH B . 
D 2 HOH 56 108 108 HOH HOH B . 
D 2 HOH 57 110 110 HOH HOH B . 
D 2 HOH 58 113 113 HOH HOH B . 
D 2 HOH 59 116 116 HOH HOH B . 
D 2 HOH 60 117 117 HOH HOH B . 
D 2 HOH 61 119 119 HOH HOH B . 
D 2 HOH 62 121 121 HOH HOH B . 
D 2 HOH 63 124 124 HOH HOH B . 
D 2 HOH 64 127 127 HOH HOH B . 
D 2 HOH 65 128 128 HOH HOH B . 
D 2 HOH 66 129 129 HOH HOH B . 
D 2 HOH 67 131 131 HOH HOH B . 
D 2 HOH 68 132 132 HOH HOH B . 
D 2 HOH 69 133 133 HOH HOH B . 
D 2 HOH 70 134 134 HOH HOH B . 
D 2 HOH 71 135 135 HOH HOH B . 
D 2 HOH 72 136 136 HOH HOH B . 
D 2 HOH 73 138 138 HOH HOH B . 
D 2 HOH 74 140 140 HOH HOH B . 
D 2 HOH 75 142 142 HOH HOH B . 
D 2 HOH 76 143 143 HOH HOH B . 
# 
loop_
_software.name 
_software.classification 
_software.version 
_software.citation_id 
_software.pdbx_ordinal 
REFMAC   refinement        5.2.0005 ? 1 
HKL-2000 'data collection' .        ? 2 
HKL-2000 'data reduction'  .        ? 3 
HKL-2000 'data scaling'    .        ? 4 
SHARP    phasing           .        ? 5 
# 
_cell.entry_id           2OOA 
_cell.length_a           46.138 
_cell.length_b           50.199 
_cell.length_c           78.343 
_cell.angle_alpha        90.00 
_cell.angle_beta         90.00 
_cell.angle_gamma        90.00 
_cell.Z_PDB              16 
_cell.pdbx_unique_axis   ? 
_cell.length_a_esd       ? 
_cell.length_b_esd       ? 
_cell.length_c_esd       ? 
_cell.angle_alpha_esd    ? 
_cell.angle_beta_esd     ? 
_cell.angle_gamma_esd    ? 
# 
_symmetry.entry_id                         2OOA 
_symmetry.space_group_name_H-M             'C 2 2 21' 
_symmetry.pdbx_full_space_group_name_H-M   ? 
_symmetry.cell_setting                     ? 
_symmetry.Int_Tables_number                20 
_symmetry.space_group_name_Hall            ? 
# 
_exptl.entry_id          2OOA 
_exptl.method            'X-RAY DIFFRACTION' 
_exptl.crystals_number   1 
# 
_exptl_crystal.id                    1 
_exptl_crystal.density_meas          ? 
_exptl_crystal.density_Matthews      1.99 
_exptl_crystal.density_percent_sol   38.12 
_exptl_crystal.description           ? 
_exptl_crystal.F_000                 ? 
_exptl_crystal.preparation           ? 
# 
_exptl_crystal_grow.crystal_id      1 
_exptl_crystal_grow.method          'VAPOR DIFFUSION, HANGING DROP' 
_exptl_crystal_grow.temp            293 
_exptl_crystal_grow.temp_details    ? 
_exptl_crystal_grow.pH              8.2 
_exptl_crystal_grow.pdbx_details    
'1.2M sodium/potassium phosphate, 12% glycerol, pH 8.2, VAPOR DIFFUSION, HANGING DROP, temperature 293K' 
_exptl_crystal_grow.pdbx_pH_range   . 
# 
_diffrn.id                     1 
_diffrn.ambient_temp           ? 
_diffrn.ambient_temp_details   ? 
_diffrn.crystal_id             1 
# 
_diffrn_detector.diffrn_id              1 
_diffrn_detector.detector               CCD 
_diffrn_detector.type                   'ADSC QUANTUM 4' 
_diffrn_detector.pdbx_collection_date   2005-08-28 
_diffrn_detector.details                mirrors 
# 
_diffrn_radiation.diffrn_id                        1 
_diffrn_radiation.wavelength_id                    1 
_diffrn_radiation.pdbx_monochromatic_or_laue_m_l   M 
_diffrn_radiation.monochromator                    'Si (111) double-crystal monochromator' 
_diffrn_radiation.pdbx_diffrn_protocol             MAD 
_diffrn_radiation.pdbx_scattering_type             x-ray 
# 
_diffrn_radiation_wavelength.id           1 
_diffrn_radiation_wavelength.wavelength   0.9795 
_diffrn_radiation_wavelength.wt           1.0 
# 
_diffrn_source.diffrn_id                   1 
_diffrn_source.source                      SYNCHROTRON 
_diffrn_source.type                        'NSLS BEAMLINE X8C' 
_diffrn_source.pdbx_synchrotron_site       NSLS 
_diffrn_source.pdbx_synchrotron_beamline   X8C 
_diffrn_source.pdbx_wavelength             0.9795 
_diffrn_source.pdbx_wavelength_list        ? 
# 
_reflns.entry_id                     2OOA 
_reflns.observed_criterion_sigma_F   1.0 
_reflns.observed_criterion_sigma_I   1.0 
_reflns.d_resolution_high            1.56 
_reflns.d_resolution_low             50.0 
_reflns.number_all                   13332 
_reflns.number_obs                   13003 
_reflns.percent_possible_obs         97.5 
_reflns.pdbx_Rmerge_I_obs            0.071 
_reflns.pdbx_Rsym_value              ? 
_reflns.pdbx_netI_over_sigmaI        29.2 
_reflns.B_iso_Wilson_estimate        ? 
_reflns.pdbx_redundancy              5.9 
_reflns.R_free_details               ? 
_reflns.limit_h_max                  ? 
_reflns.limit_h_min                  ? 
_reflns.limit_k_max                  ? 
_reflns.limit_k_min                  ? 
_reflns.limit_l_max                  ? 
_reflns.limit_l_min                  ? 
_reflns.observed_criterion_F_max     ? 
_reflns.observed_criterion_F_min     ? 
_reflns.pdbx_chi_squared             ? 
_reflns.pdbx_scaling_rejects         ? 
_reflns.pdbx_ordinal                 1 
_reflns.pdbx_diffrn_id               1 
# 
_reflns_shell.d_res_high             1.56 
_reflns_shell.d_res_low              1.62 
_reflns_shell.percent_possible_all   89.5 
_reflns_shell.Rmerge_I_obs           0.215 
_reflns_shell.pdbx_Rsym_value        ? 
_reflns_shell.meanI_over_sigI_obs    7.4 
_reflns_shell.pdbx_redundancy        4.7 
_reflns_shell.percent_possible_obs   ? 
_reflns_shell.number_unique_all      883 
_reflns_shell.number_measured_all    ? 
_reflns_shell.number_measured_obs    ? 
_reflns_shell.number_unique_obs      ? 
_reflns_shell.pdbx_chi_squared       ? 
_reflns_shell.pdbx_ordinal           1 
_reflns_shell.pdbx_diffrn_id         1 
# 
_refine.entry_id                                 2OOA 
_refine.ls_number_reflns_obs                     12372 
_refine.ls_number_reflns_all                     13332 
_refine.pdbx_ls_sigma_I                          ? 
_refine.pdbx_ls_sigma_F                          0 
_refine.pdbx_data_cutoff_high_absF               ? 
_refine.pdbx_data_cutoff_low_absF                ? 
_refine.pdbx_data_cutoff_high_rms_absF           ? 
_refine.ls_d_res_low                             17.29 
_refine.ls_d_res_high                            1.56 
_refine.ls_percent_reflns_obs                    97.53 
_refine.ls_R_factor_obs                          0.206 
_refine.ls_R_factor_all                          0.206 
_refine.ls_R_factor_R_work                       0.2043 
_refine.ls_R_factor_R_free                       0.23992 
_refine.ls_R_factor_R_free_error                 ? 
_refine.ls_R_factor_R_free_error_details         ? 
_refine.ls_percent_reflns_R_free                 4.9 
_refine.ls_number_reflns_R_free                  631 
_refine.ls_number_parameters                     ? 
_refine.ls_number_restraints                     ? 
_refine.occupancy_min                            ? 
_refine.occupancy_max                            ? 
_refine.correlation_coeff_Fo_to_Fc               0.950 
_refine.correlation_coeff_Fo_to_Fc_free          0.923 
_refine.B_iso_mean                               16.835 
_refine.aniso_B[1][1]                            -0.04 
_refine.aniso_B[2][2]                            0.01 
_refine.aniso_B[3][3]                            0.03 
_refine.aniso_B[1][2]                            0.00 
_refine.aniso_B[1][3]                            0.00 
_refine.aniso_B[2][3]                            0.00 
_refine.solvent_model_details                    MASK 
_refine.solvent_model_param_ksol                 ? 
_refine.solvent_model_param_bsol                 ? 
_refine.pdbx_solvent_vdw_probe_radii             1.20 
_refine.pdbx_solvent_ion_probe_radii             0.80 
_refine.pdbx_solvent_shrinkage_radii             0.80 
_refine.pdbx_ls_cross_valid_method               THROUGHOUT 
_refine.details                                  ? 
_refine.pdbx_starting_model                      ? 
_refine.pdbx_method_to_determine_struct          SAD 
_refine.pdbx_isotropic_thermal_model             ? 
_refine.pdbx_stereochemistry_target_values       'MAXIMUM LIKELIHOOD' 
_refine.pdbx_stereochem_target_val_spec_case     ? 
_refine.pdbx_R_Free_selection_details            RANDOM 
_refine.pdbx_overall_ESU_R                       0.096 
_refine.pdbx_overall_ESU_R_Free                  0.097 
_refine.overall_SU_ML                            0.058 
_refine.overall_SU_B                             3.110 
_refine.ls_redundancy_reflns_obs                 ? 
_refine.B_iso_min                                ? 
_refine.B_iso_max                                ? 
_refine.overall_SU_R_Cruickshank_DPI             ? 
_refine.overall_SU_R_free                        ? 
_refine.ls_wR_factor_R_free                      ? 
_refine.ls_wR_factor_R_work                      ? 
_refine.overall_FOM_free_R_set                   ? 
_refine.overall_FOM_work_R_set                   ? 
_refine.pdbx_overall_phase_error                 ? 
_refine.pdbx_refine_id                           'X-RAY DIFFRACTION' 
_refine.pdbx_TLS_residual_ADP_flag               'LIKELY RESIDUAL' 
_refine.pdbx_diffrn_id                           1 
_refine.pdbx_overall_SU_R_free_Cruickshank_DPI   ? 
_refine.pdbx_overall_SU_R_Blow_DPI               ? 
_refine.pdbx_overall_SU_R_free_Blow_DPI          ? 
# 
_refine_hist.pdbx_refine_id                   'X-RAY DIFFRACTION' 
_refine_hist.cycle_id                         LAST 
_refine_hist.pdbx_number_atoms_protein        666 
_refine_hist.pdbx_number_atoms_nucleic_acid   0 
_refine_hist.pdbx_number_atoms_ligand         0 
_refine_hist.number_atoms_solvent             130 
_refine_hist.number_atoms_total               796 
_refine_hist.d_res_high                       1.56 
_refine_hist.d_res_low                        17.29 
# 
loop_
_refine_ls_restr.type 
_refine_ls_restr.dev_ideal 
_refine_ls_restr.dev_ideal_target 
_refine_ls_restr.weight 
_refine_ls_restr.number 
_refine_ls_restr.pdbx_refine_id 
_refine_ls_restr.pdbx_restraint_function 
r_bond_refined_d         0.010  0.022  ? 674 'X-RAY DIFFRACTION' ? 
r_angle_refined_deg      1.260  1.975  ? 904 'X-RAY DIFFRACTION' ? 
r_dihedral_angle_1_deg   4.993  5.000  ? 82  'X-RAY DIFFRACTION' ? 
r_dihedral_angle_2_deg   26.990 24.118 ? 34  'X-RAY DIFFRACTION' ? 
r_dihedral_angle_3_deg   11.777 15.000 ? 124 'X-RAY DIFFRACTION' ? 
r_dihedral_angle_4_deg   24.025 15.000 ? 6   'X-RAY DIFFRACTION' ? 
r_chiral_restr           0.088  0.200  ? 100 'X-RAY DIFFRACTION' ? 
r_gen_planes_refined     0.004  0.020  ? 512 'X-RAY DIFFRACTION' ? 
r_nbd_refined            0.214  0.200  ? 338 'X-RAY DIFFRACTION' ? 
r_nbtor_refined          0.313  0.200  ? 479 'X-RAY DIFFRACTION' ? 
r_xyhbond_nbd_refined    0.089  0.200  ? 91  'X-RAY DIFFRACTION' ? 
r_symmetry_vdw_refined   0.133  0.200  ? 48  'X-RAY DIFFRACTION' ? 
r_symmetry_hbond_refined 0.200  0.200  ? 6   'X-RAY DIFFRACTION' ? 
r_mcbond_it              0.654  1.500  ? 429 'X-RAY DIFFRACTION' ? 
r_mcangle_it             0.964  2.000  ? 664 'X-RAY DIFFRACTION' ? 
r_scbond_it              1.846  3.000  ? 268 'X-RAY DIFFRACTION' ? 
r_scangle_it             3.074  4.500  ? 240 'X-RAY DIFFRACTION' ? 
# 
_refine_ls_shell.pdbx_total_number_of_bins_used   20 
_refine_ls_shell.d_res_high                       1.56 
_refine_ls_shell.d_res_low                        1.598 
_refine_ls_shell.number_reflns_R_work             883 
_refine_ls_shell.R_factor_R_work                  0.239 
_refine_ls_shell.percent_reflns_obs               96.42 
_refine_ls_shell.R_factor_R_free                  0.313 
_refine_ls_shell.R_factor_R_free_error            ? 
_refine_ls_shell.percent_reflns_R_free            ? 
_refine_ls_shell.number_reflns_R_free             33 
_refine_ls_shell.number_reflns_all                ? 
_refine_ls_shell.R_factor_all                     ? 
_refine_ls_shell.number_reflns_obs                ? 
_refine_ls_shell.redundancy_reflns_obs            ? 
_refine_ls_shell.pdbx_refine_id                   'X-RAY DIFFRACTION' 
# 
_struct.entry_id                  2OOA 
_struct.title                     'crystal structure of the UBA domain from Cbl-b ubiquitin ligase' 
_struct.pdbx_model_details        ? 
_struct.pdbx_CASP_flag            ? 
_struct.pdbx_model_type_details   ? 
# 
_struct_keywords.entry_id        2OOA 
_struct_keywords.pdbx_keywords   LIGASE 
_struct_keywords.text            'alpha-helical domain, LIGASE' 
# 
loop_
_struct_asym.id 
_struct_asym.pdbx_blank_PDB_chainid_flag 
_struct_asym.pdbx_modified 
_struct_asym.entity_id 
_struct_asym.details 
A N N 1 ? 
B N N 1 ? 
C N N 2 ? 
D N N 2 ? 
# 
_struct_ref.id                         1 
_struct_ref.db_name                    UNP 
_struct_ref.db_code                    CBLB_HUMAN 
_struct_ref.pdbx_db_accession          Q13191 
_struct_ref.entity_id                  1 
_struct_ref.pdbx_seq_one_letter_code   GPEAALENVDAKIAKLMGEGYAFEEVKRALEIAQNNVEVARSILREFAFP 
_struct_ref.pdbx_align_begin           924 
_struct_ref.pdbx_db_isoform            ? 
# 
loop_
_struct_ref_seq.align_id 
_struct_ref_seq.ref_id 
_struct_ref_seq.pdbx_PDB_id_code 
_struct_ref_seq.pdbx_strand_id 
_struct_ref_seq.seq_align_beg 
_struct_ref_seq.pdbx_seq_align_beg_ins_code 
_struct_ref_seq.seq_align_end 
_struct_ref_seq.pdbx_seq_align_end_ins_code 
_struct_ref_seq.pdbx_db_accession 
_struct_ref_seq.db_align_beg 
_struct_ref_seq.pdbx_db_align_beg_ins_code 
_struct_ref_seq.db_align_end 
_struct_ref_seq.pdbx_db_align_end_ins_code 
_struct_ref_seq.pdbx_auth_seq_align_beg 
_struct_ref_seq.pdbx_auth_seq_align_end 
1 1 2OOA A 3 ? 52 ? Q13191 924 ? 973 ? 924 973 
2 1 2OOA B 3 ? 52 ? Q13191 924 ? 973 ? 924 973 
# 
loop_
_struct_ref_seq_dif.align_id 
_struct_ref_seq_dif.pdbx_pdb_id_code 
_struct_ref_seq_dif.mon_id 
_struct_ref_seq_dif.pdbx_pdb_strand_id 
_struct_ref_seq_dif.seq_num 
_struct_ref_seq_dif.pdbx_pdb_ins_code 
_struct_ref_seq_dif.pdbx_seq_db_name 
_struct_ref_seq_dif.pdbx_seq_db_accession_code 
_struct_ref_seq_dif.db_mon_id 
_struct_ref_seq_dif.pdbx_seq_db_seq_num 
_struct_ref_seq_dif.details 
_struct_ref_seq_dif.pdbx_auth_seq_num 
_struct_ref_seq_dif.pdbx_ordinal 
1 2OOA GLY A 1  ? UNP Q13191 ?   ?   'cloning artifact' 922 1 
1 2OOA SER A 2  ? UNP Q13191 ?   ?   'cloning artifact' 923 2 
1 2OOA MSE A 19 ? UNP Q13191 MET 940 'modified residue' 940 3 
2 2OOA GLY B 1  ? UNP Q13191 ?   ?   'cloning artifact' 922 4 
2 2OOA SER B 2  ? UNP Q13191 ?   ?   'cloning artifact' 923 5 
2 2OOA MSE B 19 ? UNP Q13191 MET 940 'modified residue' 940 6 
# 
loop_
_pdbx_struct_assembly.id 
_pdbx_struct_assembly.details 
_pdbx_struct_assembly.method_details 
_pdbx_struct_assembly.oligomeric_details 
_pdbx_struct_assembly.oligomeric_count 
1 author_defined_assembly ? monomeric 1 
2 author_defined_assembly ? monomeric 1 
# 
loop_
_pdbx_struct_assembly_gen.assembly_id 
_pdbx_struct_assembly_gen.oper_expression 
_pdbx_struct_assembly_gen.asym_id_list 
1 1 A,C 
2 1 B,D 
# 
_pdbx_struct_oper_list.id                   1 
_pdbx_struct_oper_list.type                 'identity operation' 
_pdbx_struct_oper_list.name                 1_555 
_pdbx_struct_oper_list.symmetry_operation   x,y,z 
_pdbx_struct_oper_list.matrix[1][1]         1.0000000000 
_pdbx_struct_oper_list.matrix[1][2]         0.0000000000 
_pdbx_struct_oper_list.matrix[1][3]         0.0000000000 
_pdbx_struct_oper_list.vector[1]            0.0000000000 
_pdbx_struct_oper_list.matrix[2][1]         0.0000000000 
_pdbx_struct_oper_list.matrix[2][2]         1.0000000000 
_pdbx_struct_oper_list.matrix[2][3]         0.0000000000 
_pdbx_struct_oper_list.vector[2]            0.0000000000 
_pdbx_struct_oper_list.matrix[3][1]         0.0000000000 
_pdbx_struct_oper_list.matrix[3][2]         0.0000000000 
_pdbx_struct_oper_list.matrix[3][3]         1.0000000000 
_pdbx_struct_oper_list.vector[3]            0.0000000000 
# 
_struct_biol.id   1 
# 
loop_
_struct_conf.conf_type_id 
_struct_conf.id 
_struct_conf.pdbx_PDB_helix_id 
_struct_conf.beg_label_comp_id 
_struct_conf.beg_label_asym_id 
_struct_conf.beg_label_seq_id 
_struct_conf.pdbx_beg_PDB_ins_code 
_struct_conf.end_label_comp_id 
_struct_conf.end_label_asym_id 
_struct_conf.end_label_seq_id 
_struct_conf.pdbx_end_PDB_ins_code 
_struct_conf.beg_auth_comp_id 
_struct_conf.beg_auth_asym_id 
_struct_conf.beg_auth_seq_id 
_struct_conf.end_auth_comp_id 
_struct_conf.end_auth_asym_id 
_struct_conf.end_auth_seq_id 
_struct_conf.pdbx_PDB_helix_class 
_struct_conf.details 
_struct_conf.pdbx_PDB_helix_length 
HELX_P HELX_P1 1 VAL A 11 ? GLU A 21 ? VAL A 932 GLU A 942 1 ? 11 
HELX_P HELX_P2 2 ALA A 24 ? ALA A 35 ? ALA A 945 ALA A 956 1 ? 12 
HELX_P HELX_P3 3 ASN A 38 ? ALA A 50 ? ASN A 959 ALA A 971 1 ? 13 
HELX_P HELX_P4 4 VAL B 11 ? GLU B 21 ? VAL B 932 GLU B 942 1 ? 11 
HELX_P HELX_P5 5 ALA B 24 ? ALA B 35 ? ALA B 945 ALA B 956 1 ? 12 
HELX_P HELX_P6 6 ASN B 38 ? ALA B 50 ? ASN B 959 ALA B 971 1 ? 13 
# 
_struct_conf_type.id          HELX_P 
_struct_conf_type.criteria    ? 
_struct_conf_type.reference   ? 
# 
loop_
_struct_conn.id 
_struct_conn.conn_type_id 
_struct_conn.pdbx_leaving_atom_flag 
_struct_conn.pdbx_PDB_id 
_struct_conn.ptnr1_label_asym_id 
_struct_conn.ptnr1_label_comp_id 
_struct_conn.ptnr1_label_seq_id 
_struct_conn.ptnr1_label_atom_id 
_struct_conn.pdbx_ptnr1_label_alt_id 
_struct_conn.pdbx_ptnr1_PDB_ins_code 
_struct_conn.pdbx_ptnr1_standard_comp_id 
_struct_conn.ptnr1_symmetry 
_struct_conn.ptnr2_label_asym_id 
_struct_conn.ptnr2_label_comp_id 
_struct_conn.ptnr2_label_seq_id 
_struct_conn.ptnr2_label_atom_id 
_struct_conn.pdbx_ptnr2_label_alt_id 
_struct_conn.pdbx_ptnr2_PDB_ins_code 
_struct_conn.ptnr1_auth_asym_id 
_struct_conn.ptnr1_auth_comp_id 
_struct_conn.ptnr1_auth_seq_id 
_struct_conn.ptnr2_auth_asym_id 
_struct_conn.ptnr2_auth_comp_id 
_struct_conn.ptnr2_auth_seq_id 
_struct_conn.ptnr2_symmetry 
_struct_conn.pdbx_ptnr3_label_atom_id 
_struct_conn.pdbx_ptnr3_label_seq_id 
_struct_conn.pdbx_ptnr3_label_comp_id 
_struct_conn.pdbx_ptnr3_label_asym_id 
_struct_conn.pdbx_ptnr3_label_alt_id 
_struct_conn.pdbx_ptnr3_PDB_ins_code 
_struct_conn.details 
_struct_conn.pdbx_dist_value 
_struct_conn.pdbx_value_order 
_struct_conn.pdbx_role 
covale1 covale both ? A LEU 18 C ? ? ? 1_555 A MSE 19 N ? ? A LEU 939 A MSE 940 1_555 ? ? ? ? ? ? ? 1.333 ? ? 
covale2 covale both ? A MSE 19 C ? ? ? 1_555 A GLY 20 N ? ? A MSE 940 A GLY 941 1_555 ? ? ? ? ? ? ? 1.330 ? ? 
covale3 covale both ? B LEU 18 C ? ? ? 1_555 B MSE 19 N ? ? B LEU 939 B MSE 940 1_555 ? ? ? ? ? ? ? 1.331 ? ? 
covale4 covale both ? B MSE 19 C ? ? ? 1_555 B GLY 20 N ? ? B MSE 940 B GLY 941 1_555 ? ? ? ? ? ? ? 1.333 ? ? 
# 
_struct_conn_type.id          covale 
_struct_conn_type.criteria    ? 
_struct_conn_type.reference   ? 
# 
loop_
_pdbx_modification_feature.ordinal 
_pdbx_modification_feature.label_comp_id 
_pdbx_modification_feature.label_asym_id 
_pdbx_modification_feature.label_seq_id 
_pdbx_modification_feature.label_alt_id 
_pdbx_modification_feature.modified_residue_label_comp_id 
_pdbx_modification_feature.modified_residue_label_asym_id 
_pdbx_modification_feature.modified_residue_label_seq_id 
_pdbx_modification_feature.modified_residue_label_alt_id 
_pdbx_modification_feature.auth_comp_id 
_pdbx_modification_feature.auth_asym_id 
_pdbx_modification_feature.auth_seq_id 
_pdbx_modification_feature.PDB_ins_code 
_pdbx_modification_feature.symmetry 
_pdbx_modification_feature.modified_residue_auth_comp_id 
_pdbx_modification_feature.modified_residue_auth_asym_id 
_pdbx_modification_feature.modified_residue_auth_seq_id 
_pdbx_modification_feature.modified_residue_PDB_ins_code 
_pdbx_modification_feature.modified_residue_symmetry 
_pdbx_modification_feature.comp_id_linking_atom 
_pdbx_modification_feature.modified_residue_id_linking_atom 
_pdbx_modification_feature.modified_residue_id 
_pdbx_modification_feature.ref_pcm_id 
_pdbx_modification_feature.ref_comp_id 
_pdbx_modification_feature.type 
_pdbx_modification_feature.category 
1 MSE A 19 ? . . . . MSE A 940 ? 1_555 . . . . . . . MET 1 MSE Selenomethionine 'Named protein modification' 
2 MSE B 19 ? . . . . MSE B 940 ? 1_555 . . . . . . . MET 1 MSE Selenomethionine 'Named protein modification' 
# 
loop_
_struct_mon_prot_cis.pdbx_id 
_struct_mon_prot_cis.label_comp_id 
_struct_mon_prot_cis.label_seq_id 
_struct_mon_prot_cis.label_asym_id 
_struct_mon_prot_cis.label_alt_id 
_struct_mon_prot_cis.pdbx_PDB_ins_code 
_struct_mon_prot_cis.auth_comp_id 
_struct_mon_prot_cis.auth_seq_id 
_struct_mon_prot_cis.auth_asym_id 
_struct_mon_prot_cis.pdbx_label_comp_id_2 
_struct_mon_prot_cis.pdbx_label_seq_id_2 
_struct_mon_prot_cis.pdbx_label_asym_id_2 
_struct_mon_prot_cis.pdbx_PDB_ins_code_2 
_struct_mon_prot_cis.pdbx_auth_comp_id_2 
_struct_mon_prot_cis.pdbx_auth_seq_id_2 
_struct_mon_prot_cis.pdbx_auth_asym_id_2 
_struct_mon_prot_cis.pdbx_PDB_model_num 
_struct_mon_prot_cis.pdbx_omega_angle 
1 PHE 51 A . ? PHE 972 A PRO 52 A ? PRO 973 A 1 2.70  
2 PHE 51 B . ? PHE 972 B PRO 52 B ? PRO 973 B 1 -2.40 
# 
_pdbx_entry_details.entry_id                   2OOA 
_pdbx_entry_details.compound_details           ? 
_pdbx_entry_details.source_details             ? 
_pdbx_entry_details.nonpolymer_details         ? 
_pdbx_entry_details.sequence_details           ? 
_pdbx_entry_details.has_ligand_of_interest     ? 
_pdbx_entry_details.has_protein_modification   Y 
# 
loop_
_pdbx_struct_mod_residue.id 
_pdbx_struct_mod_residue.label_asym_id 
_pdbx_struct_mod_residue.label_comp_id 
_pdbx_struct_mod_residue.label_seq_id 
_pdbx_struct_mod_residue.auth_asym_id 
_pdbx_struct_mod_residue.auth_comp_id 
_pdbx_struct_mod_residue.auth_seq_id 
_pdbx_struct_mod_residue.PDB_ins_code 
_pdbx_struct_mod_residue.parent_comp_id 
_pdbx_struct_mod_residue.details 
1 A MSE 19 A MSE 940 ? MET SELENOMETHIONINE 
2 B MSE 19 B MSE 940 ? MET SELENOMETHIONINE 
# 
loop_
_pdbx_refine_tls.id 
_pdbx_refine_tls.details 
_pdbx_refine_tls.method 
_pdbx_refine_tls.origin_x 
_pdbx_refine_tls.origin_y 
_pdbx_refine_tls.origin_z 
_pdbx_refine_tls.T[1][1] 
_pdbx_refine_tls.T[2][2] 
_pdbx_refine_tls.T[3][3] 
_pdbx_refine_tls.T[1][2] 
_pdbx_refine_tls.T[1][3] 
_pdbx_refine_tls.T[2][3] 
_pdbx_refine_tls.L[1][1] 
_pdbx_refine_tls.L[2][2] 
_pdbx_refine_tls.L[3][3] 
_pdbx_refine_tls.L[1][2] 
_pdbx_refine_tls.L[1][3] 
_pdbx_refine_tls.L[2][3] 
_pdbx_refine_tls.S[1][1] 
_pdbx_refine_tls.S[1][2] 
_pdbx_refine_tls.S[1][3] 
_pdbx_refine_tls.S[2][1] 
_pdbx_refine_tls.S[2][2] 
_pdbx_refine_tls.S[2][3] 
_pdbx_refine_tls.S[3][1] 
_pdbx_refine_tls.S[3][2] 
_pdbx_refine_tls.S[3][3] 
_pdbx_refine_tls.pdbx_refine_id 
1 ? refined -1.0821 -5.6354 1.6539  0.0914 0.0471 0.0057 0.0354  -0.0009 0.0055  1.8097 6.1246 2.5781 -1.6249 1.7503  -0.8874 0.3685  0.3451  0.0101  -0.4435 -0.3197 -0.1113 0.2244  0.0090  -0.0487 'X-RAY DIFFRACTION' 
2 ? refined 4.4866  -7.3577 7.6255  0.0502 0.0790 0.0296 -0.0001 0.0187  0.0116  3.5247 6.8840 4.5094 -2.1219 1.7631  -0.8838 0.0882  0.2387  0.1356  -0.1896 -0.1010 -0.1548 0.0841  0.2331  0.0128  'X-RAY DIFFRACTION' 
3 ? refined -0.8445 -7.1904 15.1759 0.0270 0.0236 0.0737 -0.0234 0.0083  -0.0060 0.7032 4.5202 2.5891 -0.1259 0.7224  1.3151  -0.0654 -0.0317 0.0133  0.1418  -0.0264 0.4399  0.1041  -0.0788 0.0917  'X-RAY DIFFRACTION' 
4 ? refined 2.9254  1.4671  -7.2118 0.1048 0.0216 0.0314 0.0587  -0.0059 0.0000  6.9356 3.4304 7.9574 1.4095  0.7093  -1.2810 0.2409  0.0381  -0.2985 -0.2867 -0.1177 -0.1128 0.7062  0.3077  -0.1232 'X-RAY DIFFRACTION' 
5 ? refined -4.3128 5.6554  -8.4916 0.0608 0.0256 0.0646 -0.0110 -0.0086 -0.0022 3.8881 3.5235 7.3433 -1.8610 3.6613  -1.9193 0.2396  -0.0766 -0.2185 -0.1915 0.0104  0.2147  0.3144  -0.1638 -0.2500 'X-RAY DIFFRACTION' 
6 ? refined -0.9809 15.1551 -8.1194 0.0175 0.0519 0.0652 -0.0082 0.0183  0.0000  0.8835 3.8010 5.0191 -0.9182 -0.6917 2.2452  -0.0530 0.0281  0.2262  -0.1661 0.0212  -0.2019 -0.2167 0.3736  0.0316  'X-RAY DIFFRACTION' 
# 
loop_
_pdbx_refine_tls_group.id 
_pdbx_refine_tls_group.refine_tls_id 
_pdbx_refine_tls_group.beg_auth_asym_id 
_pdbx_refine_tls_group.beg_auth_seq_id 
_pdbx_refine_tls_group.beg_label_asym_id 
_pdbx_refine_tls_group.beg_label_seq_id 
_pdbx_refine_tls_group.end_auth_asym_id 
_pdbx_refine_tls_group.end_auth_seq_id 
_pdbx_refine_tls_group.end_label_asym_id 
_pdbx_refine_tls_group.end_label_seq_id 
_pdbx_refine_tls_group.selection 
_pdbx_refine_tls_group.pdbx_refine_id 
_pdbx_refine_tls_group.selection_details 
1 1 A 932 A 11 A 943 A 22 ? 'X-RAY DIFFRACTION' ? 
2 2 A 944 A 23 A 961 A 40 ? 'X-RAY DIFFRACTION' ? 
3 3 A 962 A 41 A 973 A 52 ? 'X-RAY DIFFRACTION' ? 
4 4 B 932 B 11 B 943 B 22 ? 'X-RAY DIFFRACTION' ? 
5 5 B 944 B 23 B 963 B 42 ? 'X-RAY DIFFRACTION' ? 
6 6 B 964 B 43 B 973 B 52 ? 'X-RAY DIFFRACTION' ? 
# 
loop_
_pdbx_unobs_or_zero_occ_residues.id 
_pdbx_unobs_or_zero_occ_residues.PDB_model_num 
_pdbx_unobs_or_zero_occ_residues.polymer_flag 
_pdbx_unobs_or_zero_occ_residues.occupancy_flag 
_pdbx_unobs_or_zero_occ_residues.auth_asym_id 
_pdbx_unobs_or_zero_occ_residues.auth_comp_id 
_pdbx_unobs_or_zero_occ_residues.auth_seq_id 
_pdbx_unobs_or_zero_occ_residues.PDB_ins_code 
_pdbx_unobs_or_zero_occ_residues.label_asym_id 
_pdbx_unobs_or_zero_occ_residues.label_comp_id 
_pdbx_unobs_or_zero_occ_residues.label_seq_id 
1  1 Y 1 A GLY 922 ? A GLY 1  
2  1 Y 1 A SER 923 ? A SER 2  
3  1 Y 1 A GLY 924 ? A GLY 3  
4  1 Y 1 A PRO 925 ? A PRO 4  
5  1 Y 1 A GLU 926 ? A GLU 5  
6  1 Y 1 A ALA 927 ? A ALA 6  
7  1 Y 1 A ALA 928 ? A ALA 7  
8  1 Y 1 A LEU 929 ? A LEU 8  
9  1 Y 1 A GLU 930 ? A GLU 9  
10 1 Y 1 A ASN 931 ? A ASN 10 
11 1 Y 1 B GLY 922 ? B GLY 1  
12 1 Y 1 B SER 923 ? B SER 2  
13 1 Y 1 B GLY 924 ? B GLY 3  
14 1 Y 1 B PRO 925 ? B PRO 4  
15 1 Y 1 B GLU 926 ? B GLU 5  
16 1 Y 1 B ALA 927 ? B ALA 6  
17 1 Y 1 B ALA 928 ? B ALA 7  
18 1 Y 1 B LEU 929 ? B LEU 8  
19 1 Y 1 B GLU 930 ? B GLU 9  
20 1 Y 1 B ASN 931 ? B ASN 10 
# 
loop_
_chem_comp_atom.comp_id 
_chem_comp_atom.atom_id 
_chem_comp_atom.type_symbol 
_chem_comp_atom.pdbx_aromatic_flag 
_chem_comp_atom.pdbx_stereo_config 
_chem_comp_atom.pdbx_ordinal 
ALA N    N  N N 1   
ALA CA   C  N S 2   
ALA C    C  N N 3   
ALA O    O  N N 4   
ALA CB   C  N N 5   
ALA OXT  O  N N 6   
ALA H    H  N N 7   
ALA H2   H  N N 8   
ALA HA   H  N N 9   
ALA HB1  H  N N 10  
ALA HB2  H  N N 11  
ALA HB3  H  N N 12  
ALA HXT  H  N N 13  
ARG N    N  N N 14  
ARG CA   C  N S 15  
ARG C    C  N N 16  
ARG O    O  N N 17  
ARG CB   C  N N 18  
ARG CG   C  N N 19  
ARG CD   C  N N 20  
ARG NE   N  N N 21  
ARG CZ   C  N N 22  
ARG NH1  N  N N 23  
ARG NH2  N  N N 24  
ARG OXT  O  N N 25  
ARG H    H  N N 26  
ARG H2   H  N N 27  
ARG HA   H  N N 28  
ARG HB2  H  N N 29  
ARG HB3  H  N N 30  
ARG HG2  H  N N 31  
ARG HG3  H  N N 32  
ARG HD2  H  N N 33  
ARG HD3  H  N N 34  
ARG HE   H  N N 35  
ARG HH11 H  N N 36  
ARG HH12 H  N N 37  
ARG HH21 H  N N 38  
ARG HH22 H  N N 39  
ARG HXT  H  N N 40  
ASN N    N  N N 41  
ASN CA   C  N S 42  
ASN C    C  N N 43  
ASN O    O  N N 44  
ASN CB   C  N N 45  
ASN CG   C  N N 46  
ASN OD1  O  N N 47  
ASN ND2  N  N N 48  
ASN OXT  O  N N 49  
ASN H    H  N N 50  
ASN H2   H  N N 51  
ASN HA   H  N N 52  
ASN HB2  H  N N 53  
ASN HB3  H  N N 54  
ASN HD21 H  N N 55  
ASN HD22 H  N N 56  
ASN HXT  H  N N 57  
ASP N    N  N N 58  
ASP CA   C  N S 59  
ASP C    C  N N 60  
ASP O    O  N N 61  
ASP CB   C  N N 62  
ASP CG   C  N N 63  
ASP OD1  O  N N 64  
ASP OD2  O  N N 65  
ASP OXT  O  N N 66  
ASP H    H  N N 67  
ASP H2   H  N N 68  
ASP HA   H  N N 69  
ASP HB2  H  N N 70  
ASP HB3  H  N N 71  
ASP HD2  H  N N 72  
ASP HXT  H  N N 73  
GLN N    N  N N 74  
GLN CA   C  N S 75  
GLN C    C  N N 76  
GLN O    O  N N 77  
GLN CB   C  N N 78  
GLN CG   C  N N 79  
GLN CD   C  N N 80  
GLN OE1  O  N N 81  
GLN NE2  N  N N 82  
GLN OXT  O  N N 83  
GLN H    H  N N 84  
GLN H2   H  N N 85  
GLN HA   H  N N 86  
GLN HB2  H  N N 87  
GLN HB3  H  N N 88  
GLN HG2  H  N N 89  
GLN HG3  H  N N 90  
GLN HE21 H  N N 91  
GLN HE22 H  N N 92  
GLN HXT  H  N N 93  
GLU N    N  N N 94  
GLU CA   C  N S 95  
GLU C    C  N N 96  
GLU O    O  N N 97  
GLU CB   C  N N 98  
GLU CG   C  N N 99  
GLU CD   C  N N 100 
GLU OE1  O  N N 101 
GLU OE2  O  N N 102 
GLU OXT  O  N N 103 
GLU H    H  N N 104 
GLU H2   H  N N 105 
GLU HA   H  N N 106 
GLU HB2  H  N N 107 
GLU HB3  H  N N 108 
GLU HG2  H  N N 109 
GLU HG3  H  N N 110 
GLU HE2  H  N N 111 
GLU HXT  H  N N 112 
GLY N    N  N N 113 
GLY CA   C  N N 114 
GLY C    C  N N 115 
GLY O    O  N N 116 
GLY OXT  O  N N 117 
GLY H    H  N N 118 
GLY H2   H  N N 119 
GLY HA2  H  N N 120 
GLY HA3  H  N N 121 
GLY HXT  H  N N 122 
HOH O    O  N N 123 
HOH H1   H  N N 124 
HOH H2   H  N N 125 
ILE N    N  N N 126 
ILE CA   C  N S 127 
ILE C    C  N N 128 
ILE O    O  N N 129 
ILE CB   C  N S 130 
ILE CG1  C  N N 131 
ILE CG2  C  N N 132 
ILE CD1  C  N N 133 
ILE OXT  O  N N 134 
ILE H    H  N N 135 
ILE H2   H  N N 136 
ILE HA   H  N N 137 
ILE HB   H  N N 138 
ILE HG12 H  N N 139 
ILE HG13 H  N N 140 
ILE HG21 H  N N 141 
ILE HG22 H  N N 142 
ILE HG23 H  N N 143 
ILE HD11 H  N N 144 
ILE HD12 H  N N 145 
ILE HD13 H  N N 146 
ILE HXT  H  N N 147 
LEU N    N  N N 148 
LEU CA   C  N S 149 
LEU C    C  N N 150 
LEU O    O  N N 151 
LEU CB   C  N N 152 
LEU CG   C  N N 153 
LEU CD1  C  N N 154 
LEU CD2  C  N N 155 
LEU OXT  O  N N 156 
LEU H    H  N N 157 
LEU H2   H  N N 158 
LEU HA   H  N N 159 
LEU HB2  H  N N 160 
LEU HB3  H  N N 161 
LEU HG   H  N N 162 
LEU HD11 H  N N 163 
LEU HD12 H  N N 164 
LEU HD13 H  N N 165 
LEU HD21 H  N N 166 
LEU HD22 H  N N 167 
LEU HD23 H  N N 168 
LEU HXT  H  N N 169 
LYS N    N  N N 170 
LYS CA   C  N S 171 
LYS C    C  N N 172 
LYS O    O  N N 173 
LYS CB   C  N N 174 
LYS CG   C  N N 175 
LYS CD   C  N N 176 
LYS CE   C  N N 177 
LYS NZ   N  N N 178 
LYS OXT  O  N N 179 
LYS H    H  N N 180 
LYS H2   H  N N 181 
LYS HA   H  N N 182 
LYS HB2  H  N N 183 
LYS HB3  H  N N 184 
LYS HG2  H  N N 185 
LYS HG3  H  N N 186 
LYS HD2  H  N N 187 
LYS HD3  H  N N 188 
LYS HE2  H  N N 189 
LYS HE3  H  N N 190 
LYS HZ1  H  N N 191 
LYS HZ2  H  N N 192 
LYS HZ3  H  N N 193 
LYS HXT  H  N N 194 
MET N    N  N N 195 
MET CA   C  N S 196 
MET C    C  N N 197 
MET O    O  N N 198 
MET CB   C  N N 199 
MET CG   C  N N 200 
MET SD   S  N N 201 
MET CE   C  N N 202 
MET OXT  O  N N 203 
MET H    H  N N 204 
MET H2   H  N N 205 
MET HA   H  N N 206 
MET HB2  H  N N 207 
MET HB3  H  N N 208 
MET HG2  H  N N 209 
MET HG3  H  N N 210 
MET HE1  H  N N 211 
MET HE2  H  N N 212 
MET HE3  H  N N 213 
MET HXT  H  N N 214 
MSE N    N  N N 215 
MSE CA   C  N S 216 
MSE C    C  N N 217 
MSE O    O  N N 218 
MSE OXT  O  N N 219 
MSE CB   C  N N 220 
MSE CG   C  N N 221 
MSE SE   SE N N 222 
MSE CE   C  N N 223 
MSE H    H  N N 224 
MSE H2   H  N N 225 
MSE HA   H  N N 226 
MSE HXT  H  N N 227 
MSE HB2  H  N N 228 
MSE HB3  H  N N 229 
MSE HG2  H  N N 230 
MSE HG3  H  N N 231 
MSE HE1  H  N N 232 
MSE HE2  H  N N 233 
MSE HE3  H  N N 234 
PHE N    N  N N 235 
PHE CA   C  N S 236 
PHE C    C  N N 237 
PHE O    O  N N 238 
PHE CB   C  N N 239 
PHE CG   C  Y N 240 
PHE CD1  C  Y N 241 
PHE CD2  C  Y N 242 
PHE CE1  C  Y N 243 
PHE CE2  C  Y N 244 
PHE CZ   C  Y N 245 
PHE OXT  O  N N 246 
PHE H    H  N N 247 
PHE H2   H  N N 248 
PHE HA   H  N N 249 
PHE HB2  H  N N 250 
PHE HB3  H  N N 251 
PHE HD1  H  N N 252 
PHE HD2  H  N N 253 
PHE HE1  H  N N 254 
PHE HE2  H  N N 255 
PHE HZ   H  N N 256 
PHE HXT  H  N N 257 
PRO N    N  N N 258 
PRO CA   C  N S 259 
PRO C    C  N N 260 
PRO O    O  N N 261 
PRO CB   C  N N 262 
PRO CG   C  N N 263 
PRO CD   C  N N 264 
PRO OXT  O  N N 265 
PRO H    H  N N 266 
PRO HA   H  N N 267 
PRO HB2  H  N N 268 
PRO HB3  H  N N 269 
PRO HG2  H  N N 270 
PRO HG3  H  N N 271 
PRO HD2  H  N N 272 
PRO HD3  H  N N 273 
PRO HXT  H  N N 274 
SER N    N  N N 275 
SER CA   C  N S 276 
SER C    C  N N 277 
SER O    O  N N 278 
SER CB   C  N N 279 
SER OG   O  N N 280 
SER OXT  O  N N 281 
SER H    H  N N 282 
SER H2   H  N N 283 
SER HA   H  N N 284 
SER HB2  H  N N 285 
SER HB3  H  N N 286 
SER HG   H  N N 287 
SER HXT  H  N N 288 
TYR N    N  N N 289 
TYR CA   C  N S 290 
TYR C    C  N N 291 
TYR O    O  N N 292 
TYR CB   C  N N 293 
TYR CG   C  Y N 294 
TYR CD1  C  Y N 295 
TYR CD2  C  Y N 296 
TYR CE1  C  Y N 297 
TYR CE2  C  Y N 298 
TYR CZ   C  Y N 299 
TYR OH   O  N N 300 
TYR OXT  O  N N 301 
TYR H    H  N N 302 
TYR H2   H  N N 303 
TYR HA   H  N N 304 
TYR HB2  H  N N 305 
TYR HB3  H  N N 306 
TYR HD1  H  N N 307 
TYR HD2  H  N N 308 
TYR HE1  H  N N 309 
TYR HE2  H  N N 310 
TYR HH   H  N N 311 
TYR HXT  H  N N 312 
VAL N    N  N N 313 
VAL CA   C  N S 314 
VAL C    C  N N 315 
VAL O    O  N N 316 
VAL CB   C  N N 317 
VAL CG1  C  N N 318 
VAL CG2  C  N N 319 
VAL OXT  O  N N 320 
VAL H    H  N N 321 
VAL H2   H  N N 322 
VAL HA   H  N N 323 
VAL HB   H  N N 324 
VAL HG11 H  N N 325 
VAL HG12 H  N N 326 
VAL HG13 H  N N 327 
VAL HG21 H  N N 328 
VAL HG22 H  N N 329 
VAL HG23 H  N N 330 
VAL HXT  H  N N 331 
# 
loop_
_chem_comp_bond.comp_id 
_chem_comp_bond.atom_id_1 
_chem_comp_bond.atom_id_2 
_chem_comp_bond.value_order 
_chem_comp_bond.pdbx_aromatic_flag 
_chem_comp_bond.pdbx_stereo_config 
_chem_comp_bond.pdbx_ordinal 
ALA N   CA   sing N N 1   
ALA N   H    sing N N 2   
ALA N   H2   sing N N 3   
ALA CA  C    sing N N 4   
ALA CA  CB   sing N N 5   
ALA CA  HA   sing N N 6   
ALA C   O    doub N N 7   
ALA C   OXT  sing N N 8   
ALA CB  HB1  sing N N 9   
ALA CB  HB2  sing N N 10  
ALA CB  HB3  sing N N 11  
ALA OXT HXT  sing N N 12  
ARG N   CA   sing N N 13  
ARG N   H    sing N N 14  
ARG N   H2   sing N N 15  
ARG CA  C    sing N N 16  
ARG CA  CB   sing N N 17  
ARG CA  HA   sing N N 18  
ARG C   O    doub N N 19  
ARG C   OXT  sing N N 20  
ARG CB  CG   sing N N 21  
ARG CB  HB2  sing N N 22  
ARG CB  HB3  sing N N 23  
ARG CG  CD   sing N N 24  
ARG CG  HG2  sing N N 25  
ARG CG  HG3  sing N N 26  
ARG CD  NE   sing N N 27  
ARG CD  HD2  sing N N 28  
ARG CD  HD3  sing N N 29  
ARG NE  CZ   sing N N 30  
ARG NE  HE   sing N N 31  
ARG CZ  NH1  sing N N 32  
ARG CZ  NH2  doub N N 33  
ARG NH1 HH11 sing N N 34  
ARG NH1 HH12 sing N N 35  
ARG NH2 HH21 sing N N 36  
ARG NH2 HH22 sing N N 37  
ARG OXT HXT  sing N N 38  
ASN N   CA   sing N N 39  
ASN N   H    sing N N 40  
ASN N   H2   sing N N 41  
ASN CA  C    sing N N 42  
ASN CA  CB   sing N N 43  
ASN CA  HA   sing N N 44  
ASN C   O    doub N N 45  
ASN C   OXT  sing N N 46  
ASN CB  CG   sing N N 47  
ASN CB  HB2  sing N N 48  
ASN CB  HB3  sing N N 49  
ASN CG  OD1  doub N N 50  
ASN CG  ND2  sing N N 51  
ASN ND2 HD21 sing N N 52  
ASN ND2 HD22 sing N N 53  
ASN OXT HXT  sing N N 54  
ASP N   CA   sing N N 55  
ASP N   H    sing N N 56  
ASP N   H2   sing N N 57  
ASP CA  C    sing N N 58  
ASP CA  CB   sing N N 59  
ASP CA  HA   sing N N 60  
ASP C   O    doub N N 61  
ASP C   OXT  sing N N 62  
ASP CB  CG   sing N N 63  
ASP CB  HB2  sing N N 64  
ASP CB  HB3  sing N N 65  
ASP CG  OD1  doub N N 66  
ASP CG  OD2  sing N N 67  
ASP OD2 HD2  sing N N 68  
ASP OXT HXT  sing N N 69  
GLN N   CA   sing N N 70  
GLN N   H    sing N N 71  
GLN N   H2   sing N N 72  
GLN CA  C    sing N N 73  
GLN CA  CB   sing N N 74  
GLN CA  HA   sing N N 75  
GLN C   O    doub N N 76  
GLN C   OXT  sing N N 77  
GLN CB  CG   sing N N 78  
GLN CB  HB2  sing N N 79  
GLN CB  HB3  sing N N 80  
GLN CG  CD   sing N N 81  
GLN CG  HG2  sing N N 82  
GLN CG  HG3  sing N N 83  
GLN CD  OE1  doub N N 84  
GLN CD  NE2  sing N N 85  
GLN NE2 HE21 sing N N 86  
GLN NE2 HE22 sing N N 87  
GLN OXT HXT  sing N N 88  
GLU N   CA   sing N N 89  
GLU N   H    sing N N 90  
GLU N   H2   sing N N 91  
GLU CA  C    sing N N 92  
GLU CA  CB   sing N N 93  
GLU CA  HA   sing N N 94  
GLU C   O    doub N N 95  
GLU C   OXT  sing N N 96  
GLU CB  CG   sing N N 97  
GLU CB  HB2  sing N N 98  
GLU CB  HB3  sing N N 99  
GLU CG  CD   sing N N 100 
GLU CG  HG2  sing N N 101 
GLU CG  HG3  sing N N 102 
GLU CD  OE1  doub N N 103 
GLU CD  OE2  sing N N 104 
GLU OE2 HE2  sing N N 105 
GLU OXT HXT  sing N N 106 
GLY N   CA   sing N N 107 
GLY N   H    sing N N 108 
GLY N   H2   sing N N 109 
GLY CA  C    sing N N 110 
GLY CA  HA2  sing N N 111 
GLY CA  HA3  sing N N 112 
GLY C   O    doub N N 113 
GLY C   OXT  sing N N 114 
GLY OXT HXT  sing N N 115 
HOH O   H1   sing N N 116 
HOH O   H2   sing N N 117 
ILE N   CA   sing N N 118 
ILE N   H    sing N N 119 
ILE N   H2   sing N N 120 
ILE CA  C    sing N N 121 
ILE CA  CB   sing N N 122 
ILE CA  HA   sing N N 123 
ILE C   O    doub N N 124 
ILE C   OXT  sing N N 125 
ILE CB  CG1  sing N N 126 
ILE CB  CG2  sing N N 127 
ILE CB  HB   sing N N 128 
ILE CG1 CD1  sing N N 129 
ILE CG1 HG12 sing N N 130 
ILE CG1 HG13 sing N N 131 
ILE CG2 HG21 sing N N 132 
ILE CG2 HG22 sing N N 133 
ILE CG2 HG23 sing N N 134 
ILE CD1 HD11 sing N N 135 
ILE CD1 HD12 sing N N 136 
ILE CD1 HD13 sing N N 137 
ILE OXT HXT  sing N N 138 
LEU N   CA   sing N N 139 
LEU N   H    sing N N 140 
LEU N   H2   sing N N 141 
LEU CA  C    sing N N 142 
LEU CA  CB   sing N N 143 
LEU CA  HA   sing N N 144 
LEU C   O    doub N N 145 
LEU C   OXT  sing N N 146 
LEU CB  CG   sing N N 147 
LEU CB  HB2  sing N N 148 
LEU CB  HB3  sing N N 149 
LEU CG  CD1  sing N N 150 
LEU CG  CD2  sing N N 151 
LEU CG  HG   sing N N 152 
LEU CD1 HD11 sing N N 153 
LEU CD1 HD12 sing N N 154 
LEU CD1 HD13 sing N N 155 
LEU CD2 HD21 sing N N 156 
LEU CD2 HD22 sing N N 157 
LEU CD2 HD23 sing N N 158 
LEU OXT HXT  sing N N 159 
LYS N   CA   sing N N 160 
LYS N   H    sing N N 161 
LYS N   H2   sing N N 162 
LYS CA  C    sing N N 163 
LYS CA  CB   sing N N 164 
LYS CA  HA   sing N N 165 
LYS C   O    doub N N 166 
LYS C   OXT  sing N N 167 
LYS CB  CG   sing N N 168 
LYS CB  HB2  sing N N 169 
LYS CB  HB3  sing N N 170 
LYS CG  CD   sing N N 171 
LYS CG  HG2  sing N N 172 
LYS CG  HG3  sing N N 173 
LYS CD  CE   sing N N 174 
LYS CD  HD2  sing N N 175 
LYS CD  HD3  sing N N 176 
LYS CE  NZ   sing N N 177 
LYS CE  HE2  sing N N 178 
LYS CE  HE3  sing N N 179 
LYS NZ  HZ1  sing N N 180 
LYS NZ  HZ2  sing N N 181 
LYS NZ  HZ3  sing N N 182 
LYS OXT HXT  sing N N 183 
MET N   CA   sing N N 184 
MET N   H    sing N N 185 
MET N   H2   sing N N 186 
MET CA  C    sing N N 187 
MET CA  CB   sing N N 188 
MET CA  HA   sing N N 189 
MET C   O    doub N N 190 
MET C   OXT  sing N N 191 
MET CB  CG   sing N N 192 
MET CB  HB2  sing N N 193 
MET CB  HB3  sing N N 194 
MET CG  SD   sing N N 195 
MET CG  HG2  sing N N 196 
MET CG  HG3  sing N N 197 
MET SD  CE   sing N N 198 
MET CE  HE1  sing N N 199 
MET CE  HE2  sing N N 200 
MET CE  HE3  sing N N 201 
MET OXT HXT  sing N N 202 
MSE N   CA   sing N N 203 
MSE N   H    sing N N 204 
MSE N   H2   sing N N 205 
MSE CA  C    sing N N 206 
MSE CA  CB   sing N N 207 
MSE CA  HA   sing N N 208 
MSE C   O    doub N N 209 
MSE C   OXT  sing N N 210 
MSE OXT HXT  sing N N 211 
MSE CB  CG   sing N N 212 
MSE CB  HB2  sing N N 213 
MSE CB  HB3  sing N N 214 
MSE CG  SE   sing N N 215 
MSE CG  HG2  sing N N 216 
MSE CG  HG3  sing N N 217 
MSE SE  CE   sing N N 218 
MSE CE  HE1  sing N N 219 
MSE CE  HE2  sing N N 220 
MSE CE  HE3  sing N N 221 
PHE N   CA   sing N N 222 
PHE N   H    sing N N 223 
PHE N   H2   sing N N 224 
PHE CA  C    sing N N 225 
PHE CA  CB   sing N N 226 
PHE CA  HA   sing N N 227 
PHE C   O    doub N N 228 
PHE C   OXT  sing N N 229 
PHE CB  CG   sing N N 230 
PHE CB  HB2  sing N N 231 
PHE CB  HB3  sing N N 232 
PHE CG  CD1  doub Y N 233 
PHE CG  CD2  sing Y N 234 
PHE CD1 CE1  sing Y N 235 
PHE CD1 HD1  sing N N 236 
PHE CD2 CE2  doub Y N 237 
PHE CD2 HD2  sing N N 238 
PHE CE1 CZ   doub Y N 239 
PHE CE1 HE1  sing N N 240 
PHE CE2 CZ   sing Y N 241 
PHE CE2 HE2  sing N N 242 
PHE CZ  HZ   sing N N 243 
PHE OXT HXT  sing N N 244 
PRO N   CA   sing N N 245 
PRO N   CD   sing N N 246 
PRO N   H    sing N N 247 
PRO CA  C    sing N N 248 
PRO CA  CB   sing N N 249 
PRO CA  HA   sing N N 250 
PRO C   O    doub N N 251 
PRO C   OXT  sing N N 252 
PRO CB  CG   sing N N 253 
PRO CB  HB2  sing N N 254 
PRO CB  HB3  sing N N 255 
PRO CG  CD   sing N N 256 
PRO CG  HG2  sing N N 257 
PRO CG  HG3  sing N N 258 
PRO CD  HD2  sing N N 259 
PRO CD  HD3  sing N N 260 
PRO OXT HXT  sing N N 261 
SER N   CA   sing N N 262 
SER N   H    sing N N 263 
SER N   H2   sing N N 264 
SER CA  C    sing N N 265 
SER CA  CB   sing N N 266 
SER CA  HA   sing N N 267 
SER C   O    doub N N 268 
SER C   OXT  sing N N 269 
SER CB  OG   sing N N 270 
SER CB  HB2  sing N N 271 
SER CB  HB3  sing N N 272 
SER OG  HG   sing N N 273 
SER OXT HXT  sing N N 274 
TYR N   CA   sing N N 275 
TYR N   H    sing N N 276 
TYR N   H2   sing N N 277 
TYR CA  C    sing N N 278 
TYR CA  CB   sing N N 279 
TYR CA  HA   sing N N 280 
TYR C   O    doub N N 281 
TYR C   OXT  sing N N 282 
TYR CB  CG   sing N N 283 
TYR CB  HB2  sing N N 284 
TYR CB  HB3  sing N N 285 
TYR CG  CD1  doub Y N 286 
TYR CG  CD2  sing Y N 287 
TYR CD1 CE1  sing Y N 288 
TYR CD1 HD1  sing N N 289 
TYR CD2 CE2  doub Y N 290 
TYR CD2 HD2  sing N N 291 
TYR CE1 CZ   doub Y N 292 
TYR CE1 HE1  sing N N 293 
TYR CE2 CZ   sing Y N 294 
TYR CE2 HE2  sing N N 295 
TYR CZ  OH   sing N N 296 
TYR OH  HH   sing N N 297 
TYR OXT HXT  sing N N 298 
VAL N   CA   sing N N 299 
VAL N   H    sing N N 300 
VAL N   H2   sing N N 301 
VAL CA  C    sing N N 302 
VAL CA  CB   sing N N 303 
VAL CA  HA   sing N N 304 
VAL C   O    doub N N 305 
VAL C   OXT  sing N N 306 
VAL CB  CG1  sing N N 307 
VAL CB  CG2  sing N N 308 
VAL CB  HB   sing N N 309 
VAL CG1 HG11 sing N N 310 
VAL CG1 HG12 sing N N 311 
VAL CG1 HG13 sing N N 312 
VAL CG2 HG21 sing N N 313 
VAL CG2 HG22 sing N N 314 
VAL CG2 HG23 sing N N 315 
VAL OXT HXT  sing N N 316 
# 
_atom_sites.entry_id                    2OOA 
_atom_sites.fract_transf_matrix[1][1]   -0.02065761 
_atom_sites.fract_transf_matrix[1][2]   -0.00497347 
_atom_sites.fract_transf_matrix[1][3]   0.00427669 
_atom_sites.fract_transf_matrix[2][1]   -0.00062021 
_atom_sites.fract_transf_matrix[2][2]   0.01440049 
_atom_sites.fract_transf_matrix[2][3]   0.01375090 
_atom_sites.fract_transf_matrix[3][1]   -0.00384238 
_atom_sites.fract_transf_matrix[3][2]   0.00831905 
_atom_sites.fract_transf_matrix[3][3]   -0.00888534 
_atom_sites.fract_transf_vector[1]      -0.032801 
_atom_sites.fract_transf_vector[2]      0.279610 
_atom_sites.fract_transf_vector[3]      0.004176 
# 
loop_
_atom_type.symbol 
C  
N  
O  
SE 
# 
loop_
_atom_site.group_PDB 
_atom_site.id 
_atom_site.type_symbol 
_atom_site.label_atom_id 
_atom_site.label_alt_id 
_atom_site.label_comp_id 
_atom_site.label_asym_id 
_atom_site.label_entity_id 
_atom_site.label_seq_id 
_atom_site.pdbx_PDB_ins_code 
_atom_site.Cartn_x 
_atom_site.Cartn_y 
_atom_site.Cartn_z 
_atom_site.occupancy 
_atom_site.B_iso_or_equiv 
_atom_site.pdbx_formal_charge 
_atom_site.auth_seq_id 
_atom_site.auth_comp_id 
_atom_site.auth_asym_id 
_atom_site.auth_atom_id 
_atom_site.pdbx_PDB_model_num 
ATOM   1   N  N   . VAL A 1 11 ? 5.199   -10.051 -2.393  1.00 18.92 ? 932 VAL A N   1 
ATOM   2   C  CA  . VAL A 1 11 ? 5.206   -9.129  -1.227  1.00 18.81 ? 932 VAL A CA  1 
ATOM   3   C  C   . VAL A 1 11 ? 4.390   -7.876  -1.536  1.00 18.29 ? 932 VAL A C   1 
ATOM   4   O  O   . VAL A 1 11 ? 3.628   -7.427  -0.692  1.00 18.27 ? 932 VAL A O   1 
ATOM   5   C  CB  . VAL A 1 11 ? 6.655   -8.811  -0.732  1.00 18.86 ? 932 VAL A CB  1 
ATOM   6   C  CG1 . VAL A 1 11 ? 7.525   -8.252  -1.855  1.00 19.82 ? 932 VAL A CG1 1 
ATOM   7   C  CG2 . VAL A 1 11 ? 6.654   -7.909  0.486   1.00 19.30 ? 932 VAL A CG2 1 
ATOM   8   N  N   . ASP A 1 12 ? 4.513   -7.336  -2.749  1.00 18.32 ? 933 ASP A N   1 
ATOM   9   C  CA  . ASP A 1 12 ? 3.748   -6.136  -3.104  1.00 17.66 ? 933 ASP A CA  1 
ATOM   10  C  C   . ASP A 1 12 ? 2.233   -6.360  -3.011  1.00 17.57 ? 933 ASP A C   1 
ATOM   11  O  O   . ASP A 1 12 ? 1.511   -5.484  -2.529  1.00 18.35 ? 933 ASP A O   1 
ATOM   12  C  CB  . ASP A 1 12 ? 4.186   -5.579  -4.461  1.00 18.41 ? 933 ASP A CB  1 
ATOM   13  C  CG  . ASP A 1 12 ? 5.598   -4.982  -4.425  1.00 18.15 ? 933 ASP A CG  1 
ATOM   14  O  OD1 . ASP A 1 12 ? 6.236   -4.920  -5.485  1.00 20.73 ? 933 ASP A OD1 1 
ATOM   15  O  OD2 . ASP A 1 12 ? 6.066   -4.552  -3.338  1.00 20.95 ? 933 ASP A OD2 1 
ATOM   16  N  N   . ALA A 1 13 ? 1.762   -7.549  -3.393  1.00 17.40 ? 934 ALA A N   1 
ATOM   17  C  CA  . ALA A 1 13 ? 0.338   -7.905  -3.233  1.00 16.85 ? 934 ALA A CA  1 
ATOM   18  C  C   . ALA A 1 13 ? -0.058  -8.064  -1.771  1.00 16.68 ? 934 ALA A C   1 
ATOM   19  O  O   . ALA A 1 13 ? -1.166  -7.693  -1.370  1.00 17.08 ? 934 ALA A O   1 
ATOM   20  C  CB  . ALA A 1 13 ? 0.006   -9.168  -4.009  1.00 17.24 ? 934 ALA A CB  1 
ATOM   21  N  N   . LYS A 1 14 ? 0.865   -8.605  -0.982  1.00 16.40 ? 935 LYS A N   1 
ATOM   22  C  CA  . LYS A 1 14 ? 0.670   -8.767  0.449   1.00 16.29 ? 935 LYS A CA  1 
ATOM   23  C  C   . LYS A 1 14 ? 0.671   -7.437  1.215   1.00 16.67 ? 935 LYS A C   1 
ATOM   24  O  O   . LYS A 1 14 ? -0.154  -7.248  2.108   1.00 15.32 ? 935 LYS A O   1 
ATOM   25  C  CB  . LYS A 1 14 ? 1.714   -9.750  0.986   1.00 16.09 ? 935 LYS A CB  1 
ATOM   26  C  CG  . LYS A 1 14 ? 1.592   -11.126 0.340   1.00 16.44 ? 935 LYS A CG  1 
ATOM   27  C  CD  . LYS A 1 14 ? 2.653   -12.119 0.809   1.00 15.94 ? 935 LYS A CD  1 
ATOM   28  C  CE  . LYS A 1 14 ? 2.315   -13.511 0.263   1.00 15.75 ? 935 LYS A CE  1 
ATOM   29  N  NZ  . LYS A 1 14 ? 3.388   -14.489 0.513   1.00 15.22 ? 935 LYS A NZ  1 
ATOM   30  N  N   . ILE A 1 15 ? 1.573   -6.522  0.852   1.00 16.01 ? 936 ILE A N   1 
ATOM   31  C  CA  . ILE A 1 15 ? 1.597   -5.178  1.446   1.00 16.98 ? 936 ILE A CA  1 
ATOM   32  C  C   . ILE A 1 15 ? 0.272   -4.464  1.102   1.00 16.76 ? 936 ILE A C   1 
ATOM   33  O  O   . ILE A 1 15 ? -0.364  -3.846  1.966   1.00 17.07 ? 936 ILE A O   1 
ATOM   34  C  CB  . ILE A 1 15 ? 2.821   -4.364  0.951   1.00 17.48 ? 936 ILE A CB  1 
ATOM   35  C  CG1 . ILE A 1 15 ? 4.115   -4.856  1.612   1.00 17.33 ? 936 ILE A CG1 1 
ATOM   36  C  CG2 . ILE A 1 15 ? 2.596   -2.843  1.135   1.00 17.62 ? 936 ILE A CG2 1 
ATOM   37  C  CD1 . ILE A 1 15 ? 5.376   -4.370  0.918   1.00 17.99 ? 936 ILE A CD1 1 
ATOM   38  N  N   . ALA A 1 16 ? -0.158  -4.570  -0.156  1.00 17.48 ? 937 ALA A N   1 
ATOM   39  C  CA  . ALA A 1 16 ? -1.385  -3.895  -0.573  1.00 16.90 ? 937 ALA A CA  1 
ATOM   40  C  C   . ALA A 1 16 ? -2.617  -4.477  0.107   1.00 17.07 ? 937 ALA A C   1 
ATOM   41  O  O   . ALA A 1 16 ? -3.546  -3.730  0.458   1.00 16.99 ? 937 ALA A O   1 
ATOM   42  C  CB  . ALA A 1 16 ? -1.542  -3.937  -2.086  1.00 17.29 ? 937 ALA A CB  1 
ATOM   43  N  N   . LYS A 1 17 ? -2.630  -5.796  0.282   1.00 16.52 ? 938 LYS A N   1 
ATOM   44  C  CA  . LYS A 1 17 ? -3.733  -6.445  0.969   1.00 17.19 ? 938 LYS A CA  1 
ATOM   45  C  C   . LYS A 1 17 ? -3.828  -5.892  2.384   1.00 16.80 ? 938 LYS A C   1 
ATOM   46  O  O   . LYS A 1 17 ? -4.893  -5.438  2.809   1.00 17.16 ? 938 LYS A O   1 
ATOM   47  C  CB  . LYS A 1 17 ? -3.558  -7.973  0.968   1.00 17.59 ? 938 LYS A CB  1 
ATOM   48  C  CG  . LYS A 1 17 ? -4.680  -8.741  1.669   1.00 18.41 ? 938 LYS A CG  1 
ATOM   49  C  CD  . LYS A 1 17 ? -5.833  -9.014  0.704   1.00 21.53 ? 938 LYS A CD  1 
ATOM   50  C  CE  . LYS A 1 17 ? -7.150  -9.273  1.438   1.00 23.07 ? 938 LYS A CE  1 
ATOM   51  N  NZ  . LYS A 1 17 ? -7.598  -8.054  2.167   1.00 21.48 ? 938 LYS A NZ  1 
ATOM   52  N  N   . LEU A 1 18 ? -2.709  -5.891  3.105   1.00 16.04 ? 939 LEU A N   1 
ATOM   53  C  CA  . LEU A 1 18 ? -2.731  -5.465  4.484   1.00 14.74 ? 939 LEU A CA  1 
ATOM   54  C  C   . LEU A 1 18 ? -2.974  -3.962  4.642   1.00 14.32 ? 939 LEU A C   1 
ATOM   55  O  O   . LEU A 1 18 ? -3.659  -3.556  5.565   1.00 13.30 ? 939 LEU A O   1 
ATOM   56  C  CB  . LEU A 1 18 ? -1.473  -5.940  5.227   1.00 14.76 ? 939 LEU A CB  1 
ATOM   57  C  CG  . LEU A 1 18 ? -1.369  -7.466  5.329   1.00 14.90 ? 939 LEU A CG  1 
ATOM   58  C  CD1 . LEU A 1 18 ? 0.006   -7.853  5.881   1.00 15.41 ? 939 LEU A CD1 1 
ATOM   59  C  CD2 . LEU A 1 18 ? -2.493  -8.031  6.205   1.00 15.68 ? 939 LEU A CD2 1 
HETATM 60  N  N   . MSE A 1 19 ? -2.433  -3.132  3.750   1.00 14.18 ? 940 MSE A N   1 
HETATM 61  C  CA  . MSE A 1 19 ? -2.729  -1.692  3.837   1.00 15.11 ? 940 MSE A CA  1 
HETATM 62  C  C   . MSE A 1 19 ? -4.185  -1.407  3.476   1.00 15.13 ? 940 MSE A C   1 
HETATM 63  O  O   . MSE A 1 19 ? -4.799  -0.484  4.028   1.00 15.83 ? 940 MSE A O   1 
HETATM 64  C  CB  . MSE A 1 19 ? -1.786  -0.874  2.957   1.00 15.21 ? 940 MSE A CB  1 
HETATM 65  C  CG  . MSE A 1 19 ? -0.360  -0.912  3.475   1.00 15.36 ? 940 MSE A CG  1 
HETATM 66  SE SE  . MSE A 1 19 ? 0.751   0.431   2.678   0.70 16.65 ? 940 MSE A SE  1 
HETATM 67  C  CE  . MSE A 1 19 ? 0.186   1.930   3.686   1.00 16.87 ? 940 MSE A CE  1 
ATOM   68  N  N   . GLY A 1 20 ? -4.735  -2.206  2.566   1.00 15.71 ? 941 GLY A N   1 
ATOM   69  C  CA  . GLY A 1 20 ? -6.164  -2.125  2.231   1.00 15.52 ? 941 GLY A CA  1 
ATOM   70  C  C   . GLY A 1 20 ? -7.066  -2.456  3.404   1.00 15.71 ? 941 GLY A C   1 
ATOM   71  O  O   . GLY A 1 20 ? -8.249  -2.080  3.424   1.00 16.10 ? 941 GLY A O   1 
ATOM   72  N  N   . GLU A 1 21 ? -6.499  -3.160  4.377   1.00 15.30 ? 942 GLU A N   1 
ATOM   73  C  CA  . GLU A 1 21 ? -7.223  -3.529  5.583   1.00 15.36 ? 942 GLU A CA  1 
ATOM   74  C  C   . GLU A 1 21 ? -7.049  -2.483  6.679   1.00 15.51 ? 942 GLU A C   1 
ATOM   75  O  O   . GLU A 1 21 ? -7.601  -2.637  7.782   1.00 16.92 ? 942 GLU A O   1 
ATOM   76  C  CB  . GLU A 1 21 ? -6.767  -4.901  6.071   1.00 15.02 ? 942 GLU A CB  1 
ATOM   77  C  CG  . GLU A 1 21 ? -7.129  -6.032  5.126   1.00 16.02 ? 942 GLU A CG  1 
ATOM   78  C  CD  . GLU A 1 21 ? -6.513  -7.353  5.530   1.00 16.25 ? 942 GLU A CD  1 
ATOM   79  O  OE1 . GLU A 1 21 ? -6.296  -7.568  6.745   1.00 17.34 ? 942 GLU A OE1 1 
ATOM   80  O  OE2 . GLU A 1 21 ? -6.267  -8.171  4.615   1.00 18.20 ? 942 GLU A OE2 1 
ATOM   81  N  N   . GLY A 1 22 ? -6.271  -1.440  6.389   1.00 15.26 ? 943 GLY A N   1 
ATOM   82  C  CA  . GLY A 1 22 ? -6.180  -0.290  7.281   1.00 15.35 ? 943 GLY A CA  1 
ATOM   83  C  C   . GLY A 1 22 ? -4.871  -0.135  8.023   1.00 14.86 ? 943 GLY A C   1 
ATOM   84  O  O   . GLY A 1 22 ? -4.703  0.817   8.786   1.00 16.41 ? 943 GLY A O   1 
ATOM   85  N  N   . TYR A 1 23 ? -3.931  -1.050  7.807   1.00 12.83 ? 944 TYR A N   1 
ATOM   86  C  CA  . TYR A 1 23 ? -2.664  -0.959  8.515   1.00 12.73 ? 944 TYR A CA  1 
ATOM   87  C  C   . TYR A 1 23 ? -1.688  -0.053  7.777   1.00 12.42 ? 944 TYR A C   1 
ATOM   88  O  O   . TYR A 1 23 ? -1.825  0.167   6.570   1.00 12.78 ? 944 TYR A O   1 
ATOM   89  C  CB  . TYR A 1 23 ? -2.074  -2.349  8.752   1.00 13.12 ? 944 TYR A CB  1 
ATOM   90  C  CG  . TYR A 1 23 ? -3.011  -3.271  9.511   1.00 12.99 ? 944 TYR A CG  1 
ATOM   91  C  CD1 . TYR A 1 23 ? -3.173  -3.153  10.895  1.00 14.64 ? 944 TYR A CD1 1 
ATOM   92  C  CD2 . TYR A 1 23 ? -3.728  -4.269  8.842   1.00 13.49 ? 944 TYR A CD2 1 
ATOM   93  C  CE1 . TYR A 1 23 ? -4.039  -4.005  11.589  1.00 13.23 ? 944 TYR A CE1 1 
ATOM   94  C  CE2 . TYR A 1 23 ? -4.598  -5.128  9.528   1.00 15.10 ? 944 TYR A CE2 1 
ATOM   95  C  CZ  . TYR A 1 23 ? -4.746  -4.983  10.896  1.00 15.44 ? 944 TYR A CZ  1 
ATOM   96  O  OH  . TYR A 1 23 ? -5.608  -5.826  11.565  1.00 15.94 ? 944 TYR A OH  1 
ATOM   97  N  N   . ALA A 1 24 ? -0.718  0.480   8.511   1.00 11.83 ? 945 ALA A N   1 
ATOM   98  C  CA  . ALA A 1 24 ? 0.256   1.441   7.970   1.00 11.13 ? 945 ALA A CA  1 
ATOM   99  C  C   . ALA A 1 24 ? 1.469   0.781   7.312   1.00 11.09 ? 945 ALA A C   1 
ATOM   100 O  O   . ALA A 1 24 ? 1.807   -0.362  7.620   1.00 10.70 ? 945 ALA A O   1 
ATOM   101 C  CB  . ALA A 1 24 ? 0.708   2.403   9.069   1.00 12.01 ? 945 ALA A CB  1 
ATOM   102 N  N   . PHE A 1 25 ? 2.142   1.518   6.427   1.00 11.36 ? 946 PHE A N   1 
ATOM   103 C  CA  . PHE A 1 25 ? 3.182   0.953   5.565   1.00 11.75 ? 946 PHE A CA  1 
ATOM   104 C  C   . PHE A 1 25 ? 4.296   0.250   6.341   1.00 11.44 ? 946 PHE A C   1 
ATOM   105 O  O   . PHE A 1 25 ? 4.614   -0.914  6.078   1.00 11.84 ? 946 PHE A O   1 
ATOM   106 C  CB  . PHE A 1 25 ? 3.774   2.071   4.680   1.00 12.18 ? 946 PHE A CB  1 
ATOM   107 C  CG  . PHE A 1 25 ? 4.650   1.592   3.544   1.00 13.66 ? 946 PHE A CG  1 
ATOM   108 C  CD1 . PHE A 1 25 ? 4.399   0.392   2.877   1.00 14.74 ? 946 PHE A CD1 1 
ATOM   109 C  CD2 . PHE A 1 25 ? 5.693   2.396   3.092   1.00 15.52 ? 946 PHE A CD2 1 
ATOM   110 C  CE1 . PHE A 1 25 ? 5.210   -0.012  1.805   1.00 16.02 ? 946 PHE A CE1 1 
ATOM   111 C  CE2 . PHE A 1 25 ? 6.497   2.002   2.024   1.00 15.62 ? 946 PHE A CE2 1 
ATOM   112 C  CZ  . PHE A 1 25 ? 6.255   0.794   1.381   1.00 15.66 ? 946 PHE A CZ  1 
ATOM   113 N  N   . GLU A 1 26 ? 4.879   0.955   7.303   1.00 12.36 ? 947 GLU A N   1 
ATOM   114 C  CA  . GLU A 1 26 ? 6.067   0.431   7.965   1.00 12.02 ? 947 GLU A CA  1 
ATOM   115 C  C   . GLU A 1 26 ? 5.738   -0.750  8.866   1.00 11.70 ? 947 GLU A C   1 
ATOM   116 O  O   . GLU A 1 26 ? 6.492   -1.720  8.896   1.00 11.45 ? 947 GLU A O   1 
ATOM   117 C  CB  . GLU A 1 26 ? 6.822   1.520   8.726   1.00 12.36 ? 947 GLU A CB  1 
ATOM   118 C  CG  . GLU A 1 26 ? 7.429   2.596   7.822   1.00 14.25 ? 947 GLU A CG  1 
ATOM   119 C  CD  . GLU A 1 26 ? 8.540   2.079   6.899   1.00 18.25 ? 947 GLU A CD  1 
ATOM   120 O  OE1 . GLU A 1 26 ? 8.668   2.618   5.772   1.00 19.46 ? 947 GLU A OE1 1 
ATOM   121 O  OE2 . GLU A 1 26 ? 9.293   1.156   7.292   1.00 18.54 ? 947 GLU A OE2 1 
ATOM   122 N  N   . GLU A 1 27 ? 4.610   -0.672  9.581   1.00 11.06 ? 948 GLU A N   1 
ATOM   123 C  CA  . GLU A 1 27 ? 4.177   -1.813  10.410  1.00 11.04 ? 948 GLU A CA  1 
ATOM   124 C  C   . GLU A 1 27 ? 3.855   -3.023  9.548   1.00 10.19 ? 948 GLU A C   1 
ATOM   125 O  O   . GLU A 1 27 ? 4.209   -4.159  9.910   1.00 9.76  ? 948 GLU A O   1 
ATOM   126 C  CB  . GLU A 1 27 ? 3.024   -1.453  11.394  1.00 12.11 ? 948 GLU A CB  1 
ATOM   127 C  CG  . GLU A 1 27 ? 1.710   -1.062  10.738  1.00 11.80 ? 948 GLU A CG  1 
ATOM   128 C  CD  . GLU A 1 27 ? 0.653   -0.484  11.686  1.00 12.41 ? 948 GLU A CD  1 
ATOM   129 O  OE1 . GLU A 1 27 ? 0.917   -0.209  12.881  1.00 13.56 ? 948 GLU A OE1 1 
ATOM   130 O  OE2 . GLU A 1 27 ? -0.490  -0.296  11.222  1.00 13.63 ? 948 GLU A OE2 1 
ATOM   131 N  N   . VAL A 1 28 ? 3.233   -2.791  8.396   1.00 10.00 ? 949 VAL A N   1 
ATOM   132 C  CA  . VAL A 1 28 ? 2.955   -3.891  7.462   1.00 9.34  ? 949 VAL A CA  1 
ATOM   133 C  C   . VAL A 1 28 ? 4.254   -4.551  6.970   1.00 10.21 ? 949 VAL A C   1 
ATOM   134 O  O   . VAL A 1 28 ? 4.390   -5.779  7.013   1.00 10.83 ? 949 VAL A O   1 
ATOM   135 C  CB  . VAL A 1 28 ? 2.043   -3.454  6.281   1.00 9.82  ? 949 VAL A CB  1 
ATOM   136 C  CG1 . VAL A 1 28 ? 2.008   -4.516  5.213   1.00 10.32 ? 949 VAL A CG1 1 
ATOM   137 C  CG2 . VAL A 1 28 ? 0.639   -3.216  6.786   1.00 9.51  ? 949 VAL A CG2 1 
ATOM   138 N  N   . LYS A 1 29 ? 5.204   -3.745  6.508   1.00 9.80  ? 950 LYS A N   1 
ATOM   139 C  CA  . LYS A 1 29 ? 6.439   -4.327  5.984   1.00 9.85  ? 950 LYS A CA  1 
ATOM   140 C  C   . LYS A 1 29 ? 7.163   -5.115  7.088   1.00 9.58  ? 950 LYS A C   1 
ATOM   141 O  O   . LYS A 1 29 ? 7.642   -6.212  6.842   1.00 10.11 ? 950 LYS A O   1 
ATOM   142 C  CB  . LYS A 1 29 ? 7.324   -3.258  5.377   1.00 10.11 ? 950 LYS A CB  1 
ATOM   143 C  CG  . LYS A 1 29 ? 6.856   -2.816  3.992   1.00 11.97 ? 950 LYS A CG  1 
ATOM   144 C  CD  . LYS A 1 29 ? 7.900   -1.937  3.326   1.00 14.67 ? 950 LYS A CD  1 
ATOM   145 C  CE  . LYS A 1 29 ? 8.111   -0.640  4.107   1.00 15.62 ? 950 LYS A CE  1 
ATOM   146 N  NZ  . LYS A 1 29 ? 9.158   0.222   3.503   1.00 16.45 ? 950 LYS A NZ  1 
ATOM   147 N  N   . ARG A 1 30 ? 7.195   -4.574  8.306   1.00 9.45  ? 951 ARG A N   1 
ATOM   148 C  CA  . ARG A 1 30 ? 7.899   -5.269  9.386   1.00 9.29  ? 951 ARG A CA  1 
ATOM   149 C  C   . ARG A 1 30 ? 7.175   -6.553  9.802   1.00 9.17  ? 951 ARG A C   1 
ATOM   150 O  O   . ARG A 1 30 ? 7.795   -7.573  10.092  1.00 9.41  ? 951 ARG A O   1 
ATOM   151 C  CB  . ARG A 1 30 ? 8.108   -4.352  10.589  1.00 9.35  ? 951 ARG A CB  1 
ATOM   152 C  CG  . ARG A 1 30 ? 8.898   -5.006  11.706  1.00 9.06  ? 951 ARG A CG  1 
ATOM   153 C  CD  . ARG A 1 30 ? 10.386  -5.130  11.388  1.00 11.90 ? 951 ARG A CD  1 
ATOM   154 N  NE  . ARG A 1 30 ? 11.098  -5.729  12.518  1.00 13.73 ? 951 ARG A NE  1 
ATOM   155 C  CZ  . ARG A 1 30 ? 11.797  -6.855  12.466  1.00 16.91 ? 951 ARG A CZ  1 
ATOM   156 N  NH1 . ARG A 1 30 ? 11.921  -7.530  11.328  1.00 19.26 ? 951 ARG A NH1 1 
ATOM   157 N  NH2 . ARG A 1 30 ? 12.384  -7.305  13.565  1.00 17.31 ? 951 ARG A NH2 1 
ATOM   158 N  N   . ALA A 1 31 ? 5.848   -6.500  9.868   1.00 9.38  ? 952 ALA A N   1 
ATOM   159 C  CA  . ALA A 1 31 ? 5.080   -7.701  10.218  1.00 9.92  ? 952 ALA A CA  1 
ATOM   160 C  C   . ALA A 1 31 ? 5.309   -8.803  9.193   1.00 10.73 ? 952 ALA A C   1 
ATOM   161 O  O   . ALA A 1 31 ? 5.446   -9.977  9.552   1.00 10.73 ? 952 ALA A O   1 
ATOM   162 C  CB  . ALA A 1 31 ? 3.601   -7.375  10.305  1.00 11.33 ? 952 ALA A CB  1 
ATOM   163 N  N   . LEU A 1 32 ? 5.337   -8.427  7.918   1.00 10.40 ? 953 LEU A N   1 
ATOM   164 C  CA  . LEU A 1 32 ? 5.613   -9.389  6.864   1.00 10.52 ? 953 LEU A CA  1 
ATOM   165 C  C   . LEU A 1 32 ? 7.012   -9.984  7.015   1.00 10.59 ? 953 LEU A C   1 
ATOM   166 O  O   . LEU A 1 32 ? 7.198   -11.180 6.819   1.00 10.22 ? 953 LEU A O   1 
ATOM   167 C  CB  . LEU A 1 32 ? 5.406   -8.765  5.479   1.00 10.65 ? 953 LEU A CB  1 
ATOM   168 C  CG  . LEU A 1 32 ? 3.914   -8.708  5.116   1.00 11.46 ? 953 LEU A CG  1 
ATOM   169 C  CD1 . LEU A 1 32 ? 3.701   -7.719  3.998   1.00 12.23 ? 953 LEU A CD1 1 
ATOM   170 C  CD2 . LEU A 1 32 ? 3.335   -10.067 4.688   1.00 11.51 ? 953 LEU A CD2 1 
ATOM   171 N  N   . GLU A 1 33 ? 7.988   -9.157  7.376   1.00 10.42 ? 954 GLU A N   1 
ATOM   172 C  CA  . GLU A 1 33 ? 9.359   -9.637  7.583   1.00 11.53 ? 954 GLU A CA  1 
ATOM   173 C  C   . GLU A 1 33 ? 9.388   -10.694 8.688   1.00 10.13 ? 954 GLU A C   1 
ATOM   174 O  O   . GLU A 1 33 ? 9.902   -11.801 8.505   1.00 10.31 ? 954 GLU A O   1 
ATOM   175 C  CB  . GLU A 1 33 ? 10.282  -8.458  7.938   1.00 11.01 ? 954 GLU A CB  1 
ATOM   176 C  CG  . GLU A 1 33 ? 10.526  -7.474  6.805   1.00 15.22 ? 954 GLU A CG  1 
ATOM   177 C  CD  . GLU A 1 33 ? 11.446  -6.301  7.194   1.00 15.88 ? 954 GLU A CD  1 
ATOM   178 O  OE1 . GLU A 1 33 ? 11.763  -6.126  8.406   1.00 20.97 ? 954 GLU A OE1 1 
ATOM   179 O  OE2 . GLU A 1 33 ? 11.867  -5.566  6.268   1.00 19.63 ? 954 GLU A OE2 1 
ATOM   180 N  N   . ILE A 1 34 ? 8.839   -10.348 9.845   1.00 9.46  ? 955 ILE A N   1 
ATOM   181 C  CA  . ILE A 1 34 ? 8.800   -11.272 10.982  1.00 9.14  ? 955 ILE A CA  1 
ATOM   182 C  C   . ILE A 1 34 ? 8.038   -12.549 10.622  1.00 9.63  ? 955 ILE A C   1 
ATOM   183 O  O   . ILE A 1 34 ? 8.441   -13.658 10.999  1.00 8.71  ? 955 ILE A O   1 
ATOM   184 C  CB  . ILE A 1 34 ? 8.157   -10.564 12.217  1.00 9.77  ? 955 ILE A CB  1 
ATOM   185 C  CG1 . ILE A 1 34 ? 9.035   -9.397  12.690  1.00 9.86  ? 955 ILE A CG1 1 
ATOM   186 C  CG2 . ILE A 1 34 ? 7.920   -11.537 13.375  1.00 8.78  ? 955 ILE A CG2 1 
ATOM   187 C  CD1 . ILE A 1 34 ? 8.373   -8.505  13.752  1.00 9.92  ? 955 ILE A CD1 1 
ATOM   188 N  N   . ALA A 1 35 ? 6.956   -12.376 9.872   1.00 9.40  ? 956 ALA A N   1 
ATOM   189 C  CA  . ALA A 1 35 ? 6.102   -13.500 9.444   1.00 10.10 ? 956 ALA A CA  1 
ATOM   190 C  C   . ALA A 1 35 ? 6.686   -14.341 8.311   1.00 10.88 ? 956 ALA A C   1 
ATOM   191 O  O   . ALA A 1 35 ? 6.045   -15.300 7.866   1.00 10.44 ? 956 ALA A O   1 
ATOM   192 C  CB  . ALA A 1 35 ? 4.700   -12.990 9.047   1.00 10.83 ? 956 ALA A CB  1 
ATOM   193 N  N   . GLN A 1 36 ? 7.881   -13.982 7.835   1.00 11.20 ? 957 GLN A N   1 
ATOM   194 C  CA  . GLN A 1 36 ? 8.457   -14.609 6.636   1.00 11.77 ? 957 GLN A CA  1 
ATOM   195 C  C   . GLN A 1 36 ? 7.452   -14.632 5.487   1.00 11.90 ? 957 GLN A C   1 
ATOM   196 O  O   . GLN A 1 36 ? 7.299   -15.638 4.786   1.00 12.85 ? 957 GLN A O   1 
ATOM   197 C  CB  . GLN A 1 36 ? 9.041   -15.996 6.949   1.00 11.75 ? 957 GLN A CB  1 
ATOM   198 C  CG  . GLN A 1 36 ? 10.257  -15.890 7.855   1.00 13.26 ? 957 GLN A CG  1 
ATOM   199 C  CD  . GLN A 1 36 ? 10.749  -17.229 8.368   1.00 17.44 ? 957 GLN A CD  1 
ATOM   200 O  OE1 . GLN A 1 36 ? 11.371  -17.300 9.430   1.00 20.07 ? 957 GLN A OE1 1 
ATOM   201 N  NE2 . GLN A 1 36 ? 10.476  -18.290 7.627   1.00 17.57 ? 957 GLN A NE2 1 
ATOM   202 N  N   . ASN A 1 37 ? 6.781   -13.488 5.319   1.00 12.31 ? 958 ASN A N   1 
ATOM   203 C  CA  . ASN A 1 37 ? 5.853   -13.226 4.210   1.00 12.81 ? 958 ASN A CA  1 
ATOM   204 C  C   . ASN A 1 37 ? 4.562   -14.040 4.218   1.00 12.41 ? 958 ASN A C   1 
ATOM   205 O  O   . ASN A 1 37 ? 3.845   -14.094 3.225   1.00 12.24 ? 958 ASN A O   1 
ATOM   206 C  CB  . ASN A 1 37 ? 6.581   -13.329 2.864   1.00 13.61 ? 958 ASN A CB  1 
ATOM   207 C  CG  . ASN A 1 37 ? 7.683   -12.299 2.738   1.00 14.93 ? 958 ASN A CG  1 
ATOM   208 O  OD1 . ASN A 1 37 ? 7.573   -11.194 3.282   1.00 16.12 ? 958 ASN A OD1 1 
ATOM   209 N  ND2 . ASN A 1 37 ? 8.752   -12.653 2.037   1.00 15.13 ? 958 ASN A ND2 1 
ATOM   210 N  N   . ASN A 1 38 ? 4.263   -14.673 5.345   1.00 12.03 ? 959 ASN A N   1 
ATOM   211 C  CA  . ASN A 1 38 ? 2.957   -15.292 5.522   1.00 11.65 ? 959 ASN A CA  1 
ATOM   212 C  C   . ASN A 1 38 ? 1.948   -14.213 5.913   1.00 11.75 ? 959 ASN A C   1 
ATOM   213 O  O   . ASN A 1 38 ? 2.016   -13.681 7.014   1.00 11.11 ? 959 ASN A O   1 
ATOM   214 C  CB  . ASN A 1 38 ? 3.031   -16.399 6.583   1.00 11.76 ? 959 ASN A CB  1 
ATOM   215 C  CG  . ASN A 1 38 ? 1.716   -17.142 6.752   1.00 12.65 ? 959 ASN A CG  1 
ATOM   216 O  OD1 . ASN A 1 38 ? 0.666   -16.544 6.984   1.00 13.22 ? 959 ASN A OD1 1 
ATOM   217 N  ND2 . ASN A 1 38 ? 1.772   -18.467 6.641   1.00 14.86 ? 959 ASN A ND2 1 
ATOM   218 N  N   . VAL A 1 39 ? 1.021   -13.895 5.009   1.00 12.00 ? 960 VAL A N   1 
ATOM   219 C  CA  . VAL A 1 39 ? 0.065   -12.790 5.214   1.00 11.92 ? 960 VAL A CA  1 
ATOM   220 C  C   . VAL A 1 39 ? -0.861  -12.994 6.417   1.00 11.82 ? 960 VAL A C   1 
ATOM   221 O  O   . VAL A 1 39 ? -1.115  -12.044 7.164   1.00 11.12 ? 960 VAL A O   1 
ATOM   222 C  CB  . VAL A 1 39 ? -0.776  -12.510 3.938   1.00 12.45 ? 960 VAL A CB  1 
ATOM   223 C  CG1 . VAL A 1 39 ? -1.731  -11.337 4.142   1.00 13.23 ? 960 VAL A CG1 1 
ATOM   224 C  CG2 . VAL A 1 39 ? 0.116   -12.226 2.823   1.00 14.49 ? 960 VAL A CG2 1 
ATOM   225 N  N   . GLU A 1 40 ? -1.325  -14.227 6.627   1.00 11.39 ? 961 GLU A N   1 
ATOM   226 C  CA  . GLU A 1 40 ? -2.188  -14.523 7.765   1.00 11.14 ? 961 GLU A CA  1 
ATOM   227 C  C   . GLU A 1 40 ? -1.442  -14.291 9.067   1.00 10.55 ? 961 GLU A C   1 
ATOM   228 O  O   . GLU A 1 40 ? -1.982  -13.709 10.009  1.00 9.78  ? 961 GLU A O   1 
ATOM   229 C  CB  . GLU A 1 40 ? -2.664  -15.969 7.716   1.00 11.08 ? 961 GLU A CB  1 
ATOM   230 C  CG  . GLU A 1 40 ? -3.791  -16.275 8.682   1.00 15.32 ? 961 GLU A CG  1 
ATOM   231 C  CD  . GLU A 1 40 ? -4.573  -17.520 8.292   1.00 19.32 ? 961 GLU A CD  1 
ATOM   232 O  OE1 . GLU A 1 40 ? -3.947  -18.541 7.904   1.00 20.69 ? 961 GLU A OE1 1 
ATOM   233 O  OE2 . GLU A 1 40 ? -5.824  -17.479 8.375   1.00 22.21 ? 961 GLU A OE2 1 
ATOM   234 N  N   . VAL A 1 41 ? -0.188  -14.738 9.108   1.00 10.92 ? 962 VAL A N   1 
ATOM   235 C  CA  . VAL A 1 41 ? 0.627   -14.580 10.307  1.00 11.30 ? 962 VAL A CA  1 
ATOM   236 C  C   . VAL A 1 41 ? 0.924   -13.088 10.512  1.00 11.35 ? 962 VAL A C   1 
ATOM   237 O  O   . VAL A 1 41 ? 0.845   -12.583 11.643  1.00 11.30 ? 962 VAL A O   1 
ATOM   238 C  CB  . VAL A 1 41 ? 1.928   -15.436 10.263  1.00 11.30 ? 962 VAL A CB  1 
ATOM   239 C  CG1 . VAL A 1 41 ? 2.861   -15.059 11.410  1.00 11.86 ? 962 VAL A CG1 1 
ATOM   240 C  CG2 . VAL A 1 41 ? 1.593   -16.933 10.345  1.00 12.05 ? 962 VAL A CG2 1 
ATOM   241 N  N   . ALA A 1 42 ? 1.209   -12.369 9.418   1.00 11.50 ? 963 ALA A N   1 
ATOM   242 C  CA  . ALA A 1 42 ? 1.515   -10.931 9.521   1.00 11.51 ? 963 ALA A CA  1 
ATOM   243 C  C   . ALA A 1 42 ? 0.312   -10.189 10.073  1.00 11.53 ? 963 ALA A C   1 
ATOM   244 O  O   . ALA A 1 42 ? 0.458   -9.318  10.932  1.00 11.68 ? 963 ALA A O   1 
ATOM   245 C  CB  . ALA A 1 42 ? 1.923   -10.361 8.190   1.00 12.15 ? 963 ALA A CB  1 
ATOM   246 N  N   . ARG A 1 43 ? -0.875  -10.555 9.589   1.00 12.04 ? 964 ARG A N   1 
ATOM   247 C  CA  . ARG A 1 43 ? -2.125  -9.987  10.090  1.00 12.02 ? 964 ARG A CA  1 
ATOM   248 C  C   . ARG A 1 43 ? -2.306  -10.227 11.593  1.00 11.87 ? 964 ARG A C   1 
ATOM   249 O  O   . ARG A 1 43 ? -2.686  -9.320  12.333  1.00 11.45 ? 964 ARG A O   1 
ATOM   250 C  CB  . ARG A 1 43 ? -3.301  -10.537 9.289   1.00 12.98 ? 964 ARG A CB  1 
ATOM   251 C  CG  . ARG A 1 43 ? -4.603  -9.827  9.537   1.00 14.28 ? 964 ARG A CG  1 
ATOM   252 C  CD  . ARG A 1 43 ? -5.739  -10.507 8.752   1.00 15.73 ? 964 ARG A CD  1 
ATOM   253 N  NE  . ARG A 1 43 ? -5.687  -10.252 7.305   1.00 16.44 ? 964 ARG A NE  1 
ATOM   254 C  CZ  . ARG A 1 43 ? -5.461  -11.169 6.369   1.00 15.22 ? 964 ARG A CZ  1 
ATOM   255 N  NH1 . ARG A 1 43 ? -5.287  -12.449 6.687   1.00 17.55 ? 964 ARG A NH1 1 
ATOM   256 N  NH2 . ARG A 1 43 ? -5.440  -10.809 5.093   1.00 16.16 ? 964 ARG A NH2 1 
ATOM   257 N  N   . SER A 1 44 ? -2.016  -11.446 12.038  1.00 11.02 ? 965 SER A N   1 
ATOM   258 C  CA  . SER A 1 44 ? -2.124  -11.767 13.460  1.00 10.87 ? 965 SER A CA  1 
ATOM   259 C  C   . SER A 1 44 ? -1.139  -10.947 14.288  1.00 10.57 ? 965 SER A C   1 
ATOM   260 O  O   . SER A 1 44 ? -1.471  -10.459 15.370  1.00 10.90 ? 965 SER A O   1 
ATOM   261 C  CB  . SER A 1 44 ? -1.872  -13.254 13.667  1.00 10.79 ? 965 SER A CB  1 
ATOM   262 O  OG  . SER A 1 44 ? -2.907  -14.029 13.081  1.00 12.32 ? 965 SER A OG  1 
ATOM   263 N  N   . ILE A 1 45 ? 0.071   -10.798 13.765  1.00 10.26 ? 966 ILE A N   1 
ATOM   264 C  CA  . ILE A 1 45 ? 1.077   -9.939  14.415  1.00 10.19 ? 966 ILE A CA  1 
ATOM   265 C  C   . ILE A 1 45 ? 0.565   -8.508  14.559  1.00 10.51 ? 966 ILE A C   1 
ATOM   266 O  O   . ILE A 1 45 ? 0.698   -7.884  15.622  1.00 10.96 ? 966 ILE A O   1 
ATOM   267 C  CB  . ILE A 1 45 ? 2.412   -9.991  13.640  1.00 11.13 ? 966 ILE A CB  1 
ATOM   268 C  CG1 . ILE A 1 45 ? 3.081   -11.355 13.863  1.00 11.74 ? 966 ILE A CG1 1 
ATOM   269 C  CG2 . ILE A 1 45 ? 3.336   -8.851  14.060  1.00 10.86 ? 966 ILE A CG2 1 
ATOM   270 C  CD1 . ILE A 1 45 ? 4.257   -11.625 12.937  1.00 13.14 ? 966 ILE A CD1 1 
ATOM   271 N  N   . LEU A 1 46 ? -0.004  -7.973  13.493  1.00 10.53 ? 967 LEU A N   1 
ATOM   272 C  CA  . LEU A 1 46 ? -0.519  -6.602  13.537  1.00 10.84 ? 967 LEU A CA  1 
ATOM   273 C  C   . LEU A 1 46 ? -1.669  -6.494  14.532  1.00 11.47 ? 967 LEU A C   1 
ATOM   274 O  O   . LEU A 1 46 ? -1.764  -5.541  15.298  1.00 11.76 ? 967 LEU A O   1 
ATOM   275 C  CB  . LEU A 1 46 ? -0.968  -6.164  12.139  1.00 11.70 ? 967 LEU A CB  1 
ATOM   276 C  CG  . LEU A 1 46 ? 0.175   -5.946  11.137  1.00 11.60 ? 967 LEU A CG  1 
ATOM   277 C  CD1 . LEU A 1 46 ? -0.323  -5.964  9.688   1.00 13.37 ? 967 LEU A CD1 1 
ATOM   278 C  CD2 . LEU A 1 46 ? 0.927   -4.640  11.461  1.00 14.29 ? 967 LEU A CD2 1 
ATOM   279 N  N   . ARG A 1 47 ? -2.560  -7.476  14.533  1.00 11.51 ? 968 ARG A N   1 
ATOM   280 C  CA  . ARG A 1 47 ? -3.653  -7.438  15.502  1.00 12.62 ? 968 ARG A CA  1 
ATOM   281 C  C   . ARG A 1 47 ? -3.167  -7.400  16.945  1.00 12.56 ? 968 ARG A C   1 
ATOM   282 O  O   . ARG A 1 47 ? -3.702  -6.647  17.783  1.00 13.85 ? 968 ARG A O   1 
ATOM   283 C  CB  . ARG A 1 47 ? -4.538  -8.660  15.330  1.00 12.72 ? 968 ARG A CB  1 
ATOM   284 C  CG  . ARG A 1 47 ? -5.632  -8.510  14.344  1.00 15.39 ? 968 ARG A CG  1 
ATOM   285 C  CD  . ARG A 1 47 ? -6.797  -9.455  14.729  1.00 14.27 ? 968 ARG A CD  1 
ATOM   286 N  NE  . ARG A 1 47 ? -6.361  -10.835 14.980  1.00 14.37 ? 968 ARG A NE  1 
ATOM   287 C  CZ  . ARG A 1 47 ? -5.965  -11.676 14.024  1.00 14.48 ? 968 ARG A CZ  1 
ATOM   288 N  NH1 . ARG A 1 47 ? -5.586  -12.912 14.325  1.00 13.16 ? 968 ARG A NH1 1 
ATOM   289 N  NH2 . ARG A 1 47 ? -5.947  -11.284 12.752  1.00 14.81 ? 968 ARG A NH2 1 
ATOM   290 N  N   . GLU A 1 48 ? -2.194  -8.254  17.250  1.00 12.64 ? 969 GLU A N   1 
ATOM   291 C  CA  . GLU A 1 48 ? -1.731  -8.420  18.630  1.00 13.07 ? 969 GLU A CA  1 
ATOM   292 C  C   . GLU A 1 48 ? -0.835  -7.270  19.070  1.00 12.69 ? 969 GLU A C   1 
ATOM   293 O  O   . GLU A 1 48 ? -0.877  -6.842  20.244  1.00 13.81 ? 969 GLU A O   1 
ATOM   294 C  CB  . GLU A 1 48 ? -0.969  -9.747  18.786  1.00 13.44 ? 969 GLU A CB  1 
ATOM   295 C  CG  . GLU A 1 48 ? -0.634  -10.110 20.238  1.00 16.03 ? 969 GLU A CG  1 
ATOM   296 C  CD  . GLU A 1 48 ? -1.761  -10.882 20.935  1.00 21.89 ? 969 GLU A CD  1 
ATOM   297 O  OE1 . GLU A 1 48 ? -1.493  -11.943 21.561  1.00 25.25 ? 969 GLU A OE1 1 
ATOM   298 O  OE2 . GLU A 1 48 ? -2.922  -10.437 20.847  1.00 25.13 ? 969 GLU A OE2 1 
ATOM   299 N  N   . PHE A 1 49 ? -0.043  -6.734  18.142  1.00 12.40 ? 970 PHE A N   1 
ATOM   300 C  CA  . PHE A 1 49 ? 1.096   -5.897  18.532  1.00 11.49 ? 970 PHE A CA  1 
ATOM   301 C  C   . PHE A 1 49 ? 1.146   -4.488  17.958  1.00 12.41 ? 970 PHE A C   1 
ATOM   302 O  O   . PHE A 1 49 ? 1.950   -3.670  18.431  1.00 12.35 ? 970 PHE A O   1 
ATOM   303 C  CB  . PHE A 1 49 ? 2.408   -6.602  18.189  1.00 11.64 ? 970 PHE A CB  1 
ATOM   304 C  CG  . PHE A 1 49 ? 2.568   -7.942  18.831  1.00 11.20 ? 970 PHE A CG  1 
ATOM   305 C  CD1 . PHE A 1 49 ? 2.644   -8.056  20.211  1.00 11.39 ? 970 PHE A CD1 1 
ATOM   306 C  CD2 . PHE A 1 49 ? 2.644   -9.098  18.052  1.00 11.04 ? 970 PHE A CD2 1 
ATOM   307 C  CE1 . PHE A 1 49 ? 2.811   -9.313  20.824  1.00 11.68 ? 970 PHE A CE1 1 
ATOM   308 C  CE2 . PHE A 1 49 ? 2.823   -10.340 18.640  1.00 11.75 ? 970 PHE A CE2 1 
ATOM   309 C  CZ  . PHE A 1 49 ? 2.899   -10.457 20.033  1.00 13.11 ? 970 PHE A CZ  1 
ATOM   310 N  N   . ALA A 1 50 ? 0.339   -4.179  16.947  1.00 11.81 ? 971 ALA A N   1 
ATOM   311 C  CA  . ALA A 1 50 ? 0.368   -2.811  16.440  1.00 11.94 ? 971 ALA A CA  1 
ATOM   312 C  C   . ALA A 1 50 ? 0.021   -1.875  17.579  1.00 11.77 ? 971 ALA A C   1 
ATOM   313 O  O   . ALA A 1 50 ? -0.752  -2.235  18.478  1.00 12.27 ? 971 ALA A O   1 
ATOM   314 C  CB  . ALA A 1 50 ? -0.602  -2.630  15.277  1.00 12.67 ? 971 ALA A CB  1 
ATOM   315 N  N   . PHE A 1 51 ? 0.591   -0.672  17.538  1.00 11.41 ? 972 PHE A N   1 
ATOM   316 C  CA  . PHE A 1 51 ? 0.316   0.311   18.580  1.00 11.38 ? 972 PHE A CA  1 
ATOM   317 C  C   . PHE A 1 51 ? 0.090   1.687   17.947  1.00 12.14 ? 972 PHE A C   1 
ATOM   318 O  O   . PHE A 1 51 ? 0.971   2.191   17.254  1.00 12.02 ? 972 PHE A O   1 
ATOM   319 C  CB  . PHE A 1 51 ? 1.458   0.356   19.602  1.00 11.70 ? 972 PHE A CB  1 
ATOM   320 C  CG  . PHE A 1 51 ? 1.264   1.402   20.642  1.00 10.44 ? 972 PHE A CG  1 
ATOM   321 C  CD1 . PHE A 1 51 ? 2.011   2.570   20.604  1.00 10.57 ? 972 PHE A CD1 1 
ATOM   322 C  CD2 . PHE A 1 51 ? 0.306   1.240   21.638  1.00 10.53 ? 972 PHE A CD2 1 
ATOM   323 C  CE1 . PHE A 1 51 ? 1.805   3.565   21.557  1.00 11.83 ? 972 PHE A CE1 1 
ATOM   324 C  CE2 . PHE A 1 51 ? 0.118   2.222   22.606  1.00 10.43 ? 972 PHE A CE2 1 
ATOM   325 C  CZ  . PHE A 1 51 ? 0.871   3.385   22.555  1.00 9.84  ? 972 PHE A CZ  1 
ATOM   326 N  N   . PRO A 1 52 ? -1.086  2.303   18.189  1.00 12.87 ? 973 PRO A N   1 
ATOM   327 C  CA  . PRO A 1 52 ? -2.189  1.856   19.036  1.00 14.47 ? 973 PRO A CA  1 
ATOM   328 C  C   . PRO A 1 52 ? -2.987  0.706   18.437  1.00 16.07 ? 973 PRO A C   1 
ATOM   329 O  O   . PRO A 1 52 ? -2.773  0.295   17.295  1.00 16.91 ? 973 PRO A O   1 
ATOM   330 C  CB  . PRO A 1 52 ? -3.080  3.102   19.153  1.00 14.49 ? 973 PRO A CB  1 
ATOM   331 C  CG  . PRO A 1 52 ? -2.270  4.238   18.595  1.00 15.48 ? 973 PRO A CG  1 
ATOM   332 C  CD  . PRO A 1 52 ? -1.359  3.625   17.603  1.00 13.45 ? 973 PRO A CD  1 
ATOM   333 O  OXT . PRO A 1 52 ? -3.866  0.161   19.115  1.00 17.35 ? 973 PRO A OXT 1 
ATOM   334 N  N   . VAL B 1 11 ? -4.104  -2.747  -9.422  1.00 19.20 ? 932 VAL B N   1 
ATOM   335 C  CA  . VAL B 1 11 ? -2.987  -3.717  -9.409  1.00 18.57 ? 932 VAL B CA  1 
ATOM   336 C  C   . VAL B 1 11 ? -1.908  -3.325  -8.394  1.00 17.50 ? 932 VAL B C   1 
ATOM   337 O  O   . VAL B 1 11 ? -1.535  -2.140  -8.190  1.00 17.01 ? 932 VAL B O   1 
ATOM   338 C  CB  . VAL B 1 11 ? -2.441  -4.091  -10.843 1.00 18.52 ? 932 VAL B CB  1 
ATOM   339 C  CG1 . VAL B 1 11 ? -0.917  -4.104  -10.888 1.00 17.47 ? 932 VAL B CG1 1 
ATOM   340 C  CG2 . VAL B 1 11 ? -3.030  -5.417  -11.332 1.00 20.69 ? 932 VAL B CG2 1 
ATOM   341 N  N   . ASP B 1 12 ? -1.445  -4.368  -7.731  1.00 16.72 ? 933 ASP B N   1 
ATOM   342 C  CA  . ASP B 1 12 ? -0.581  -4.231  -6.581  1.00 16.06 ? 933 ASP B CA  1 
ATOM   343 C  C   . ASP B 1 12 ? 0.815   -3.784  -6.962  1.00 15.42 ? 933 ASP B C   1 
ATOM   344 O  O   . ASP B 1 12 ? 1.435   -2.996  -6.244  1.00 15.49 ? 933 ASP B O   1 
ATOM   345 C  CB  . ASP B 1 12 ? -0.583  -5.549  -5.812  1.00 16.46 ? 933 ASP B CB  1 
ATOM   346 C  CG  . ASP B 1 12 ? -1.980  -5.927  -5.331  1.00 17.56 ? 933 ASP B CG  1 
ATOM   347 O  OD1 . ASP B 1 12 ? -2.272  -7.131  -5.215  1.00 18.48 ? 933 ASP B OD1 1 
ATOM   348 O  OD2 . ASP B 1 12 ? -2.798  -5.005  -5.095  1.00 21.73 ? 933 ASP B OD2 1 
ATOM   349 N  N   . ALA B 1 13 ? 1.289   -4.256  -8.106  1.00 15.37 ? 934 ALA B N   1 
ATOM   350 C  CA  . ALA B 1 13 ? 2.542   -3.788  -8.678  1.00 15.14 ? 934 ALA B CA  1 
ATOM   351 C  C   . ALA B 1 13 ? 2.479   -2.299  -8.982  1.00 15.29 ? 934 ALA B C   1 
ATOM   352 O  O   . ALA B 1 13 ? 3.454   -1.587  -8.744  1.00 15.09 ? 934 ALA B O   1 
ATOM   353 C  CB  . ALA B 1 13 ? 2.870   -4.577  -9.946  1.00 15.17 ? 934 ALA B CB  1 
ATOM   354 N  N   . LYS B 1 14 ? 1.342   -1.843  -9.521  1.00 15.00 ? 935 LYS B N   1 
ATOM   355 C  CA  . LYS B 1 14 ? 1.145   -0.421  -9.808  1.00 14.35 ? 935 LYS B CA  1 
ATOM   356 C  C   . LYS B 1 14 ? 1.045   0.442   -8.540  1.00 14.79 ? 935 LYS B C   1 
ATOM   357 O  O   . LYS B 1 14 ? 1.644   1.505   -8.510  1.00 15.34 ? 935 LYS B O   1 
ATOM   358 C  CB  . LYS B 1 14 ? -0.057  -0.195  -10.729 1.00 14.28 ? 935 LYS B CB  1 
ATOM   359 C  CG  . LYS B 1 14 ? 0.145   -0.799  -12.114 1.00 14.43 ? 935 LYS B CG  1 
ATOM   360 C  CD  . LYS B 1 14 ? -1.143  -0.766  -12.923 1.00 12.84 ? 935 LYS B CD  1 
ATOM   361 C  CE  . LYS B 1 14 ? -0.915  -1.359  -14.300 1.00 11.48 ? 935 LYS B CE  1 
ATOM   362 N  NZ  . LYS B 1 14 ? -2.182  -1.491  -15.083 1.00 12.09 ? 935 LYS B NZ  1 
ATOM   363 N  N   . ILE B 1 15 ? 0.333   -0.032  -7.512  1.00 14.40 ? 936 ILE B N   1 
ATOM   364 C  CA  . ILE B 1 15 ? 0.346   0.647   -6.196  1.00 15.12 ? 936 ILE B CA  1 
ATOM   365 C  C   . ILE B 1 15 ? 1.779   0.742   -5.680  1.00 14.31 ? 936 ILE B C   1 
ATOM   366 O  O   . ILE B 1 15 ? 2.210   1.814   -5.247  1.00 14.76 ? 936 ILE B O   1 
ATOM   367 C  CB  . ILE B 1 15 ? -0.586  -0.036  -5.165  1.00 15.05 ? 936 ILE B CB  1 
ATOM   368 C  CG1 . ILE B 1 15 ? -2.057  0.128   -5.578  1.00 16.92 ? 936 ILE B CG1 1 
ATOM   369 C  CG2 . ILE B 1 15 ? -0.327  0.488   -3.728  1.00 16.10 ? 936 ILE B CG2 1 
ATOM   370 C  CD1 . ILE B 1 15 ? -3.003  -0.829  -4.868  1.00 17.33 ? 936 ILE B CD1 1 
ATOM   371 N  N   . ALA B 1 16 ? 2.523   -0.366  -5.730  1.00 14.90 ? 937 ALA B N   1 
ATOM   372 C  CA  . ALA B 1 16 ? 3.897   -0.381  -5.252  1.00 14.43 ? 937 ALA B CA  1 
ATOM   373 C  C   . ALA B 1 16 ? 4.787   0.536   -6.072  1.00 15.04 ? 937 ALA B C   1 
ATOM   374 O  O   . ALA B 1 16 ? 5.654   1.205   -5.524  1.00 15.35 ? 937 ALA B O   1 
ATOM   375 C  CB  . ALA B 1 16 ? 4.451   -1.803  -5.275  1.00 14.05 ? 937 ALA B CB  1 
ATOM   376 N  N   . LYS B 1 17 ? 4.572   0.570   -7.391  1.00 15.08 ? 938 LYS B N   1 
ATOM   377 C  CA  . LYS B 1 17 ? 5.344   1.453   -8.261  1.00 16.28 ? 938 LYS B CA  1 
ATOM   378 C  C   . LYS B 1 17 ? 5.177   2.906   -7.855  1.00 15.23 ? 938 LYS B C   1 
ATOM   379 O  O   . LYS B 1 17 ? 6.161   3.626   -7.654  1.00 16.00 ? 938 LYS B O   1 
ATOM   380 C  CB  . LYS B 1 17 ? 4.957   1.252   -9.735  1.00 16.47 ? 938 LYS B CB  1 
ATOM   381 C  CG  . LYS B 1 17 ? 5.783   2.057   -10.741 1.00 19.20 ? 938 LYS B CG  1 
ATOM   382 C  CD  . LYS B 1 17 ? 7.255   1.654   -10.701 1.00 21.35 ? 938 LYS B CD  1 
ATOM   383 C  CE  . LYS B 1 17 ? 8.030   2.336   -11.813 1.00 25.20 ? 938 LYS B CE  1 
ATOM   384 N  NZ  . LYS B 1 17 ? 9.494   2.105   -11.701 1.00 26.61 ? 938 LYS B NZ  1 
ATOM   385 N  N   . LEU B 1 18 ? 3.920   3.330   -7.728  1.00 15.31 ? 939 LEU B N   1 
ATOM   386 C  CA  . LEU B 1 18 ? 3.635   4.720   -7.418  1.00 14.29 ? 939 LEU B CA  1 
ATOM   387 C  C   . LEU B 1 18 ? 4.000   5.061   -5.983  1.00 14.34 ? 939 LEU B C   1 
ATOM   388 O  O   . LEU B 1 18 ? 4.511   6.150   -5.720  1.00 14.51 ? 939 LEU B O   1 
ATOM   389 C  CB  . LEU B 1 18 ? 2.189   5.063   -7.757  1.00 14.26 ? 939 LEU B CB  1 
ATOM   390 C  CG  . LEU B 1 18 ? 1.881   5.026   -9.256  1.00 14.31 ? 939 LEU B CG  1 
ATOM   391 C  CD1 . LEU B 1 18 ? 0.376   5.248   -9.471  1.00 14.81 ? 939 LEU B CD1 1 
ATOM   392 C  CD2 . LEU B 1 18 ? 2.688   6.092   -10.008 1.00 14.41 ? 939 LEU B CD2 1 
HETATM 393 N  N   . MSE B 1 19 ? 3.785   4.135   -5.051  1.00 14.39 ? 940 MSE B N   1 
HETATM 394 C  CA  . MSE B 1 19 ? 4.279   4.368   -3.688  1.00 14.92 ? 940 MSE B CA  1 
HETATM 395 C  C   . MSE B 1 19 ? 5.797   4.492   -3.678  1.00 15.51 ? 940 MSE B C   1 
HETATM 396 O  O   . MSE B 1 19 ? 6.358   5.329   -2.961  1.00 15.78 ? 940 MSE B O   1 
HETATM 397 C  CB  . MSE B 1 19 ? 3.839   3.266   -2.737  1.00 15.34 ? 940 MSE B CB  1 
HETATM 398 C  CG  . MSE B 1 19 ? 2.362   3.316   -2.407  1.00 14.01 ? 940 MSE B CG  1 
HETATM 399 SE SE  . MSE B 1 19 ? 1.894   2.012   -1.065  0.70 15.17 ? 940 MSE B SE  1 
HETATM 400 C  CE  . MSE B 1 19 ? 2.804   2.846   0.434   1.00 14.56 ? 940 MSE B CE  1 
ATOM   401 N  N   . GLY B 1 20 ? 6.450   3.666   -4.496  1.00 16.08 ? 941 GLY B N   1 
ATOM   402 C  CA  . GLY B 1 20 ? 7.897   3.698   -4.635  1.00 16.18 ? 941 GLY B CA  1 
ATOM   403 C  C   . GLY B 1 20 ? 8.423   5.028   -5.138  1.00 16.46 ? 941 GLY B C   1 
ATOM   404 O  O   . GLY B 1 20 ? 9.600   5.354   -4.933  1.00 17.01 ? 941 GLY B O   1 
ATOM   405 N  N   . GLU B 1 21 ? 7.559   5.795   -5.803  1.00 15.53 ? 942 GLU B N   1 
ATOM   406 C  CA  . GLU B 1 21 ? 7.912   7.139   -6.264  1.00 15.42 ? 942 GLU B CA  1 
ATOM   407 C  C   . GLU B 1 21 ? 7.710   8.216   -5.210  1.00 15.14 ? 942 GLU B C   1 
ATOM   408 O  O   . GLU B 1 21 ? 7.988   9.382   -5.466  1.00 16.50 ? 942 GLU B O   1 
ATOM   409 C  CB  . GLU B 1 21 ? 7.180   7.487   -7.564  1.00 15.26 ? 942 GLU B CB  1 
ATOM   410 C  CG  . GLU B 1 21 ? 7.615   6.563   -8.691  1.00 13.69 ? 942 GLU B CG  1 
ATOM   411 C  CD  . GLU B 1 21 ? 6.887   6.763   -10.007 1.00 13.76 ? 942 GLU B CD  1 
ATOM   412 O  OE1 . GLU B 1 21 ? 7.076   5.895   -10.887 1.00 16.09 ? 942 GLU B OE1 1 
ATOM   413 O  OE2 . GLU B 1 21 ? 6.160   7.770   -10.187 1.00 14.54 ? 942 GLU B OE2 1 
ATOM   414 N  N   . GLY B 1 22 ? 7.243   7.821   -4.028  1.00 14.66 ? 943 GLY B N   1 
ATOM   415 C  CA  . GLY B 1 22 ? 7.122   8.744   -2.901  1.00 14.90 ? 943 GLY B CA  1 
ATOM   416 C  C   . GLY B 1 22 ? 5.697   9.043   -2.474  1.00 14.57 ? 943 GLY B C   1 
ATOM   417 O  O   . GLY B 1 22 ? 5.482   9.789   -1.514  1.00 15.68 ? 943 GLY B O   1 
ATOM   418 N  N   . TYR B 1 23 ? 4.719   8.469   -3.169  1.00 13.02 ? 944 TYR B N   1 
ATOM   419 C  CA  . TYR B 1 23 ? 3.316   8.715   -2.840  1.00 12.47 ? 944 TYR B CA  1 
ATOM   420 C  C   . TYR B 1 23 ? 2.801   7.768   -1.769  1.00 11.66 ? 944 TYR B C   1 
ATOM   421 O  O   . TYR B 1 23 ? 3.363   6.686   -1.564  1.00 12.57 ? 944 TYR B O   1 
ATOM   422 C  CB  . TYR B 1 23 ? 2.442   8.620   -4.091  1.00 12.14 ? 944 TYR B CB  1 
ATOM   423 C  CG  . TYR B 1 23 ? 2.729   9.729   -5.066  1.00 12.74 ? 944 TYR B CG  1 
ATOM   424 C  CD1 . TYR B 1 23 ? 2.276   11.024  -4.810  1.00 14.02 ? 944 TYR B CD1 1 
ATOM   425 C  CD2 . TYR B 1 23 ? 3.457   9.487   -6.229  1.00 14.04 ? 944 TYR B CD2 1 
ATOM   426 C  CE1 . TYR B 1 23 ? 2.530   12.054  -5.676  1.00 14.12 ? 944 TYR B CE1 1 
ATOM   427 C  CE2 . TYR B 1 23 ? 3.727   10.535  -7.125  1.00 13.40 ? 944 TYR B CE2 1 
ATOM   428 C  CZ  . TYR B 1 23 ? 3.244   11.809  -6.829  1.00 13.60 ? 944 TYR B CZ  1 
ATOM   429 O  OH  . TYR B 1 23 ? 3.484   12.861  -7.690  1.00 15.08 ? 944 TYR B OH  1 
ATOM   430 N  N   . ALA B 1 24 ? 1.744   8.185   -1.077  1.00 11.24 ? 945 ALA B N   1 
ATOM   431 C  CA  . ALA B 1 24 ? 1.161   7.372   -0.007  1.00 10.32 ? 945 ALA B CA  1 
ATOM   432 C  C   . ALA B 1 24 ? 0.074   6.440   -0.519  1.00 9.70  ? 945 ALA B C   1 
ATOM   433 O  O   . ALA B 1 24 ? -0.513  6.654   -1.581  1.00 9.88  ? 945 ALA B O   1 
ATOM   434 C  CB  . ALA B 1 24 ? 0.620   8.268   1.115   1.00 10.47 ? 945 ALA B CB  1 
ATOM   435 N  N   . PHE B 1 25 ? -0.192  5.395   0.256   1.00 9.75  ? 946 PHE B N   1 
ATOM   436 C  CA  . PHE B 1 25 ? -1.095  4.343   -0.196  1.00 9.01  ? 946 PHE B CA  1 
ATOM   437 C  C   . PHE B 1 25 ? -2.481  4.855   -0.598  1.00 9.84  ? 946 PHE B C   1 
ATOM   438 O  O   . PHE B 1 25 ? -2.974  4.524   -1.686  1.00 9.79  ? 946 PHE B O   1 
ATOM   439 C  CB  . PHE B 1 25 ? -1.213  3.253   0.871   1.00 9.34  ? 946 PHE B CB  1 
ATOM   440 C  CG  . PHE B 1 25 ? -2.288  2.237   0.584   1.00 8.72  ? 946 PHE B CG  1 
ATOM   441 C  CD1 . PHE B 1 25 ? -2.064  1.194   -0.318  1.00 8.82  ? 946 PHE B CD1 1 
ATOM   442 C  CD2 . PHE B 1 25 ? -3.522  2.304   1.243   1.00 9.49  ? 946 PHE B CD2 1 
ATOM   443 C  CE1 . PHE B 1 25 ? -3.061  0.254   -0.585  1.00 8.30  ? 946 PHE B CE1 1 
ATOM   444 C  CE2 . PHE B 1 25 ? -4.524  1.363   0.976   1.00 10.12 ? 946 PHE B CE2 1 
ATOM   445 C  CZ  . PHE B 1 25 ? -4.291  0.339   0.067   1.00 9.76  ? 946 PHE B CZ  1 
ATOM   446 N  N   . GLU B 1 26 ? -3.132  5.622   0.277   1.00 10.21 ? 947 GLU B N   1 
ATOM   447 C  CA  . GLU B 1 26 ? -4.517  6.002   -0.006  1.00 9.92  ? 947 GLU B CA  1 
ATOM   448 C  C   . GLU B 1 26 ? -4.650  6.856   -1.268  1.00 9.51  ? 947 GLU B C   1 
ATOM   449 O  O   . GLU B 1 26 ? -5.528  6.609   -2.107  1.00 9.81  ? 947 GLU B O   1 
ATOM   450 C  CB  . GLU B 1 26 ? -5.177  6.676   1.191   1.00 9.97  ? 947 GLU B CB  1 
ATOM   451 C  CG  . GLU B 1 26 ? -5.309  5.744   2.415   1.00 12.49 ? 947 GLU B CG  1 
ATOM   452 C  CD  . GLU B 1 26 ? -6.358  4.614   2.268   1.00 16.19 ? 947 GLU B CD  1 
ATOM   453 O  OE1 . GLU B 1 26 ? -6.459  3.783   3.205   1.00 18.02 ? 947 GLU B OE1 1 
ATOM   454 O  OE2 . GLU B 1 26 ? -7.090  4.539   1.254   1.00 17.90 ? 947 GLU B OE2 1 
ATOM   455 N  N   . GLU B 1 27 ? -3.737  7.809   -1.445  1.00 10.18 ? 948 GLU B N   1 
ATOM   456 C  CA  . GLU B 1 27 ? -3.801  8.647   -2.647  1.00 10.13 ? 948 GLU B CA  1 
ATOM   457 C  C   . GLU B 1 27 ? -3.495  7.825   -3.905  1.00 9.97  ? 948 GLU B C   1 
ATOM   458 O  O   . GLU B 1 27 ? -4.091  8.033   -4.962  1.00 9.72  ? 948 GLU B O   1 
ATOM   459 C  CB  . GLU B 1 27 ? -2.895  9.892   -2.524  1.00 11.07 ? 948 GLU B CB  1 
ATOM   460 C  CG  . GLU B 1 27 ? -1.412  9.597   -2.383  1.00 11.31 ? 948 GLU B CG  1 
ATOM   461 C  CD  . GLU B 1 27 ? -0.590  10.808  -1.933  1.00 12.26 ? 948 GLU B CD  1 
ATOM   462 O  OE1 . GLU B 1 27 ? 0.643   10.671  -1.750  1.00 14.61 ? 948 GLU B OE1 1 
ATOM   463 O  OE2 . GLU B 1 27 ? -1.156  11.910  -1.752  1.00 13.49 ? 948 GLU B OE2 1 
ATOM   464 N  N   . VAL B 1 28 ? -2.567  6.889   -3.785  1.00 8.89  ? 949 VAL B N   1 
ATOM   465 C  CA  . VAL B 1 28 ? -2.213  6.039   -4.928  1.00 9.30  ? 949 VAL B CA  1 
ATOM   466 C  C   . VAL B 1 28 ? -3.378  5.131   -5.345  1.00 9.51  ? 949 VAL B C   1 
ATOM   467 O  O   . VAL B 1 28 ? -3.731  5.029   -6.532  1.00 10.46 ? 949 VAL B O   1 
ATOM   468 C  CB  . VAL B 1 28 ? -0.967  5.213   -4.599  1.00 8.99  ? 949 VAL B CB  1 
ATOM   469 C  CG1 . VAL B 1 28 ? -0.780  4.113   -5.633  1.00 9.74  ? 949 VAL B CG1 1 
ATOM   470 C  CG2 . VAL B 1 28 ? 0.248   6.104   -4.586  1.00 8.84  ? 949 VAL B CG2 1 
ATOM   471 N  N   . LYS B 1 29 ? -3.975  4.485   -4.360  1.00 9.22  ? 950 LYS B N   1 
ATOM   472 C  CA  . LYS B 1 29 ? -5.116  3.605   -4.606  1.00 10.11 ? 950 LYS B CA  1 
ATOM   473 C  C   . LYS B 1 29 ? -6.262  4.369   -5.295  1.00 9.30  ? 950 LYS B C   1 
ATOM   474 O  O   . LYS B 1 29 ? -6.850  3.888   -6.267  1.00 9.79  ? 950 LYS B O   1 
ATOM   475 C  CB  . LYS B 1 29 ? -5.565  2.991   -3.271  1.00 10.09 ? 950 LYS B CB  1 
ATOM   476 C  CG  . LYS B 1 29 ? -6.818  2.142   -3.347  1.00 12.27 ? 950 LYS B CG  1 
ATOM   477 C  CD  . LYS B 1 29 ? -7.266  1.721   -1.949  1.00 13.05 ? 950 LYS B CD  1 
ATOM   478 C  CE  . LYS B 1 29 ? -8.741  1.333   -1.927  1.00 17.02 ? 950 LYS B CE  1 
ATOM   479 N  NZ  . LYS B 1 29 ? -9.057  0.261   -2.909  1.00 20.04 ? 950 LYS B NZ  1 
ATOM   480 N  N   . ARG B 1 30 ? -6.566  5.567   -4.799  1.00 9.24  ? 951 ARG B N   1 
ATOM   481 C  CA  . ARG B 1 30 ? -7.663  6.365   -5.346  1.00 9.62  ? 951 ARG B CA  1 
ATOM   482 C  C   . ARG B 1 30 ? -7.321  6.890   -6.731  1.00 9.34  ? 951 ARG B C   1 
ATOM   483 O  O   . ARG B 1 30 ? -8.162  6.891   -7.636  1.00 9.61  ? 951 ARG B O   1 
ATOM   484 C  CB  . ARG B 1 30 ? -8.038  7.517   -4.410  1.00 10.10 ? 951 ARG B CB  1 
ATOM   485 C  CG  . ARG B 1 30 ? -9.234  8.340   -4.917  1.00 12.03 ? 951 ARG B CG  1 
ATOM   486 C  CD  . ARG B 1 30 ? -10.549 7.613   -4.693  1.00 15.35 ? 951 ARG B CD  1 
ATOM   487 N  NE  . ARG B 1 30 ? -11.661 8.269   -5.386  1.00 17.31 ? 951 ARG B NE  1 
ATOM   488 C  CZ  . ARG B 1 30 ? -12.455 7.677   -6.275  1.00 19.85 ? 951 ARG B CZ  1 
ATOM   489 N  NH1 . ARG B 1 30 ? -12.297 6.394   -6.584  1.00 21.11 ? 951 ARG B NH1 1 
ATOM   490 N  NH2 . ARG B 1 30 ? -13.429 8.370   -6.843  1.00 20.70 ? 951 ARG B NH2 1 
ATOM   491 N  N   . ALA B 1 31 ? -6.078  7.317   -6.917  1.00 9.55  ? 952 ALA B N   1 
ATOM   492 C  CA  . ALA B 1 31 ? -5.675  7.779   -8.236  1.00 9.17  ? 952 ALA B CA  1 
ATOM   493 C  C   . ALA B 1 31 ? -5.782  6.664   -9.280  1.00 9.60  ? 952 ALA B C   1 
ATOM   494 O  O   . ALA B 1 31 ? -6.244  6.897   -10.400 1.00 10.50 ? 952 ALA B O   1 
ATOM   495 C  CB  . ALA B 1 31 ? -4.284  8.339   -8.180  1.00 9.86  ? 952 ALA B CB  1 
ATOM   496 N  N   . LEU B 1 32 ? -5.395  5.450   -8.897  1.00 9.62  ? 953 LEU B N   1 
ATOM   497 C  CA  . LEU B 1 32 ? -5.503  4.310   -9.797  1.00 10.24 ? 953 LEU B CA  1 
ATOM   498 C  C   . LEU B 1 32 ? -6.965  4.004   -10.127 1.00 10.56 ? 953 LEU B C   1 
ATOM   499 O  O   . LEU B 1 32 ? -7.300  3.735   -11.277 1.00 10.51 ? 953 LEU B O   1 
ATOM   500 C  CB  . LEU B 1 32 ? -4.767  3.093   -9.236  1.00 10.60 ? 953 LEU B CB  1 
ATOM   501 C  CG  . LEU B 1 32 ? -3.259  3.127   -9.492  1.00 11.37 ? 953 LEU B CG  1 
ATOM   502 C  CD1 . LEU B 1 32 ? -2.637  2.128   -8.549  1.00 9.96  ? 953 LEU B CD1 1 
ATOM   503 C  CD2 . LEU B 1 32 ? -2.907  2.763   -10.948 1.00 11.30 ? 953 LEU B CD2 1 
ATOM   504 N  N   . GLU B 1 33 ? -7.845  4.080   -9.128  1.00 9.85  ? 954 GLU B N   1 
ATOM   505 C  CA  . GLU B 1 33 ? -9.275  3.879   -9.376  1.00 10.75 ? 954 GLU B CA  1 
ATOM   506 C  C   . GLU B 1 33 ? -9.798  4.870   -10.395 1.00 9.67  ? 954 GLU B C   1 
ATOM   507 O  O   . GLU B 1 33 ? -10.440 4.466   -11.364 1.00 11.60 ? 954 GLU B O   1 
ATOM   508 C  CB  . GLU B 1 33 ? -10.052 3.981   -8.075  1.00 10.85 ? 954 GLU B CB  1 
ATOM   509 C  CG  . GLU B 1 33 ? -9.817  2.761   -7.190  1.00 12.96 ? 954 GLU B CG  1 
ATOM   510 C  CD  . GLU B 1 33 ? -10.294 2.934   -5.760  1.00 16.99 ? 954 GLU B CD  1 
ATOM   511 O  OE1 . GLU B 1 33 ? -10.164 1.954   -4.990  1.00 18.13 ? 954 GLU B OE1 1 
ATOM   512 O  OE2 . GLU B 1 33 ? -10.787 4.024   -5.393  1.00 18.09 ? 954 GLU B OE2 1 
ATOM   513 N  N   . ILE B 1 34 ? -9.486  6.157   -10.193 1.00 9.34  ? 955 ILE B N   1 
ATOM   514 C  CA  . ILE B 1 34 ? -9.974  7.205   -11.079 1.00 9.91  ? 955 ILE B CA  1 
ATOM   515 C  C   . ILE B 1 34 ? -9.418  6.956   -12.482 1.00 10.20 ? 955 ILE B C   1 
ATOM   516 O  O   . ILE B 1 34 ? -10.130 7.116   -13.489 1.00 10.31 ? 955 ILE B O   1 
ATOM   517 C  CB  . ILE B 1 34 ? -9.575  8.633   -10.553 1.00 8.96  ? 955 ILE B CB  1 
ATOM   518 C  CG1 . ILE B 1 34 ? -10.340 8.960   -9.273  1.00 10.15 ? 955 ILE B CG1 1 
ATOM   519 C  CG2 . ILE B 1 34 ? -9.813  9.709   -11.634 1.00 9.18  ? 955 ILE B CG2 1 
ATOM   520 C  CD1 . ILE B 1 34 ? -9.799  10.150  -8.520  1.00 9.81  ? 955 ILE B CD1 1 
ATOM   521 N  N   . ALA B 1 35 ? -8.143  6.562   -12.533 1.00 10.60 ? 956 ALA B N   1 
ATOM   522 C  CA  . ALA B 1 35 ? -7.431  6.318   -13.792 1.00 10.66 ? 956 ALA B CA  1 
ATOM   523 C  C   . ALA B 1 35 ? -7.790  4.997   -14.480 1.00 11.26 ? 956 ALA B C   1 
ATOM   524 O  O   . ALA B 1 35 ? -7.214  4.679   -15.524 1.00 11.46 ? 956 ALA B O   1 
ATOM   525 C  CB  . ALA B 1 35 ? -5.942  6.356   -13.551 1.00 10.84 ? 956 ALA B CB  1 
ATOM   526 N  N   . GLN B 1 36 ? -8.710  4.230   -13.894 1.00 11.28 ? 957 GLN B N   1 
ATOM   527 C  CA  . GLN B 1 36 ? -9.053  2.902   -14.403 1.00 11.93 ? 957 GLN B CA  1 
ATOM   528 C  C   . GLN B 1 36 ? -7.785  2.067   -14.611 1.00 11.73 ? 957 GLN B C   1 
ATOM   529 O  O   . GLN B 1 36 ? -7.583  1.422   -15.653 1.00 12.19 ? 957 GLN B O   1 
ATOM   530 C  CB  . GLN B 1 36 ? -9.930  2.995   -15.663 1.00 12.08 ? 957 GLN B CB  1 
ATOM   531 C  CG  . GLN B 1 36 ? -11.280 3.653   -15.389 1.00 12.99 ? 957 GLN B CG  1 
ATOM   532 C  CD  . GLN B 1 36 ? -12.161 3.830   -16.621 1.00 13.98 ? 957 GLN B CD  1 
ATOM   533 O  OE1 . GLN B 1 36 ? -13.212 4.459   -16.536 1.00 18.58 ? 957 GLN B OE1 1 
ATOM   534 N  NE2 . GLN B 1 36 ? -11.742 3.289   -17.762 1.00 15.63 ? 957 GLN B NE2 1 
ATOM   535 N  N   . ASN B 1 37 ? -6.926  2.132   -13.594 1.00 12.12 ? 958 ASN B N   1 
ATOM   536 C  CA  . ASN B 1 37 ? -5.716  1.318   -13.492 1.00 12.14 ? 958 ASN B CA  1 
ATOM   537 C  C   . ASN B 1 37 ? -4.611  1.664   -14.480 1.00 12.08 ? 958 ASN B C   1 
ATOM   538 O  O   . ASN B 1 37 ? -3.635  0.917   -14.613 1.00 11.33 ? 958 ASN B O   1 
ATOM   539 C  CB  . ASN B 1 37 ? -6.069  -0.175  -13.468 1.00 13.48 ? 958 ASN B CB  1 
ATOM   540 C  CG  . ASN B 1 37 ? -6.805  -0.555  -12.199 1.00 14.53 ? 958 ASN B CG  1 
ATOM   541 O  OD1 . ASN B 1 37 ? -6.512  -0.021  -11.119 1.00 18.98 ? 958 ASN B OD1 1 
ATOM   542 N  ND2 . ASN B 1 37 ? -7.771  -1.455  -12.316 1.00 18.53 ? 958 ASN B ND2 1 
ATOM   543 N  N   . ASN B 1 38 ? -4.744  2.814   -15.147 1.00 10.85 ? 959 ASN B N   1 
ATOM   544 C  CA  . ASN B 1 38 ? -3.691  3.299   -16.015 1.00 11.33 ? 959 ASN B CA  1 
ATOM   545 C  C   . ASN B 1 38 ? -2.652  4.004   -15.152 1.00 10.99 ? 959 ASN B C   1 
ATOM   546 O  O   . ASN B 1 38 ? -2.922  5.072   -14.584 1.00 11.68 ? 959 ASN B O   1 
ATOM   547 C  CB  . ASN B 1 38 ? -4.246  4.224   -17.107 1.00 11.18 ? 959 ASN B CB  1 
ATOM   548 C  CG  . ASN B 1 38 ? -3.202  4.613   -18.144 1.00 12.33 ? 959 ASN B CG  1 
ATOM   549 O  OD1 . ASN B 1 38 ? -3.342  4.287   -19.332 1.00 16.48 ? 959 ASN B OD1 1 
ATOM   550 N  ND2 . ASN B 1 38 ? -2.153  5.305   -17.714 1.00 9.61  ? 959 ASN B ND2 1 
ATOM   551 N  N   . VAL B 1 39 ? -1.469  3.404   -15.061 1.00 10.66 ? 960 VAL B N   1 
ATOM   552 C  CA  . VAL B 1 39 ? -0.422  3.898   -14.161 1.00 11.33 ? 960 VAL B CA  1 
ATOM   553 C  C   . VAL B 1 39 ? 0.096   5.290   -14.578 1.00 10.63 ? 960 VAL B C   1 
ATOM   554 O  O   . VAL B 1 39 ? 0.331   6.149   -13.714 1.00 10.27 ? 960 VAL B O   1 
ATOM   555 C  CB  . VAL B 1 39 ? 0.728   2.847   -13.938 1.00 11.15 ? 960 VAL B CB  1 
ATOM   556 C  CG1 . VAL B 1 39 ? 1.570   2.637   -15.200 1.00 13.68 ? 960 VAL B CG1 1 
ATOM   557 C  CG2 . VAL B 1 39 ? 1.597   3.233   -12.751 1.00 12.07 ? 960 VAL B CG2 1 
ATOM   558 N  N   . GLU B 1 40 ? 0.228   5.548   -15.881 1.00 10.30 ? 961 GLU B N   1 
ATOM   559 C  CA  . GLU B 1 40 ? 0.675   6.869   -16.333 1.00 10.13 ? 961 GLU B CA  1 
ATOM   560 C  C   . GLU B 1 40 ? -0.331  7.963   -15.969 1.00 10.06 ? 961 GLU B C   1 
ATOM   561 O  O   . GLU B 1 40 ? 0.047   9.051   -15.507 1.00 9.93  ? 961 GLU B O   1 
ATOM   562 C  CB  . GLU B 1 40 ? 0.867   6.882   -17.843 1.00 10.39 ? 961 GLU B CB  1 
ATOM   563 C  CG  . GLU B 1 40 ? 2.107   6.162   -18.291 1.00 12.88 ? 961 GLU B CG  1 
ATOM   564 C  CD  . GLU B 1 40 ? 2.157   6.013   -19.797 1.00 16.36 ? 961 GLU B CD  1 
ATOM   565 O  OE1 . GLU B 1 40 ? 1.195   6.426   -20.496 1.00 17.65 ? 961 GLU B OE1 1 
ATOM   566 O  OE2 . GLU B 1 40 ? 3.168   5.485   -20.290 1.00 19.07 ? 961 GLU B OE2 1 
ATOM   567 N  N   . VAL B 1 41 ? -1.610  7.672   -16.198 1.00 9.25  ? 962 VAL B N   1 
ATOM   568 C  CA  . VAL B 1 41 ? -2.692  8.610   -15.865 1.00 9.55  ? 962 VAL B CA  1 
ATOM   569 C  C   . VAL B 1 41 ? -2.758  8.809   -14.353 1.00 9.21  ? 962 VAL B C   1 
ATOM   570 O  O   . VAL B 1 41 ? -2.893  9.948   -13.874 1.00 9.88  ? 962 VAL B O   1 
ATOM   571 C  CB  . VAL B 1 41 ? -4.052  8.134   -16.433 1.00 9.03  ? 962 VAL B CB  1 
ATOM   572 C  CG1 . VAL B 1 41 ? -5.212  9.004   -15.908 1.00 9.86  ? 962 VAL B CG1 1 
ATOM   573 C  CG2 . VAL B 1 41 ? -4.022  8.194   -17.956 1.00 10.10 ? 962 VAL B CG2 1 
ATOM   574 N  N   . ALA B 1 42 ? -2.643  7.719   -13.594 1.00 9.00  ? 963 ALA B N   1 
ATOM   575 C  CA  . ALA B 1 42 ? -2.638  7.832   -12.129 1.00 9.15  ? 963 ALA B CA  1 
ATOM   576 C  C   . ALA B 1 42 ? -1.495  8.730   -11.649 1.00 9.08  ? 963 ALA B C   1 
ATOM   577 O  O   . ALA B 1 42 ? -1.687  9.594   -10.752 1.00 8.57  ? 963 ALA B O   1 
ATOM   578 C  CB  . ALA B 1 42 ? -2.544  6.465   -11.491 1.00 9.53  ? 963 ALA B CB  1 
ATOM   579 N  N   . ARG B 1 43 ? -0.311  8.537   -12.240 1.00 10.18 ? 964 ARG B N   1 
ATOM   580 C  CA  . ARG B 1 43 ? 0.828   9.388   -11.921 1.00 10.43 ? 964 ARG B CA  1 
ATOM   581 C  C   . ARG B 1 43 ? 0.524   10.869  -12.223 1.00 10.17 ? 964 ARG B C   1 
ATOM   582 O  O   . ARG B 1 43 ? 0.815   11.735  -11.399 1.00 11.29 ? 964 ARG B O   1 
ATOM   583 C  CB  . ARG B 1 43 ? 2.090   8.928   -12.653 1.00 11.07 ? 964 ARG B CB  1 
ATOM   584 C  CG  . ARG B 1 43 ? 3.312   9.707   -12.224 1.00 12.09 ? 964 ARG B CG  1 
ATOM   585 C  CD  . ARG B 1 43 ? 4.563   9.279   -12.991 1.00 11.15 ? 964 ARG B CD  1 
ATOM   586 N  NE  . ARG B 1 43 ? 4.993   7.918   -12.650 1.00 11.66 ? 964 ARG B NE  1 
ATOM   587 C  CZ  . ARG B 1 43 ? 4.793   6.833   -13.397 1.00 12.22 ? 964 ARG B CZ  1 
ATOM   588 N  NH1 . ARG B 1 43 ? 5.217   5.656   -12.957 1.00 13.29 ? 964 ARG B NH1 1 
ATOM   589 N  NH2 . ARG B 1 43 ? 4.176   6.909   -14.577 1.00 14.30 ? 964 ARG B NH2 1 
ATOM   590 N  N   . SER B 1 44 ? -0.071  11.147  -13.382 1.00 9.72  ? 965 SER B N   1 
ATOM   591 C  CA  . SER B 1 44 ? -0.422  12.528  -13.727 1.00 9.67  ? 965 SER B CA  1 
ATOM   592 C  C   . SER B 1 44 ? -1.458  13.107  -12.764 1.00 9.73  ? 965 SER B C   1 
ATOM   593 O  O   . SER B 1 44 ? -1.384  14.280  -12.382 1.00 10.77 ? 965 SER B O   1 
ATOM   594 C  CB  . SER B 1 44 ? -0.929  12.609  -15.160 1.00 10.23 ? 965 SER B CB  1 
ATOM   595 O  OG  . SER B 1 44 ? 0.101   12.230  -16.068 1.00 10.86 ? 965 SER B OG  1 
ATOM   596 N  N   . ILE B 1 45 ? -2.417  12.282  -12.345 1.00 9.66  ? 966 ILE B N   1 
ATOM   597 C  CA  . ILE B 1 45 ? -3.393  12.725  -11.363 1.00 9.66  ? 966 ILE B CA  1 
ATOM   598 C  C   . ILE B 1 45 ? -2.694  13.105  -10.052 1.00 9.84  ? 966 ILE B C   1 
ATOM   599 O  O   . ILE B 1 45 ? -2.992  14.153  -9.457  1.00 10.31 ? 966 ILE B O   1 
ATOM   600 C  CB  . ILE B 1 45 ? -4.445  11.641  -11.112 1.00 9.51  ? 966 ILE B CB  1 
ATOM   601 C  CG1 . ILE B 1 45 ? -5.349  11.527  -12.340 1.00 10.34 ? 966 ILE B CG1 1 
ATOM   602 C  CG2 . ILE B 1 45 ? -5.256  11.931  -9.848  1.00 10.37 ? 966 ILE B CG2 1 
ATOM   603 C  CD1 . ILE B 1 45 ? -6.283  10.336  -12.340 1.00 10.92 ? 966 ILE B CD1 1 
ATOM   604 N  N   . LEU B 1 46 ? -1.785  12.253  -9.596  1.00 9.92  ? 967 LEU B N   1 
ATOM   605 C  CA  . LEU B 1 46 ? -1.035  12.549  -8.367  1.00 10.71 ? 967 LEU B CA  1 
ATOM   606 C  C   . LEU B 1 46 ? -0.194  13.829  -8.479  1.00 10.68 ? 967 LEU B C   1 
ATOM   607 O  O   . LEU B 1 46 ? -0.189  14.659  -7.553  1.00 10.92 ? 967 LEU B O   1 
ATOM   608 C  CB  . LEU B 1 46 ? -0.162  11.358  -7.963  1.00 10.00 ? 967 LEU B CB  1 
ATOM   609 C  CG  . LEU B 1 46 ? -0.990  10.148  -7.512  1.00 10.86 ? 967 LEU B CG  1 
ATOM   610 C  CD1 . LEU B 1 46 ? -0.174  8.868   -7.593  1.00 12.40 ? 967 LEU B CD1 1 
ATOM   611 C  CD2 . LEU B 1 46 ? -1.575  10.363  -6.100  1.00 12.03 ? 967 LEU B CD2 1 
ATOM   612 N  N   . ARG B 1 47 ? 0.506   13.994  -9.599  1.00 11.30 ? 968 ARG B N   1 
ATOM   613 C  CA  . ARG B 1 47 ? 1.332   15.180  -9.807  1.00 11.93 ? 968 ARG B CA  1 
ATOM   614 C  C   . ARG B 1 47 ? 0.481   16.452  -9.732  1.00 11.79 ? 968 ARG B C   1 
ATOM   615 O  O   . ARG B 1 47 ? 0.863   17.441  -9.093  1.00 12.22 ? 968 ARG B O   1 
ATOM   616 C  CB  . ARG B 1 47 ? 2.047   15.100  -11.153 1.00 12.28 ? 968 ARG B CB  1 
ATOM   617 C  CG  . ARG B 1 47 ? 2.764   16.384  -11.492 1.00 16.04 ? 968 ARG B CG  1 
ATOM   618 C  CD  . ARG B 1 47 ? 4.035   16.143  -12.270 1.00 22.07 ? 968 ARG B CD  1 
ATOM   619 N  NE  . ARG B 1 47 ? 4.736   17.404  -12.518 1.00 26.20 ? 968 ARG B NE  1 
ATOM   620 C  CZ  . ARG B 1 47 ? 5.374   18.123  -11.590 1.00 28.55 ? 968 ARG B CZ  1 
ATOM   621 N  NH1 . ARG B 1 47 ? 5.973   19.257  -11.931 1.00 29.24 ? 968 ARG B NH1 1 
ATOM   622 N  NH2 . ARG B 1 47 ? 5.416   17.723  -10.323 1.00 29.36 ? 968 ARG B NH2 1 
ATOM   623 N  N   . GLU B 1 48 ? -0.693  16.409  -10.361 1.00 11.71 ? 969 GLU B N   1 
ATOM   624 C  CA  . GLU B 1 48 ? -1.549  17.587  -10.445 1.00 12.26 ? 969 GLU B CA  1 
ATOM   625 C  C   . GLU B 1 48 ? -2.304  17.872  -9.153  1.00 11.99 ? 969 GLU B C   1 
ATOM   626 O  O   . GLU B 1 48 ? -2.458  19.046  -8.743  1.00 13.14 ? 969 GLU B O   1 
ATOM   627 C  CB  . GLU B 1 48 ? -2.559  17.435  -11.590 1.00 12.13 ? 969 GLU B CB  1 
ATOM   628 C  CG  . GLU B 1 48 ? -3.491  18.652  -11.747 1.00 15.51 ? 969 GLU B CG  1 
ATOM   629 C  CD  . GLU B 1 48 ? -2.788  19.926  -12.179 1.00 19.04 ? 969 GLU B CD  1 
ATOM   630 O  OE1 . GLU B 1 48 ? -1.889  19.855  -13.054 1.00 18.82 ? 969 GLU B OE1 1 
ATOM   631 O  OE2 . GLU B 1 48 ? -3.158  21.009  -11.655 1.00 20.59 ? 969 GLU B OE2 1 
ATOM   632 N  N   . PHE B 1 49 ? -2.785  16.806  -8.524  1.00 11.71 ? 970 PHE B N   1 
ATOM   633 C  CA  . PHE B 1 49 ? -3.801  16.957  -7.474  1.00 11.82 ? 970 PHE B CA  1 
ATOM   634 C  C   . PHE B 1 49 ? -3.462  16.487  -6.065  1.00 12.26 ? 970 PHE B C   1 
ATOM   635 O  O   . PHE B 1 49 ? -4.227  16.780  -5.121  1.00 13.03 ? 970 PHE B O   1 
ATOM   636 C  CB  . PHE B 1 49 ? -5.092  16.268  -7.885  1.00 11.64 ? 970 PHE B CB  1 
ATOM   637 C  CG  . PHE B 1 49 ? -5.664  16.764  -9.173  1.00 11.84 ? 970 PHE B CG  1 
ATOM   638 C  CD1 . PHE B 1 49 ? -5.719  15.918  -10.289 1.00 11.75 ? 970 PHE B CD1 1 
ATOM   639 C  CD2 . PHE B 1 49 ? -6.159  18.065  -9.278  1.00 12.20 ? 970 PHE B CD2 1 
ATOM   640 C  CE1 . PHE B 1 49 ? -6.278  16.353  -11.503 1.00 10.53 ? 970 PHE B CE1 1 
ATOM   641 C  CE2 . PHE B 1 49 ? -6.703  18.513  -10.482 1.00 11.21 ? 970 PHE B CE2 1 
ATOM   642 C  CZ  . PHE B 1 49 ? -6.773  17.660  -11.598 1.00 9.98  ? 970 PHE B CZ  1 
ATOM   643 N  N   . ALA B 1 50 ? -2.397  15.709  -5.898  1.00 11.90 ? 971 ALA B N   1 
ATOM   644 C  CA  . ALA B 1 50 ? -2.053  15.300  -4.537  1.00 11.95 ? 971 ALA B CA  1 
ATOM   645 C  C   . ALA B 1 50 ? -1.833  16.550  -3.697  1.00 11.76 ? 971 ALA B C   1 
ATOM   646 O  O   . ALA B 1 50 ? -1.376  17.585  -4.199  1.00 12.24 ? 971 ALA B O   1 
ATOM   647 C  CB  . ALA B 1 50 ? -0.800  14.422  -4.511  1.00 12.47 ? 971 ALA B CB  1 
ATOM   648 N  N   . PHE B 1 51 ? -2.177  16.448  -2.419  1.00 11.36 ? 972 PHE B N   1 
ATOM   649 C  CA  . PHE B 1 51 ? -2.038  17.579  -1.495  1.00 11.57 ? 972 PHE B CA  1 
ATOM   650 C  C   . PHE B 1 51 ? -1.422  17.105  -0.176  1.00 12.43 ? 972 PHE B C   1 
ATOM   651 O  O   . PHE B 1 51 ? -1.953  16.189  0.443   1.00 12.86 ? 972 PHE B O   1 
ATOM   652 C  CB  . PHE B 1 51 ? -3.397  18.231  -1.221  1.00 11.54 ? 972 PHE B CB  1 
ATOM   653 C  CG  . PHE B 1 51 ? -3.326  19.352  -0.215  1.00 10.07 ? 972 PHE B CG  1 
ATOM   654 C  CD1 . PHE B 1 51 ? -3.781  19.153  1.100   1.00 10.36 ? 972 PHE B CD1 1 
ATOM   655 C  CD2 . PHE B 1 51 ? -2.734  20.579  -0.552  1.00 9.28  ? 972 PHE B CD2 1 
ATOM   656 C  CE1 . PHE B 1 51 ? -3.687  20.170  2.045   1.00 11.02 ? 972 PHE B CE1 1 
ATOM   657 C  CE2 . PHE B 1 51 ? -2.643  21.615  0.403   1.00 9.66  ? 972 PHE B CE2 1 
ATOM   658 C  CZ  . PHE B 1 51 ? -3.132  21.394  1.702   1.00 9.98  ? 972 PHE B CZ  1 
ATOM   659 N  N   . PRO B 1 52 ? -0.313  17.731  0.264   1.00 13.18 ? 973 PRO B N   1 
ATOM   660 C  CA  . PRO B 1 52 ? 0.422   18.805  -0.406  1.00 14.72 ? 973 PRO B CA  1 
ATOM   661 C  C   . PRO B 1 52 ? 1.162   18.308  -1.643  1.00 15.30 ? 973 PRO B C   1 
ATOM   662 O  O   . PRO B 1 52 ? 1.214   17.100  -1.917  1.00 15.44 ? 973 PRO B O   1 
ATOM   663 C  CB  . PRO B 1 52 ? 1.421   19.279  0.655   1.00 14.64 ? 973 PRO B CB  1 
ATOM   664 C  CG  . PRO B 1 52 ? 1.576   18.144  1.592   1.00 14.83 ? 973 PRO B CG  1 
ATOM   665 C  CD  . PRO B 1 52 ? 0.283   17.385  1.573   1.00 12.47 ? 973 PRO B CD  1 
ATOM   666 O  OXT . PRO B 1 52 ? 1.701   19.136  -2.396  1.00 17.32 ? 973 PRO B OXT 1 
HETATM 667 O  O   . HOH C 2 .  ? -0.239  -5.516  22.690  1.00 13.62 ? 1   HOH A O   1 
HETATM 668 O  O   . HOH C 2 .  ? 2.189   -0.324  15.194  1.00 17.18 ? 4   HOH A O   1 
HETATM 669 O  O   . HOH C 2 .  ? -7.129  -5.472  1.249   1.00 23.99 ? 6   HOH A O   1 
HETATM 670 O  O   . HOH C 2 .  ? -2.056  1.539   15.040  1.00 29.92 ? 7   HOH A O   1 
HETATM 671 O  O   . HOH C 2 .  ? 0.833   -16.000 2.813   1.00 28.82 ? 8   HOH A O   1 
HETATM 672 O  O   . HOH C 2 .  ? 11.001  -14.436 11.297  1.00 22.67 ? 9   HOH A O   1 
HETATM 673 O  O   . HOH C 2 .  ? 0.789   2.103   14.466  1.00 23.02 ? 11  HOH A O   1 
HETATM 674 O  O   . HOH C 2 .  ? 9.124   -1.368  8.255   1.00 24.61 ? 13  HOH A O   1 
HETATM 675 O  O   . HOH C 2 .  ? 2.229   -16.855 -0.625  1.00 30.03 ? 15  HOH A O   1 
HETATM 676 O  O   . HOH C 2 .  ? -5.157  -13.346 11.214  1.00 27.78 ? 18  HOH A O   1 
HETATM 677 O  O   . HOH C 2 .  ? 8.214   -6.782  4.159   1.00 26.61 ? 20  HOH A O   1 
HETATM 678 O  O   . HOH C 2 .  ? 5.625   -18.068 8.089   1.00 26.69 ? 22  HOH A O   1 
HETATM 679 O  O   . HOH C 2 .  ? 3.783   -3.219  20.458  1.00 27.15 ? 23  HOH A O   1 
HETATM 680 O  O   . HOH C 2 .  ? -6.089  -4.806  14.120  1.00 28.91 ? 27  HOH A O   1 
HETATM 681 O  O   . HOH C 2 .  ? 9.208   -9.219  3.617   1.00 30.21 ? 28  HOH A O   1 
HETATM 682 O  O   . HOH C 2 .  ? -5.154  -14.107 4.016   1.00 34.42 ? 32  HOH A O   1 
HETATM 683 O  O   . HOH C 2 .  ? -3.655  1.715   5.304   1.00 25.37 ? 34  HOH A O   1 
HETATM 684 O  O   . HOH C 2 .  ? -2.300  -12.782 23.939  1.00 38.68 ? 36  HOH A O   1 
HETATM 685 O  O   . HOH C 2 .  ? -5.894  -14.151 8.791   1.00 35.01 ? 37  HOH A O   1 
HETATM 686 O  O   . HOH C 2 .  ? 11.391  -10.831 4.336   1.00 35.22 ? 42  HOH A O   1 
HETATM 687 O  O   . HOH C 2 .  ? -4.022  -3.846  15.315  1.00 26.59 ? 43  HOH A O   1 
HETATM 688 O  O   . HOH C 2 .  ? -7.976  -6.464  13.126  1.00 57.60 ? 49  HOH A O   1 
HETATM 689 O  O   . HOH C 2 .  ? -5.138  -2.695  -1.302  1.00 32.90 ? 52  HOH A O   1 
HETATM 690 O  O   . HOH C 2 .  ? 4.417   3.748   8.268   1.00 33.91 ? 53  HOH A O   1 
HETATM 691 O  O   . HOH C 2 .  ? -1.497  -16.611 4.635   1.00 32.08 ? 56  HOH A O   1 
HETATM 692 O  O   . HOH C 2 .  ? 2.482   -5.156  22.463  1.00 28.78 ? 58  HOH A O   1 
HETATM 693 O  O   . HOH C 2 .  ? 3.586   1.907   10.482  1.00 26.18 ? 59  HOH A O   1 
HETATM 694 O  O   . HOH C 2 .  ? -2.645  -4.068  18.999  1.00 27.13 ? 61  HOH A O   1 
HETATM 695 O  O   . HOH C 2 .  ? -3.752  0.850   22.019  1.00 38.94 ? 65  HOH A O   1 
HETATM 696 O  O   . HOH C 2 .  ? -2.628  0.216   12.766  1.00 32.29 ? 66  HOH A O   1 
HETATM 697 O  O   . HOH C 2 .  ? 5.162   -13.039 -1.491  1.00 37.33 ? 69  HOH A O   1 
HETATM 698 O  O   . HOH C 2 .  ? 6.392   -8.213  -4.895  1.00 35.11 ? 71  HOH A O   1 
HETATM 699 O  O   . HOH C 2 .  ? 5.150   -5.955  -7.627  1.00 44.90 ? 72  HOH A O   1 
HETATM 700 O  O   . HOH C 2 .  ? 5.912   -1.665  -1.871  1.00 28.87 ? 73  HOH A O   1 
HETATM 701 O  O   . HOH C 2 .  ? -3.676  2.006   11.063  1.00 33.70 ? 74  HOH A O   1 
HETATM 702 O  O   . HOH C 2 .  ? -9.804  -4.865  2.778   1.00 32.06 ? 75  HOH A O   1 
HETATM 703 O  O   . HOH C 2 .  ? 1.670   -2.926  -3.382  1.00 23.52 ? 77  HOH A O   1 
HETATM 704 O  O   . HOH C 2 .  ? 11.247  -12.629 6.321   1.00 36.32 ? 79  HOH A O   1 
HETATM 705 O  O   . HOH C 2 .  ? 1.280   4.176   6.028   1.00 41.80 ? 82  HOH A O   1 
HETATM 706 O  O   . HOH C 2 .  ? 3.280   -1.174  -1.822  1.00 23.34 ? 83  HOH A O   1 
HETATM 707 O  O   . HOH C 2 .  ? -3.884  -1.154  15.194  1.00 33.60 ? 87  HOH A O   1 
HETATM 708 O  O   . HOH C 2 .  ? 8.089   -2.055  -0.292  1.00 38.34 ? 92  HOH A O   1 
HETATM 709 O  O   . HOH C 2 .  ? 13.146  -15.348 9.907   1.00 42.50 ? 96  HOH A O   1 
HETATM 710 O  O   . HOH C 2 .  ? 3.808   -8.930  -5.375  1.00 38.99 ? 99  HOH A O   1 
HETATM 711 O  O   . HOH C 2 .  ? -3.730  -16.007 2.892   1.00 41.56 ? 101 HOH A O   1 
HETATM 712 O  O   . HOH C 2 .  ? -5.905  3.256   8.199   1.00 45.02 ? 104 HOH A O   1 
HETATM 713 O  O   . HOH C 2 .  ? 9.541   -5.118  2.559   1.00 39.70 ? 109 HOH A O   1 
HETATM 714 O  O   . HOH C 2 .  ? -3.206  3.385   8.937   1.00 44.83 ? 111 HOH A O   1 
HETATM 715 O  O   . HOH C 2 .  ? 8.465   -3.007  -5.605  1.00 46.97 ? 112 HOH A O   1 
HETATM 716 O  O   . HOH C 2 .  ? 13.147  -10.462 12.848  1.00 47.83 ? 118 HOH A O   1 
HETATM 717 O  O   . HOH C 2 .  ? -4.480  -10.517 18.851  1.00 39.17 ? 120 HOH A O   1 
HETATM 718 O  O   . HOH C 2 .  ? -3.353  -11.986 16.960  1.00 31.18 ? 125 HOH A O   1 
HETATM 719 O  O   . HOH C 2 .  ? -10.254 -1.154  5.281   1.00 36.58 ? 126 HOH A O   1 
HETATM 720 O  O   . HOH C 2 .  ? 7.334   -11.091 -3.718  1.00 63.44 ? 130 HOH A O   1 
HETATM 721 O  O   . HOH D 2 .  ? -1.144  13.566  0.533   1.00 16.53 ? 2   HOH B O   1 
HETATM 722 O  O   . HOH D 2 .  ? -3.042  13.816  -1.795  1.00 17.53 ? 3   HOH B O   1 
HETATM 723 O  O   . HOH D 2 .  ? -7.814  5.310   -1.235  1.00 23.68 ? 5   HOH B O   1 
HETATM 724 O  O   . HOH D 2 .  ? -1.325  11.593  -18.317 1.00 24.37 ? 10  HOH B O   1 
HETATM 725 O  O   . HOH D 2 .  ? 1.149   14.740  -0.323  1.00 29.21 ? 12  HOH B O   1 
HETATM 726 O  O   . HOH D 2 .  ? -0.938  1.204   -17.005 1.00 27.62 ? 14  HOH B O   1 
HETATM 727 O  O   . HOH D 2 .  ? 8.464   6.308   -13.346 1.00 25.22 ? 16  HOH B O   1 
HETATM 728 O  O   . HOH D 2 .  ? 6.078   10.446  -9.693  1.00 28.69 ? 17  HOH B O   1 
HETATM 729 O  O   . HOH D 2 .  ? -6.687  1.119   -6.879  1.00 27.85 ? 19  HOH B O   1 
HETATM 730 O  O   . HOH D 2 .  ? 8.846   3.035   -7.781  1.00 26.05 ? 21  HOH B O   1 
HETATM 731 O  O   . HOH D 2 .  ? -7.524  4.810   -18.317 1.00 32.50 ? 24  HOH B O   1 
HETATM 732 O  O   . HOH D 2 .  ? -2.618  9.240   0.807   1.00 23.12 ? 25  HOH B O   1 
HETATM 733 O  O   . HOH D 2 .  ? 0.251   20.040  -7.830  1.00 30.22 ? 26  HOH B O   1 
HETATM 734 O  O   . HOH D 2 .  ? 2.237   12.954  -2.081  1.00 28.33 ? 29  HOH B O   1 
HETATM 735 O  O   . HOH D 2 .  ? 6.000   -2.347  -9.174  1.00 33.98 ? 30  HOH B O   1 
HETATM 736 O  O   . HOH D 2 .  ? 5.417   5.935   0.041   1.00 29.22 ? 31  HOH B O   1 
HETATM 737 O  O   . HOH D 2 .  ? 0.149   18.089  -6.387  1.00 27.27 ? 33  HOH B O   1 
HETATM 738 O  O   . HOH D 2 .  ? 1.318   5.034   2.837   1.00 23.08 ? 35  HOH B O   1 
HETATM 739 O  O   . HOH D 2 .  ? -11.502 2.077   -11.749 1.00 31.05 ? 38  HOH B O   1 
HETATM 740 O  O   . HOH D 2 .  ? -2.087  6.337   2.897   1.00 29.39 ? 39  HOH B O   1 
HETATM 741 O  O   . HOH D 2 .  ? 0.913   -0.669  -17.120 1.00 37.90 ? 40  HOH B O   1 
HETATM 742 O  O   . HOH D 2 .  ? 2.704   15.449  -3.788  1.00 28.37 ? 41  HOH B O   1 
HETATM 743 O  O   . HOH D 2 .  ? 3.239   15.051  1.446   1.00 40.71 ? 44  HOH B O   1 
HETATM 744 O  O   . HOH D 2 .  ? -8.089  0.366   -8.963  1.00 30.15 ? 45  HOH B O   1 
HETATM 745 O  O   . HOH D 2 .  ? -7.175  1.184   3.555   1.00 28.55 ? 46  HOH B O   1 
HETATM 746 O  O   . HOH D 2 .  ? 2.269   15.583  -6.571  1.00 28.55 ? 47  HOH B O   1 
HETATM 747 O  O   . HOH D 2 .  ? -3.497  -7.557  -2.870  1.00 30.11 ? 48  HOH B O   1 
HETATM 748 O  O   . HOH D 2 .  ? -5.092  22.013  -9.575  1.00 29.75 ? 51  HOH B O   1 
HETATM 749 O  O   . HOH D 2 .  ? 7.129   11.395  -7.231  1.00 36.03 ? 54  HOH B O   1 
HETATM 750 O  O   . HOH D 2 .  ? 10.593  10.739  -4.887  1.00 37.04 ? 55  HOH B O   1 
HETATM 751 O  O   . HOH D 2 .  ? 2.364   18.666  -4.982  1.00 33.78 ? 57  HOH B O   1 
HETATM 752 O  O   . HOH D 2 .  ? 2.744   10.423  -15.790 1.00 34.99 ? 60  HOH B O   1 
HETATM 753 O  O   . HOH D 2 .  ? 0.680   11.722  1.094   1.00 40.99 ? 62  HOH B O   1 
HETATM 754 O  O   . HOH D 2 .  ? 3.429   17.885  -7.950  1.00 36.16 ? 64  HOH B O   1 
HETATM 755 O  O   . HOH D 2 .  ? 0.411   -5.597  -12.923 1.00 33.54 ? 67  HOH B O   1 
HETATM 756 O  O   . HOH D 2 .  ? 4.620   4.407   -16.057 1.00 37.06 ? 68  HOH B O   1 
HETATM 757 O  O   . HOH D 2 .  ? 6.692   0.599   -3.144  1.00 32.51 ? 70  HOH B O   1 
HETATM 758 O  O   . HOH D 2 .  ? -2.548  -7.023  -8.518  1.00 38.18 ? 76  HOH B O   1 
HETATM 759 O  O   . HOH D 2 .  ? -3.112  0.120   -18.229 1.00 40.30 ? 78  HOH B O   1 
HETATM 760 O  O   . HOH D 2 .  ? -8.230  -2.391  -15.093 1.00 39.27 ? 80  HOH B O   1 
HETATM 761 O  O   . HOH D 2 .  ? -1.049  -2.638  -17.601 1.00 36.39 ? 81  HOH B O   1 
HETATM 762 O  O   . HOH D 2 .  ? -2.754  20.040  -4.631  1.00 29.15 ? 84  HOH B O   1 
HETATM 763 O  O   . HOH D 2 .  ? -4.214  -6.877  -14.254 1.00 32.70 ? 85  HOH B O   1 
HETATM 764 O  O   . HOH D 2 .  ? -5.583  -7.888  -10.583 1.00 42.80 ? 86  HOH B O   1 
HETATM 765 O  O   . HOH D 2 .  ? 9.725   1.014   -6.354  1.00 33.05 ? 88  HOH B O   1 
HETATM 766 O  O   . HOH D 2 .  ? 7.946   2.179   -1.331  1.00 40.98 ? 89  HOH B O   1 
HETATM 767 O  O   . HOH D 2 .  ? -5.856  -6.240  -2.028  1.00 38.23 ? 90  HOH B O   1 
HETATM 768 O  O   . HOH D 2 .  ? -4.007  -2.128  -17.160 1.00 38.14 ? 91  HOH B O   1 
HETATM 769 O  O   . HOH D 2 .  ? -0.956  10.996  3.383   1.00 46.17 ? 93  HOH B O   1 
HETATM 770 O  O   . HOH D 2 .  ? 6.157   12.256  -4.792  1.00 37.75 ? 94  HOH B O   1 
HETATM 771 O  O   . HOH D 2 .  ? 5.512   5.309   -18.972 1.00 50.43 ? 95  HOH B O   1 
HETATM 772 O  O   . HOH D 2 .  ? 9.361   6.343   -1.963  1.00 39.90 ? 97  HOH B O   1 
HETATM 773 O  O   . HOH D 2 .  ? -1.245  -8.803  -14.350 1.00 36.71 ? 98  HOH B O   1 
HETATM 774 O  O   . HOH D 2 .  ? -3.565  -9.047  -11.895 1.00 43.78 ? 100 HOH B O   1 
HETATM 775 O  O   . HOH D 2 .  ? -10.006 4.256   -2.708  1.00 37.95 ? 103 HOH B O   1 
HETATM 776 O  O   . HOH D 2 .  ? -5.125  3.922   5.343   1.00 39.29 ? 108 HOH B O   1 
HETATM 777 O  O   . HOH D 2 .  ? -10.452 0.024   -9.984  1.00 39.99 ? 110 HOH B O   1 
HETATM 778 O  O   . HOH D 2 .  ? 0.616   18.573  -12.811 1.00 39.34 ? 113 HOH B O   1 
HETATM 779 O  O   . HOH D 2 .  ? -6.469  -1.190  -16.806 1.00 50.61 ? 116 HOH B O   1 
HETATM 780 O  O   . HOH D 2 .  ? 9.387   4.536   -10.540 1.00 29.55 ? 117 HOH B O   1 
HETATM 781 O  O   . HOH D 2 .  ? -0.690  4.683   -20.847 1.00 37.43 ? 119 HOH B O   1 
HETATM 782 O  O   . HOH D 2 .  ? -4.966  -4.265  -14.807 1.00 44.27 ? 121 HOH B O   1 
HETATM 783 O  O   . HOH D 2 .  ? 0.321   3.528   -18.266 1.00 38.33 ? 124 HOH B O   1 
HETATM 784 O  O   . HOH D 2 .  ? -12.830 1.574   -3.971  1.00 38.77 ? 127 HOH B O   1 
HETATM 785 O  O   . HOH D 2 .  ? -8.840  1.021   5.549   1.00 40.75 ? 128 HOH B O   1 
HETATM 786 O  O   . HOH D 2 .  ? -6.977  -6.961  -12.581 1.00 39.64 ? 129 HOH B O   1 
HETATM 787 O  O   . HOH D 2 .  ? 3.700   12.642  -14.635 1.00 42.78 ? 131 HOH B O   1 
HETATM 788 O  O   . HOH D 2 .  ? 8.860   -0.885  -15.620 1.00 40.93 ? 132 HOH B O   1 
HETATM 789 O  O   . HOH D 2 .  ? -0.743  14.755  -18.699 1.00 42.36 ? 133 HOH B O   1 
HETATM 790 O  O   . HOH D 2 .  ? 7.323   0.307   -17.451 1.00 42.83 ? 134 HOH B O   1 
HETATM 791 O  O   . HOH D 2 .  ? 1.982   -3.976  -15.564 1.00 39.16 ? 135 HOH B O   1 
HETATM 792 O  O   . HOH D 2 .  ? 3.247   -1.862  -14.739 1.00 61.45 ? 136 HOH B O   1 
HETATM 793 O  O   . HOH D 2 .  ? -5.020  -6.485  -6.466  1.00 44.06 ? 138 HOH B O   1 
HETATM 794 O  O   . HOH D 2 .  ? 3.820   -1.807  -12.182 1.00 44.02 ? 140 HOH B O   1 
HETATM 795 O  O   . HOH D 2 .  ? -0.114  16.101  -14.001 1.00 28.72 ? 142 HOH B O   1 
HETATM 796 O  O   . HOH D 2 .  ? 4.048   5.895   2.672   1.00 35.75 ? 143 HOH B O   1 
# 
